data_1WJ9
# 
_entry.id   1WJ9 
# 
_audit_conform.dict_name       mmcif_pdbx.dic 
_audit_conform.dict_version    5.388 
_audit_conform.dict_location   http://mmcif.pdb.org/dictionaries/ascii/mmcif_pdbx.dic 
# 
loop_
_database_2.database_id 
_database_2.database_code 
_database_2.pdbx_database_accession 
_database_2.pdbx_DOI 
PDB   1WJ9         pdb_00001wj9 10.2210/pdb1wj9/pdb 
RCSB  RCSB023639   ?            ?                   
WWPDB D_1000023639 ?            ?                   
# 
loop_
_pdbx_audit_revision_history.ordinal 
_pdbx_audit_revision_history.data_content_type 
_pdbx_audit_revision_history.major_revision 
_pdbx_audit_revision_history.minor_revision 
_pdbx_audit_revision_history.revision_date 
1 'Structure model' 1 0 2004-11-29 
2 'Structure model' 1 1 2008-04-30 
3 'Structure model' 1 2 2011-07-13 
4 'Structure model' 1 3 2024-03-13 
# 
_pdbx_audit_revision_details.ordinal             1 
_pdbx_audit_revision_details.revision_ordinal    1 
_pdbx_audit_revision_details.data_content_type   'Structure model' 
_pdbx_audit_revision_details.provider            repository 
_pdbx_audit_revision_details.type                'Initial release' 
_pdbx_audit_revision_details.description         ? 
_pdbx_audit_revision_details.details             ? 
# 
loop_
_pdbx_audit_revision_group.ordinal 
_pdbx_audit_revision_group.revision_ordinal 
_pdbx_audit_revision_group.data_content_type 
_pdbx_audit_revision_group.group 
1 2 'Structure model' 'Version format compliance' 
2 3 'Structure model' 'Version format compliance' 
3 4 'Structure model' 'Data collection'           
4 4 'Structure model' 'Database references'       
# 
loop_
_pdbx_audit_revision_category.ordinal 
_pdbx_audit_revision_category.revision_ordinal 
_pdbx_audit_revision_category.data_content_type 
_pdbx_audit_revision_category.category 
1 4 'Structure model' chem_comp_atom 
2 4 'Structure model' chem_comp_bond 
3 4 'Structure model' database_2     
# 
loop_
_pdbx_audit_revision_item.ordinal 
_pdbx_audit_revision_item.revision_ordinal 
_pdbx_audit_revision_item.data_content_type 
_pdbx_audit_revision_item.item 
1 4 'Structure model' '_database_2.pdbx_DOI'                
2 4 'Structure model' '_database_2.pdbx_database_accession' 
# 
_pdbx_database_status.status_code                     REL 
_pdbx_database_status.entry_id                        1WJ9 
_pdbx_database_status.recvd_initial_deposition_date   2004-05-29 
_pdbx_database_status.deposit_site                    PDBJ 
_pdbx_database_status.process_site                    PDBJ 
_pdbx_database_status.status_code_sf                  REL 
_pdbx_database_status.status_code_mr                  ? 
_pdbx_database_status.SG_entry                        Y 
_pdbx_database_status.pdb_format_compatible           Y 
_pdbx_database_status.status_code_cs                  ? 
_pdbx_database_status.status_code_nmr_data            ? 
_pdbx_database_status.methods_development_category    ? 
# 
_pdbx_database_related.db_name        TargetDB 
_pdbx_database_related.db_id          ttk003001711.1 
_pdbx_database_related.details        . 
_pdbx_database_related.content_type   unspecified 
# 
loop_
_audit_author.name 
_audit_author.pdbx_ordinal 
'Ebihara, A.'                                            1 
'Yao, M.'                                                2 
'Yokoyama, S.'                                           3 
'Kuramitsu, S.'                                          4 
'RIKEN Structural Genomics/Proteomics Initiative (RSGI)' 5 
# 
_citation.id                        primary 
_citation.title                     
;Crystal structure of hypothetical protein TTHB192 from Thermus thermophilus HB8 reveals a new protein family with an RNA recognition motif-like domain
;
_citation.journal_abbrev            'Protein Sci.' 
_citation.journal_volume            15 
_citation.page_first                1494 
_citation.page_last                 1499 
_citation.year                      2006 
_citation.journal_id_ASTM           PRCIEI 
_citation.country                   US 
_citation.journal_id_ISSN           0961-8368 
_citation.journal_id_CSD            0795 
_citation.book_publisher            ? 
_citation.pdbx_database_id_PubMed   16672237 
_citation.pdbx_database_id_DOI      10.1110/ps.062131106 
# 
loop_
_citation_author.citation_id 
_citation_author.name 
_citation_author.ordinal 
_citation_author.identifier_ORCID 
primary 'Ebihara, A.'   1 ? 
primary 'Yao, M.'       2 ? 
primary 'Masui, R.'     3 ? 
primary 'Tanaka, I.'    4 ? 
primary 'Yokoyama, S.'  5 ? 
primary 'Kuramitsu, S.' 6 ? 
# 
loop_
_entity.id 
_entity.type 
_entity.src_method 
_entity.pdbx_description 
_entity.formula_weight 
_entity.pdbx_number_of_molecules 
_entity.pdbx_ec 
_entity.pdbx_mutation 
_entity.pdbx_fragment 
_entity.details 
1 polymer man 'CRISPR-associated protein' 23763.688 1   ? ? ? ? 
2 water   nat water                       18.015    100 ? ? ? ? 
# 
_entity_poly.entity_id                      1 
_entity_poly.type                           'polypeptide(L)' 
_entity_poly.nstd_linkage                   no 
_entity_poly.nstd_monomer                   no 
_entity_poly.pdbx_seq_one_letter_code       
;MWLTKLVLNPASRAARRDLANPYEMHRTLSKAVSRALEEGRERLLWRLEPARGLEPPVVLVQTLTEPDWSVLDEGYAQVF
PPKPFHPALKPGQRLRFRLRANPAKRLAATGKRVALKTPAEKVAWLERRLEEGGFRLLEGERGPWVQILQDTFLEVRRKK
DGEEAGKLLQVQAVLFEGRLEVVDPERALATLRRGVGPGKALGLGLLSVAP
;
_entity_poly.pdbx_seq_one_letter_code_can   
;MWLTKLVLNPASRAARRDLANPYEMHRTLSKAVSRALEEGRERLLWRLEPARGLEPPVVLVQTLTEPDWSVLDEGYAQVF
PPKPFHPALKPGQRLRFRLRANPAKRLAATGKRVALKTPAEKVAWLERRLEEGGFRLLEGERGPWVQILQDTFLEVRRKK
DGEEAGKLLQVQAVLFEGRLEVVDPERALATLRRGVGPGKALGLGLLSVAP
;
_entity_poly.pdbx_strand_id                 A 
_entity_poly.pdbx_target_identifier         ttk003001711.1 
# 
_pdbx_entity_nonpoly.entity_id   2 
_pdbx_entity_nonpoly.name        water 
_pdbx_entity_nonpoly.comp_id     HOH 
# 
loop_
_entity_poly_seq.entity_id 
_entity_poly_seq.num 
_entity_poly_seq.mon_id 
_entity_poly_seq.hetero 
1 1   MET n 
1 2   TRP n 
1 3   LEU n 
1 4   THR n 
1 5   LYS n 
1 6   LEU n 
1 7   VAL n 
1 8   LEU n 
1 9   ASN n 
1 10  PRO n 
1 11  ALA n 
1 12  SER n 
1 13  ARG n 
1 14  ALA n 
1 15  ALA n 
1 16  ARG n 
1 17  ARG n 
1 18  ASP n 
1 19  LEU n 
1 20  ALA n 
1 21  ASN n 
1 22  PRO n 
1 23  TYR n 
1 24  GLU n 
1 25  MET n 
1 26  HIS n 
1 27  ARG n 
1 28  THR n 
1 29  LEU n 
1 30  SER n 
1 31  LYS n 
1 32  ALA n 
1 33  VAL n 
1 34  SER n 
1 35  ARG n 
1 36  ALA n 
1 37  LEU n 
1 38  GLU n 
1 39  GLU n 
1 40  GLY n 
1 41  ARG n 
1 42  GLU n 
1 43  ARG n 
1 44  LEU n 
1 45  LEU n 
1 46  TRP n 
1 47  ARG n 
1 48  LEU n 
1 49  GLU n 
1 50  PRO n 
1 51  ALA n 
1 52  ARG n 
1 53  GLY n 
1 54  LEU n 
1 55  GLU n 
1 56  PRO n 
1 57  PRO n 
1 58  VAL n 
1 59  VAL n 
1 60  LEU n 
1 61  VAL n 
1 62  GLN n 
1 63  THR n 
1 64  LEU n 
1 65  THR n 
1 66  GLU n 
1 67  PRO n 
1 68  ASP n 
1 69  TRP n 
1 70  SER n 
1 71  VAL n 
1 72  LEU n 
1 73  ASP n 
1 74  GLU n 
1 75  GLY n 
1 76  TYR n 
1 77  ALA n 
1 78  GLN n 
1 79  VAL n 
1 80  PHE n 
1 81  PRO n 
1 82  PRO n 
1 83  LYS n 
1 84  PRO n 
1 85  PHE n 
1 86  HIS n 
1 87  PRO n 
1 88  ALA n 
1 89  LEU n 
1 90  LYS n 
1 91  PRO n 
1 92  GLY n 
1 93  GLN n 
1 94  ARG n 
1 95  LEU n 
1 96  ARG n 
1 97  PHE n 
1 98  ARG n 
1 99  LEU n 
1 100 ARG n 
1 101 ALA n 
1 102 ASN n 
1 103 PRO n 
1 104 ALA n 
1 105 LYS n 
1 106 ARG n 
1 107 LEU n 
1 108 ALA n 
1 109 ALA n 
1 110 THR n 
1 111 GLY n 
1 112 LYS n 
1 113 ARG n 
1 114 VAL n 
1 115 ALA n 
1 116 LEU n 
1 117 LYS n 
1 118 THR n 
1 119 PRO n 
1 120 ALA n 
1 121 GLU n 
1 122 LYS n 
1 123 VAL n 
1 124 ALA n 
1 125 TRP n 
1 126 LEU n 
1 127 GLU n 
1 128 ARG n 
1 129 ARG n 
1 130 LEU n 
1 131 GLU n 
1 132 GLU n 
1 133 GLY n 
1 134 GLY n 
1 135 PHE n 
1 136 ARG n 
1 137 LEU n 
1 138 LEU n 
1 139 GLU n 
1 140 GLY n 
1 141 GLU n 
1 142 ARG n 
1 143 GLY n 
1 144 PRO n 
1 145 TRP n 
1 146 VAL n 
1 147 GLN n 
1 148 ILE n 
1 149 LEU n 
1 150 GLN n 
1 151 ASP n 
1 152 THR n 
1 153 PHE n 
1 154 LEU n 
1 155 GLU n 
1 156 VAL n 
1 157 ARG n 
1 158 ARG n 
1 159 LYS n 
1 160 LYS n 
1 161 ASP n 
1 162 GLY n 
1 163 GLU n 
1 164 GLU n 
1 165 ALA n 
1 166 GLY n 
1 167 LYS n 
1 168 LEU n 
1 169 LEU n 
1 170 GLN n 
1 171 VAL n 
1 172 GLN n 
1 173 ALA n 
1 174 VAL n 
1 175 LEU n 
1 176 PHE n 
1 177 GLU n 
1 178 GLY n 
1 179 ARG n 
1 180 LEU n 
1 181 GLU n 
1 182 VAL n 
1 183 VAL n 
1 184 ASP n 
1 185 PRO n 
1 186 GLU n 
1 187 ARG n 
1 188 ALA n 
1 189 LEU n 
1 190 ALA n 
1 191 THR n 
1 192 LEU n 
1 193 ARG n 
1 194 ARG n 
1 195 GLY n 
1 196 VAL n 
1 197 GLY n 
1 198 PRO n 
1 199 GLY n 
1 200 LYS n 
1 201 ALA n 
1 202 LEU n 
1 203 GLY n 
1 204 LEU n 
1 205 GLY n 
1 206 LEU n 
1 207 LEU n 
1 208 SER n 
1 209 VAL n 
1 210 ALA n 
1 211 PRO n 
# 
_entity_src_gen.entity_id                          1 
_entity_src_gen.pdbx_src_id                        1 
_entity_src_gen.pdbx_alt_source_flag               sample 
_entity_src_gen.pdbx_seq_type                      ? 
_entity_src_gen.pdbx_beg_seq_num                   ? 
_entity_src_gen.pdbx_end_seq_num                   ? 
_entity_src_gen.gene_src_common_name               ? 
_entity_src_gen.gene_src_genus                     Thermus 
_entity_src_gen.pdbx_gene_src_gene                 ? 
_entity_src_gen.gene_src_species                   ? 
_entity_src_gen.gene_src_strain                    ? 
_entity_src_gen.gene_src_tissue                    ? 
_entity_src_gen.gene_src_tissue_fraction           ? 
_entity_src_gen.gene_src_details                   ? 
_entity_src_gen.pdbx_gene_src_fragment             ? 
_entity_src_gen.pdbx_gene_src_scientific_name      'Thermus thermophilus' 
_entity_src_gen.pdbx_gene_src_ncbi_taxonomy_id     274 
_entity_src_gen.pdbx_gene_src_variant              ? 
_entity_src_gen.pdbx_gene_src_cell_line            ? 
_entity_src_gen.pdbx_gene_src_atcc                 ? 
_entity_src_gen.pdbx_gene_src_organ                ? 
_entity_src_gen.pdbx_gene_src_organelle            ? 
_entity_src_gen.pdbx_gene_src_cell                 ? 
_entity_src_gen.pdbx_gene_src_cellular_location    ? 
_entity_src_gen.host_org_common_name               ? 
_entity_src_gen.pdbx_host_org_scientific_name      'Escherichia coli BL21(DE3)' 
_entity_src_gen.pdbx_host_org_ncbi_taxonomy_id     469008 
_entity_src_gen.host_org_genus                     Escherichia 
_entity_src_gen.pdbx_host_org_gene                 ? 
_entity_src_gen.pdbx_host_org_organ                ? 
_entity_src_gen.host_org_species                   'Escherichia coli' 
_entity_src_gen.pdbx_host_org_tissue               ? 
_entity_src_gen.pdbx_host_org_tissue_fraction      ? 
_entity_src_gen.pdbx_host_org_strain               'BL21(DE3)' 
_entity_src_gen.pdbx_host_org_variant              ? 
_entity_src_gen.pdbx_host_org_cell_line            ? 
_entity_src_gen.pdbx_host_org_atcc                 ? 
_entity_src_gen.pdbx_host_org_culture_collection   ? 
_entity_src_gen.pdbx_host_org_cell                 ? 
_entity_src_gen.pdbx_host_org_organelle            ? 
_entity_src_gen.pdbx_host_org_cellular_location    ? 
_entity_src_gen.pdbx_host_org_vector_type          PLASMID 
_entity_src_gen.pdbx_host_org_vector               ? 
_entity_src_gen.host_org_details                   ? 
_entity_src_gen.expression_system_id               ? 
_entity_src_gen.plasmid_name                       pET11a 
_entity_src_gen.plasmid_details                    ? 
_entity_src_gen.pdbx_description                   ? 
# 
loop_
_chem_comp.id 
_chem_comp.type 
_chem_comp.mon_nstd_flag 
_chem_comp.name 
_chem_comp.pdbx_synonyms 
_chem_comp.formula 
_chem_comp.formula_weight 
ALA 'L-peptide linking' y ALANINE         ? 'C3 H7 N O2'     89.093  
ARG 'L-peptide linking' y ARGININE        ? 'C6 H15 N4 O2 1' 175.209 
ASN 'L-peptide linking' y ASPARAGINE      ? 'C4 H8 N2 O3'    132.118 
ASP 'L-peptide linking' y 'ASPARTIC ACID' ? 'C4 H7 N O4'     133.103 
GLN 'L-peptide linking' y GLUTAMINE       ? 'C5 H10 N2 O3'   146.144 
GLU 'L-peptide linking' y 'GLUTAMIC ACID' ? 'C5 H9 N O4'     147.129 
GLY 'peptide linking'   y GLYCINE         ? 'C2 H5 N O2'     75.067  
HIS 'L-peptide linking' y HISTIDINE       ? 'C6 H10 N3 O2 1' 156.162 
HOH non-polymer         . WATER           ? 'H2 O'           18.015  
ILE 'L-peptide linking' y ISOLEUCINE      ? 'C6 H13 N O2'    131.173 
LEU 'L-peptide linking' y LEUCINE         ? 'C6 H13 N O2'    131.173 
LYS 'L-peptide linking' y LYSINE          ? 'C6 H15 N2 O2 1' 147.195 
MET 'L-peptide linking' y METHIONINE      ? 'C5 H11 N O2 S'  149.211 
PHE 'L-peptide linking' y PHENYLALANINE   ? 'C9 H11 N O2'    165.189 
PRO 'L-peptide linking' y PROLINE         ? 'C5 H9 N O2'     115.130 
SER 'L-peptide linking' y SERINE          ? 'C3 H7 N O3'     105.093 
THR 'L-peptide linking' y THREONINE       ? 'C4 H9 N O3'     119.119 
TRP 'L-peptide linking' y TRYPTOPHAN      ? 'C11 H12 N2 O2'  204.225 
TYR 'L-peptide linking' y TYROSINE        ? 'C9 H11 N O3'    181.189 
VAL 'L-peptide linking' y VALINE          ? 'C5 H11 N O2'    117.146 
# 
loop_
_pdbx_poly_seq_scheme.asym_id 
_pdbx_poly_seq_scheme.entity_id 
_pdbx_poly_seq_scheme.seq_id 
_pdbx_poly_seq_scheme.mon_id 
_pdbx_poly_seq_scheme.ndb_seq_num 
_pdbx_poly_seq_scheme.pdb_seq_num 
_pdbx_poly_seq_scheme.auth_seq_num 
_pdbx_poly_seq_scheme.pdb_mon_id 
_pdbx_poly_seq_scheme.auth_mon_id 
_pdbx_poly_seq_scheme.pdb_strand_id 
_pdbx_poly_seq_scheme.pdb_ins_code 
_pdbx_poly_seq_scheme.hetero 
A 1 1   MET 1   1   1   MET MET A . n 
A 1 2   TRP 2   2   2   TRP TRP A . n 
A 1 3   LEU 3   3   3   LEU LEU A . n 
A 1 4   THR 4   4   4   THR THR A . n 
A 1 5   LYS 5   5   5   LYS LYS A . n 
A 1 6   LEU 6   6   6   LEU LEU A . n 
A 1 7   VAL 7   7   7   VAL VAL A . n 
A 1 8   LEU 8   8   8   LEU LEU A . n 
A 1 9   ASN 9   9   9   ASN ASN A . n 
A 1 10  PRO 10  10  10  PRO PRO A . n 
A 1 11  ALA 11  11  11  ALA ALA A . n 
A 1 12  SER 12  12  12  SER SER A . n 
A 1 13  ARG 13  13  13  ARG ARG A . n 
A 1 14  ALA 14  14  14  ALA ALA A . n 
A 1 15  ALA 15  15  15  ALA ALA A . n 
A 1 16  ARG 16  16  16  ARG ARG A . n 
A 1 17  ARG 17  17  17  ARG ARG A . n 
A 1 18  ASP 18  18  18  ASP ASP A . n 
A 1 19  LEU 19  19  19  LEU LEU A . n 
A 1 20  ALA 20  20  20  ALA ALA A . n 
A 1 21  ASN 21  21  21  ASN ASN A . n 
A 1 22  PRO 22  22  22  PRO PRO A . n 
A 1 23  TYR 23  23  23  TYR TYR A . n 
A 1 24  GLU 24  24  24  GLU GLU A . n 
A 1 25  MET 25  25  25  MET MET A . n 
A 1 26  HIS 26  26  26  HIS HIS A . n 
A 1 27  ARG 27  27  27  ARG ARG A . n 
A 1 28  THR 28  28  28  THR THR A . n 
A 1 29  LEU 29  29  29  LEU LEU A . n 
A 1 30  SER 30  30  30  SER SER A . n 
A 1 31  LYS 31  31  31  LYS LYS A . n 
A 1 32  ALA 32  32  32  ALA ALA A . n 
A 1 33  VAL 33  33  33  VAL VAL A . n 
A 1 34  SER 34  34  34  SER SER A . n 
A 1 35  ARG 35  35  35  ARG ARG A . n 
A 1 36  ALA 36  36  36  ALA ALA A . n 
A 1 37  LEU 37  37  37  LEU LEU A . n 
A 1 38  GLU 38  38  38  GLU GLU A . n 
A 1 39  GLU 39  39  39  GLU GLU A . n 
A 1 40  GLY 40  40  40  GLY GLY A . n 
A 1 41  ARG 41  41  41  ARG ARG A . n 
A 1 42  GLU 42  42  42  GLU GLU A . n 
A 1 43  ARG 43  43  43  ARG ARG A . n 
A 1 44  LEU 44  44  44  LEU LEU A . n 
A 1 45  LEU 45  45  45  LEU LEU A . n 
A 1 46  TRP 46  46  46  TRP TRP A . n 
A 1 47  ARG 47  47  47  ARG ARG A . n 
A 1 48  LEU 48  48  48  LEU LEU A . n 
A 1 49  GLU 49  49  49  GLU GLU A . n 
A 1 50  PRO 50  50  50  PRO PRO A . n 
A 1 51  ALA 51  51  51  ALA ALA A . n 
A 1 52  ARG 52  52  52  ARG ARG A . n 
A 1 53  GLY 53  53  53  GLY GLY A . n 
A 1 54  LEU 54  54  54  LEU LEU A . n 
A 1 55  GLU 55  55  55  GLU GLU A . n 
A 1 56  PRO 56  56  56  PRO PRO A . n 
A 1 57  PRO 57  57  57  PRO PRO A . n 
A 1 58  VAL 58  58  58  VAL VAL A . n 
A 1 59  VAL 59  59  59  VAL VAL A . n 
A 1 60  LEU 60  60  60  LEU LEU A . n 
A 1 61  VAL 61  61  61  VAL VAL A . n 
A 1 62  GLN 62  62  62  GLN GLN A . n 
A 1 63  THR 63  63  63  THR THR A . n 
A 1 64  LEU 64  64  64  LEU LEU A . n 
A 1 65  THR 65  65  65  THR THR A . n 
A 1 66  GLU 66  66  66  GLU GLU A . n 
A 1 67  PRO 67  67  67  PRO PRO A . n 
A 1 68  ASP 68  68  68  ASP ASP A . n 
A 1 69  TRP 69  69  69  TRP TRP A . n 
A 1 70  SER 70  70  70  SER SER A . n 
A 1 71  VAL 71  71  71  VAL VAL A . n 
A 1 72  LEU 72  72  72  LEU LEU A . n 
A 1 73  ASP 73  73  73  ASP ASP A . n 
A 1 74  GLU 74  74  74  GLU GLU A . n 
A 1 75  GLY 75  75  75  GLY GLY A . n 
A 1 76  TYR 76  76  76  TYR TYR A . n 
A 1 77  ALA 77  77  77  ALA ALA A . n 
A 1 78  GLN 78  78  78  GLN GLN A . n 
A 1 79  VAL 79  79  79  VAL VAL A . n 
A 1 80  PHE 80  80  80  PHE PHE A . n 
A 1 81  PRO 81  81  81  PRO PRO A . n 
A 1 82  PRO 82  82  82  PRO PRO A . n 
A 1 83  LYS 83  83  83  LYS LYS A . n 
A 1 84  PRO 84  84  84  PRO PRO A . n 
A 1 85  PHE 85  85  85  PHE PHE A . n 
A 1 86  HIS 86  86  86  HIS HIS A . n 
A 1 87  PRO 87  87  87  PRO PRO A . n 
A 1 88  ALA 88  88  88  ALA ALA A . n 
A 1 89  LEU 89  89  89  LEU LEU A . n 
A 1 90  LYS 90  90  90  LYS LYS A . n 
A 1 91  PRO 91  91  91  PRO PRO A . n 
A 1 92  GLY 92  92  92  GLY GLY A . n 
A 1 93  GLN 93  93  93  GLN GLN A . n 
A 1 94  ARG 94  94  94  ARG ARG A . n 
A 1 95  LEU 95  95  95  LEU LEU A . n 
A 1 96  ARG 96  96  96  ARG ARG A . n 
A 1 97  PHE 97  97  97  PHE PHE A . n 
A 1 98  ARG 98  98  98  ARG ARG A . n 
A 1 99  LEU 99  99  99  LEU LEU A . n 
A 1 100 ARG 100 100 100 ARG ARG A . n 
A 1 101 ALA 101 101 101 ALA ALA A . n 
A 1 102 ASN 102 102 102 ASN ASN A . n 
A 1 103 PRO 103 103 103 PRO PRO A . n 
A 1 104 ALA 104 104 104 ALA ALA A . n 
A 1 105 LYS 105 105 105 LYS LYS A . n 
A 1 106 ARG 106 106 106 ARG ARG A . n 
A 1 107 LEU 107 107 107 LEU LEU A . n 
A 1 108 ALA 108 108 ?   ?   ?   A . n 
A 1 109 ALA 109 109 ?   ?   ?   A . n 
A 1 110 THR 110 110 ?   ?   ?   A . n 
A 1 111 GLY 111 111 ?   ?   ?   A . n 
A 1 112 LYS 112 112 ?   ?   ?   A . n 
A 1 113 ARG 113 113 ?   ?   ?   A . n 
A 1 114 VAL 114 114 ?   ?   ?   A . n 
A 1 115 ALA 115 115 ?   ?   ?   A . n 
A 1 116 LEU 116 116 ?   ?   ?   A . n 
A 1 117 LYS 117 117 117 LYS LYS A . n 
A 1 118 THR 118 118 118 THR THR A . n 
A 1 119 PRO 119 119 119 PRO PRO A . n 
A 1 120 ALA 120 120 120 ALA ALA A . n 
A 1 121 GLU 121 121 121 GLU GLU A . n 
A 1 122 LYS 122 122 122 LYS LYS A . n 
A 1 123 VAL 123 123 123 VAL VAL A . n 
A 1 124 ALA 124 124 124 ALA ALA A . n 
A 1 125 TRP 125 125 125 TRP TRP A . n 
A 1 126 LEU 126 126 126 LEU LEU A . n 
A 1 127 GLU 127 127 127 GLU GLU A . n 
A 1 128 ARG 128 128 128 ARG ARG A . n 
A 1 129 ARG 129 129 129 ARG ARG A . n 
A 1 130 LEU 130 130 130 LEU LEU A . n 
A 1 131 GLU 131 131 131 GLU GLU A . n 
A 1 132 GLU 132 132 132 GLU GLU A . n 
A 1 133 GLY 133 133 133 GLY GLY A . n 
A 1 134 GLY 134 134 134 GLY GLY A . n 
A 1 135 PHE 135 135 135 PHE PHE A . n 
A 1 136 ARG 136 136 136 ARG ARG A . n 
A 1 137 LEU 137 137 137 LEU LEU A . n 
A 1 138 LEU 138 138 138 LEU LEU A . n 
A 1 139 GLU 139 139 139 GLU GLU A . n 
A 1 140 GLY 140 140 140 GLY GLY A . n 
A 1 141 GLU 141 141 141 GLU GLU A . n 
A 1 142 ARG 142 142 142 ARG ARG A . n 
A 1 143 GLY 143 143 143 GLY GLY A . n 
A 1 144 PRO 144 144 144 PRO PRO A . n 
A 1 145 TRP 145 145 145 TRP TRP A . n 
A 1 146 VAL 146 146 146 VAL VAL A . n 
A 1 147 GLN 147 147 147 GLN GLN A . n 
A 1 148 ILE 148 148 148 ILE ILE A . n 
A 1 149 LEU 149 149 149 LEU LEU A . n 
A 1 150 GLN 150 150 150 GLN GLN A . n 
A 1 151 ASP 151 151 151 ASP ASP A . n 
A 1 152 THR 152 152 152 THR THR A . n 
A 1 153 PHE 153 153 153 PHE PHE A . n 
A 1 154 LEU 154 154 154 LEU LEU A . n 
A 1 155 GLU 155 155 155 GLU GLU A . n 
A 1 156 VAL 156 156 ?   ?   ?   A . n 
A 1 157 ARG 157 157 ?   ?   ?   A . n 
A 1 158 ARG 158 158 ?   ?   ?   A . n 
A 1 159 LYS 159 159 ?   ?   ?   A . n 
A 1 160 LYS 160 160 ?   ?   ?   A . n 
A 1 161 ASP 161 161 ?   ?   ?   A . n 
A 1 162 GLY 162 162 ?   ?   ?   A . n 
A 1 163 GLU 163 163 ?   ?   ?   A . n 
A 1 164 GLU 164 164 ?   ?   ?   A . n 
A 1 165 ALA 165 165 ?   ?   ?   A . n 
A 1 166 GLY 166 166 ?   ?   ?   A . n 
A 1 167 LYS 167 167 ?   ?   ?   A . n 
A 1 168 LEU 168 168 ?   ?   ?   A . n 
A 1 169 LEU 169 169 ?   ?   ?   A . n 
A 1 170 GLN 170 170 170 GLN GLN A . n 
A 1 171 VAL 171 171 171 VAL VAL A . n 
A 1 172 GLN 172 172 172 GLN GLN A . n 
A 1 173 ALA 173 173 173 ALA ALA A . n 
A 1 174 VAL 174 174 174 VAL VAL A . n 
A 1 175 LEU 175 175 175 LEU LEU A . n 
A 1 176 PHE 176 176 176 PHE PHE A . n 
A 1 177 GLU 177 177 177 GLU GLU A . n 
A 1 178 GLY 178 178 178 GLY GLY A . n 
A 1 179 ARG 179 179 179 ARG ARG A . n 
A 1 180 LEU 180 180 180 LEU LEU A . n 
A 1 181 GLU 181 181 181 GLU GLU A . n 
A 1 182 VAL 182 182 182 VAL VAL A . n 
A 1 183 VAL 183 183 183 VAL VAL A . n 
A 1 184 ASP 184 184 184 ASP ASP A . n 
A 1 185 PRO 185 185 185 PRO PRO A . n 
A 1 186 GLU 186 186 186 GLU GLU A . n 
A 1 187 ARG 187 187 187 ARG ARG A . n 
A 1 188 ALA 188 188 188 ALA ALA A . n 
A 1 189 LEU 189 189 189 LEU LEU A . n 
A 1 190 ALA 190 190 190 ALA ALA A . n 
A 1 191 THR 191 191 191 THR THR A . n 
A 1 192 LEU 192 192 192 LEU LEU A . n 
A 1 193 ARG 193 193 193 ARG ARG A . n 
A 1 194 ARG 194 194 194 ARG ARG A . n 
A 1 195 GLY 195 195 195 GLY GLY A . n 
A 1 196 VAL 196 196 196 VAL VAL A . n 
A 1 197 GLY 197 197 197 GLY GLY A . n 
A 1 198 PRO 198 198 198 PRO PRO A . n 
A 1 199 GLY 199 199 199 GLY GLY A . n 
A 1 200 LYS 200 200 200 LYS LYS A . n 
A 1 201 ALA 201 201 201 ALA ALA A . n 
A 1 202 LEU 202 202 202 LEU LEU A . n 
A 1 203 GLY 203 203 203 GLY GLY A . n 
A 1 204 LEU 204 204 204 LEU LEU A . n 
A 1 205 GLY 205 205 205 GLY GLY A . n 
A 1 206 LEU 206 206 206 LEU LEU A . n 
A 1 207 LEU 207 207 207 LEU LEU A . n 
A 1 208 SER 208 208 208 SER SER A . n 
A 1 209 VAL 209 209 209 VAL VAL A . n 
A 1 210 ALA 210 210 210 ALA ALA A . n 
A 1 211 PRO 211 211 211 PRO PRO A . n 
# 
loop_
_pdbx_nonpoly_scheme.asym_id 
_pdbx_nonpoly_scheme.entity_id 
_pdbx_nonpoly_scheme.mon_id 
_pdbx_nonpoly_scheme.ndb_seq_num 
_pdbx_nonpoly_scheme.pdb_seq_num 
_pdbx_nonpoly_scheme.auth_seq_num 
_pdbx_nonpoly_scheme.pdb_mon_id 
_pdbx_nonpoly_scheme.auth_mon_id 
_pdbx_nonpoly_scheme.pdb_strand_id 
_pdbx_nonpoly_scheme.pdb_ins_code 
B 2 HOH 1   212 1   HOH HOH A . 
B 2 HOH 2   213 2   HOH HOH A . 
B 2 HOH 3   214 3   HOH HOH A . 
B 2 HOH 4   215 4   HOH HOH A . 
B 2 HOH 5   216 5   HOH HOH A . 
B 2 HOH 6   217 6   HOH HOH A . 
B 2 HOH 7   218 7   HOH HOH A . 
B 2 HOH 8   219 8   HOH HOH A . 
B 2 HOH 9   220 9   HOH HOH A . 
B 2 HOH 10  221 10  HOH HOH A . 
B 2 HOH 11  222 11  HOH HOH A . 
B 2 HOH 12  223 12  HOH HOH A . 
B 2 HOH 13  224 13  HOH HOH A . 
B 2 HOH 14  225 14  HOH HOH A . 
B 2 HOH 15  226 15  HOH HOH A . 
B 2 HOH 16  227 16  HOH HOH A . 
B 2 HOH 17  228 17  HOH HOH A . 
B 2 HOH 18  229 18  HOH HOH A . 
B 2 HOH 19  230 19  HOH HOH A . 
B 2 HOH 20  231 20  HOH HOH A . 
B 2 HOH 21  232 21  HOH HOH A . 
B 2 HOH 22  233 22  HOH HOH A . 
B 2 HOH 23  234 23  HOH HOH A . 
B 2 HOH 24  235 24  HOH HOH A . 
B 2 HOH 25  236 25  HOH HOH A . 
B 2 HOH 26  237 26  HOH HOH A . 
B 2 HOH 27  238 27  HOH HOH A . 
B 2 HOH 28  239 28  HOH HOH A . 
B 2 HOH 29  240 29  HOH HOH A . 
B 2 HOH 30  241 30  HOH HOH A . 
B 2 HOH 31  242 31  HOH HOH A . 
B 2 HOH 32  243 32  HOH HOH A . 
B 2 HOH 33  244 33  HOH HOH A . 
B 2 HOH 34  245 34  HOH HOH A . 
B 2 HOH 35  246 35  HOH HOH A . 
B 2 HOH 36  247 36  HOH HOH A . 
B 2 HOH 37  248 37  HOH HOH A . 
B 2 HOH 38  249 38  HOH HOH A . 
B 2 HOH 39  250 39  HOH HOH A . 
B 2 HOH 40  251 40  HOH HOH A . 
B 2 HOH 41  252 41  HOH HOH A . 
B 2 HOH 42  253 42  HOH HOH A . 
B 2 HOH 43  254 43  HOH HOH A . 
B 2 HOH 44  255 44  HOH HOH A . 
B 2 HOH 45  256 45  HOH HOH A . 
B 2 HOH 46  257 46  HOH HOH A . 
B 2 HOH 47  258 47  HOH HOH A . 
B 2 HOH 48  259 48  HOH HOH A . 
B 2 HOH 49  260 49  HOH HOH A . 
B 2 HOH 50  261 50  HOH HOH A . 
B 2 HOH 51  262 51  HOH HOH A . 
B 2 HOH 52  263 52  HOH HOH A . 
B 2 HOH 53  264 53  HOH HOH A . 
B 2 HOH 54  265 54  HOH HOH A . 
B 2 HOH 55  266 55  HOH HOH A . 
B 2 HOH 56  267 56  HOH HOH A . 
B 2 HOH 57  268 57  HOH HOH A . 
B 2 HOH 58  269 58  HOH HOH A . 
B 2 HOH 59  270 59  HOH HOH A . 
B 2 HOH 60  271 60  HOH HOH A . 
B 2 HOH 61  272 61  HOH HOH A . 
B 2 HOH 62  273 62  HOH HOH A . 
B 2 HOH 63  274 63  HOH HOH A . 
B 2 HOH 64  275 64  HOH HOH A . 
B 2 HOH 65  276 65  HOH HOH A . 
B 2 HOH 66  277 66  HOH HOH A . 
B 2 HOH 67  278 67  HOH HOH A . 
B 2 HOH 68  279 68  HOH HOH A . 
B 2 HOH 69  280 69  HOH HOH A . 
B 2 HOH 70  281 70  HOH HOH A . 
B 2 HOH 71  282 71  HOH HOH A . 
B 2 HOH 72  283 72  HOH HOH A . 
B 2 HOH 73  284 73  HOH HOH A . 
B 2 HOH 74  285 74  HOH HOH A . 
B 2 HOH 75  286 75  HOH HOH A . 
B 2 HOH 76  287 76  HOH HOH A . 
B 2 HOH 77  288 77  HOH HOH A . 
B 2 HOH 78  289 78  HOH HOH A . 
B 2 HOH 79  290 79  HOH HOH A . 
B 2 HOH 80  291 80  HOH HOH A . 
B 2 HOH 81  292 81  HOH HOH A . 
B 2 HOH 82  293 82  HOH HOH A . 
B 2 HOH 83  294 83  HOH HOH A . 
B 2 HOH 84  295 84  HOH HOH A . 
B 2 HOH 85  296 85  HOH HOH A . 
B 2 HOH 86  297 86  HOH HOH A . 
B 2 HOH 87  298 87  HOH HOH A . 
B 2 HOH 88  299 88  HOH HOH A . 
B 2 HOH 89  300 89  HOH HOH A . 
B 2 HOH 90  301 90  HOH HOH A . 
B 2 HOH 91  302 91  HOH HOH A . 
B 2 HOH 92  303 92  HOH HOH A . 
B 2 HOH 93  304 93  HOH HOH A . 
B 2 HOH 94  305 94  HOH HOH A . 
B 2 HOH 95  306 95  HOH HOH A . 
B 2 HOH 96  307 96  HOH HOH A . 
B 2 HOH 97  308 97  HOH HOH A . 
B 2 HOH 98  309 98  HOH HOH A . 
B 2 HOH 99  310 99  HOH HOH A . 
B 2 HOH 100 311 100 HOH HOH A . 
# 
loop_
_software.name 
_software.classification 
_software.version 
_software.citation_id 
_software.pdbx_ordinal 
CNS       refinement       1.1 ? 1 
HKL-2000  'data reduction' .   ? 2 
SCALEPACK 'data scaling'   .   ? 3 
SOLVE     phasing          .   ? 4 
# 
_cell.entry_id           1WJ9 
_cell.length_a           76.673 
_cell.length_b           76.673 
_cell.length_c           87.494 
_cell.angle_alpha        90.00 
_cell.angle_beta         90.00 
_cell.angle_gamma        120.00 
_cell.Z_PDB              6 
_cell.pdbx_unique_axis   ? 
_cell.length_a_esd       ? 
_cell.length_b_esd       ? 
_cell.length_c_esd       ? 
_cell.angle_alpha_esd    ? 
_cell.angle_beta_esd     ? 
_cell.angle_gamma_esd    ? 
# 
_symmetry.entry_id                         1WJ9 
_symmetry.space_group_name_H-M             'P 65' 
_symmetry.pdbx_full_space_group_name_H-M   ? 
_symmetry.cell_setting                     ? 
_symmetry.Int_Tables_number                170 
_symmetry.space_group_name_Hall            ? 
# 
_exptl.entry_id          1WJ9 
_exptl.method            'X-RAY DIFFRACTION' 
_exptl.crystals_number   1 
# 
_exptl_crystal.id                    1 
_exptl_crystal.density_meas          ? 
_exptl_crystal.density_Matthews      3.1 
_exptl_crystal.density_percent_sol   60.4 
_exptl_crystal.description           ? 
_exptl_crystal.F_000                 ? 
_exptl_crystal.preparation           ? 
# 
_exptl_crystal_grow.crystal_id      1 
_exptl_crystal_grow.method          'VAPOR DIFFUSION, HANGING DROP' 
_exptl_crystal_grow.temp            293 
_exptl_crystal_grow.temp_details    ? 
_exptl_crystal_grow.pH              8.2 
_exptl_crystal_grow.pdbx_details    '20% PEGMME2000, 0.1M bicine, pH 8.2, VAPOR DIFFUSION, HANGING DROP, temperature 293K' 
_exptl_crystal_grow.pdbx_pH_range   . 
# 
loop_
_diffrn.id 
_diffrn.ambient_temp 
_diffrn.ambient_temp_details 
_diffrn.crystal_id 
1 100 ? 1 
2 100 ? 1 
# 
loop_
_diffrn_detector.diffrn_id 
_diffrn_detector.detector 
_diffrn_detector.type 
_diffrn_detector.pdbx_collection_date 
_diffrn_detector.details 
1 CCD           'RIGAKU JUPITER 210' 2003-11-26 ? 
2 'IMAGE PLATE' 'RIGAKU RAXIS V'     2003-12-05 ? 
# 
loop_
_diffrn_radiation.diffrn_id 
_diffrn_radiation.wavelength_id 
_diffrn_radiation.pdbx_monochromatic_or_laue_m_l 
_diffrn_radiation.monochromator 
_diffrn_radiation.pdbx_diffrn_protocol 
_diffrn_radiation.pdbx_scattering_type 
1 1 M 'SI DOUBLE-CRYSTAL' 'SINGLE WAVELENGTH' x-ray 
2 1 M 'SI DOUBLE-CRYSTAL' MAD                 x-ray 
# 
loop_
_diffrn_radiation_wavelength.id 
_diffrn_radiation_wavelength.wavelength 
_diffrn_radiation_wavelength.wt 
1 1.0000 1.0 
2 1.0800 1.0 
3 1.1052 1.0 
4 1.1056 1.0 
# 
loop_
_diffrn_source.diffrn_id 
_diffrn_source.source 
_diffrn_source.type 
_diffrn_source.pdbx_synchrotron_site 
_diffrn_source.pdbx_synchrotron_beamline 
_diffrn_source.pdbx_wavelength 
_diffrn_source.pdbx_wavelength_list 
1 SYNCHROTRON 'SPRING-8 BEAMLINE BL26B2' SPring-8 BL26B2 ? 1.0000                   
2 SYNCHROTRON 'SPRING-8 BEAMLINE BL26B2' SPring-8 BL26B2 ? '1.0800, 1.1052, 1.1056' 
# 
_reflns.entry_id                     1WJ9 
_reflns.observed_criterion_sigma_I   ? 
_reflns.observed_criterion_sigma_F   ? 
_reflns.d_resolution_low             50.0 
_reflns.d_resolution_high            1.9 
_reflns.number_obs                   ? 
_reflns.number_all                   22655 
_reflns.percent_possible_obs         98.1 
_reflns.pdbx_Rmerge_I_obs            0.039 
_reflns.pdbx_Rsym_value              ? 
_reflns.pdbx_netI_over_sigmaI        35.6 
_reflns.B_iso_Wilson_estimate        24.3 
_reflns.pdbx_redundancy              6.0 
_reflns.R_free_details               ? 
_reflns.limit_h_max                  ? 
_reflns.limit_h_min                  ? 
_reflns.limit_k_max                  ? 
_reflns.limit_k_min                  ? 
_reflns.limit_l_max                  ? 
_reflns.limit_l_min                  ? 
_reflns.observed_criterion_F_max     ? 
_reflns.observed_criterion_F_min     ? 
_reflns.pdbx_chi_squared             ? 
_reflns.pdbx_scaling_rejects         ? 
_reflns.pdbx_diffrn_id               1,2 
_reflns.pdbx_ordinal                 1 
# 
_reflns_shell.d_res_high             1.90 
_reflns_shell.d_res_low              1.97 
_reflns_shell.percent_possible_all   97.8 
_reflns_shell.Rmerge_I_obs           0.279 
_reflns_shell.pdbx_Rsym_value        ? 
_reflns_shell.meanI_over_sigI_obs    3.4 
_reflns_shell.pdbx_redundancy        ? 
_reflns_shell.percent_possible_obs   ? 
_reflns_shell.number_unique_all      2254 
_reflns_shell.number_measured_all    ? 
_reflns_shell.number_measured_obs    ? 
_reflns_shell.number_unique_obs      ? 
_reflns_shell.pdbx_chi_squared       ? 
_reflns_shell.pdbx_diffrn_id         ? 
_reflns_shell.pdbx_ordinal           1 
# 
_refine.entry_id                                 1WJ9 
_refine.ls_number_reflns_obs                     22628 
_refine.ls_number_reflns_all                     ? 
_refine.pdbx_ls_sigma_I                          ? 
_refine.pdbx_ls_sigma_F                          .0 
_refine.pdbx_data_cutoff_high_absF               1518252.71 
_refine.pdbx_data_cutoff_low_absF                .000000 
_refine.pdbx_data_cutoff_high_rms_absF           ? 
_refine.ls_d_res_low                             38.34 
_refine.ls_d_res_high                            1.90 
_refine.ls_percent_reflns_obs                    98.1 
_refine.ls_R_factor_obs                          0.228 
_refine.ls_R_factor_all                          0.229 
_refine.ls_R_factor_R_work                       0.228 
_refine.ls_R_factor_R_free                       0.247 
_refine.ls_R_factor_R_free_error                 .005 
_refine.ls_R_factor_R_free_error_details         ? 
_refine.ls_percent_reflns_R_free                 9.9 
_refine.ls_number_reflns_R_free                  2248 
_refine.ls_number_parameters                     ? 
_refine.ls_number_restraints                     ? 
_refine.occupancy_min                            ? 
_refine.occupancy_max                            ? 
_refine.correlation_coeff_Fo_to_Fc               ? 
_refine.correlation_coeff_Fo_to_Fc_free          ? 
_refine.B_iso_mean                               29.9 
_refine.aniso_B[1][1]                            4.70 
_refine.aniso_B[2][2]                            5.30 
_refine.aniso_B[3][3]                            -10.00 
_refine.aniso_B[1][2]                            4.30 
_refine.aniso_B[1][3]                            .00 
_refine.aniso_B[2][3]                            .00 
_refine.solvent_model_details                    'FLAT MODEL' 
_refine.solvent_model_param_ksol                 .334945 
_refine.solvent_model_param_bsol                 26.1594 
_refine.pdbx_solvent_vdw_probe_radii             ? 
_refine.pdbx_solvent_ion_probe_radii             ? 
_refine.pdbx_solvent_shrinkage_radii             ? 
_refine.pdbx_ls_cross_valid_method               THROUGHOUT 
_refine.details                                  ? 
_refine.pdbx_starting_model                      ? 
_refine.pdbx_method_to_determine_struct          MAD 
_refine.pdbx_isotropic_thermal_model             RESTRAINED 
_refine.pdbx_stereochemistry_target_values       'Engh & Huber' 
_refine.pdbx_stereochem_target_val_spec_case     ? 
_refine.pdbx_R_Free_selection_details            RANDOM 
_refine.pdbx_overall_ESU_R                       ? 
_refine.pdbx_overall_ESU_R_Free                  ? 
_refine.overall_SU_ML                            ? 
_refine.overall_SU_B                             ? 
_refine.ls_redundancy_reflns_obs                 ? 
_refine.B_iso_min                                ? 
_refine.B_iso_max                                ? 
_refine.overall_SU_R_Cruickshank_DPI             ? 
_refine.overall_SU_R_free                        ? 
_refine.ls_wR_factor_R_free                      ? 
_refine.ls_wR_factor_R_work                      ? 
_refine.overall_FOM_free_R_set                   ? 
_refine.overall_FOM_work_R_set                   ? 
_refine.pdbx_refine_id                           'X-RAY DIFFRACTION' 
_refine.pdbx_diffrn_id                           1 
_refine.pdbx_TLS_residual_ADP_flag               ? 
_refine.pdbx_overall_phase_error                 ? 
_refine.pdbx_overall_SU_R_free_Cruickshank_DPI   ? 
_refine.pdbx_overall_SU_R_Blow_DPI               ? 
_refine.pdbx_overall_SU_R_free_Blow_DPI          ? 
# 
_refine_analyze.entry_id                        1WJ9 
_refine_analyze.Luzzati_coordinate_error_obs    .24 
_refine_analyze.Luzzati_sigma_a_obs             .13 
_refine_analyze.Luzzati_d_res_low_obs           5.00 
_refine_analyze.Luzzati_coordinate_error_free   .27 
_refine_analyze.Luzzati_sigma_a_free            .19 
_refine_analyze.Luzzati_d_res_low_free          ? 
_refine_analyze.number_disordered_residues      ? 
_refine_analyze.occupancy_sum_hydrogen          ? 
_refine_analyze.occupancy_sum_non_hydrogen      ? 
_refine_analyze.pdbx_Luzzati_d_res_high_obs     ? 
_refine_analyze.pdbx_refine_id                  'X-RAY DIFFRACTION' 
# 
_refine_hist.pdbx_refine_id                   'X-RAY DIFFRACTION' 
_refine_hist.cycle_id                         LAST 
_refine_hist.pdbx_number_atoms_protein        1505 
_refine_hist.pdbx_number_atoms_nucleic_acid   0 
_refine_hist.pdbx_number_atoms_ligand         0 
_refine_hist.number_atoms_solvent             100 
_refine_hist.number_atoms_total               1605 
_refine_hist.d_res_high                       1.90 
_refine_hist.d_res_low                        38.34 
# 
loop_
_refine_ls_restr.type 
_refine_ls_restr.dev_ideal 
_refine_ls_restr.dev_ideal_target 
_refine_ls_restr.weight 
_refine_ls_restr.number 
_refine_ls_restr.pdbx_refine_id 
_refine_ls_restr.pdbx_restraint_function 
c_bond_d                .005 ?    ? ? 'X-RAY DIFFRACTION' ? 
c_bond_d_na             ?    ?    ? ? 'X-RAY DIFFRACTION' ? 
c_bond_d_prot           ?    ?    ? ? 'X-RAY DIFFRACTION' ? 
c_angle_d               ?    ?    ? ? 'X-RAY DIFFRACTION' ? 
c_angle_d_na            ?    ?    ? ? 'X-RAY DIFFRACTION' ? 
c_angle_d_prot          ?    ?    ? ? 'X-RAY DIFFRACTION' ? 
c_angle_deg             1.2  ?    ? ? 'X-RAY DIFFRACTION' ? 
c_angle_deg_na          ?    ?    ? ? 'X-RAY DIFFRACTION' ? 
c_angle_deg_prot        ?    ?    ? ? 'X-RAY DIFFRACTION' ? 
c_dihedral_angle_d      24.0 ?    ? ? 'X-RAY DIFFRACTION' ? 
c_dihedral_angle_d_na   ?    ?    ? ? 'X-RAY DIFFRACTION' ? 
c_dihedral_angle_d_prot ?    ?    ? ? 'X-RAY DIFFRACTION' ? 
c_improper_angle_d      1.11 ?    ? ? 'X-RAY DIFFRACTION' ? 
c_improper_angle_d_na   ?    ?    ? ? 'X-RAY DIFFRACTION' ? 
c_improper_angle_d_prot ?    ?    ? ? 'X-RAY DIFFRACTION' ? 
c_mcbond_it             1.44 1.50 ? ? 'X-RAY DIFFRACTION' ? 
c_mcangle_it            2.26 2.00 ? ? 'X-RAY DIFFRACTION' ? 
c_scbond_it             2.35 2.00 ? ? 'X-RAY DIFFRACTION' ? 
c_scangle_it            3.68 2.50 ? ? 'X-RAY DIFFRACTION' ? 
# 
_refine_ls_shell.pdbx_total_number_of_bins_used   6 
_refine_ls_shell.d_res_high                       1.90 
_refine_ls_shell.d_res_low                        2.02 
_refine_ls_shell.number_reflns_R_work             3401 
_refine_ls_shell.R_factor_R_work                  0.253 
_refine_ls_shell.percent_reflns_obs               98.6 
_refine_ls_shell.R_factor_R_free                  0.294 
_refine_ls_shell.R_factor_R_free_error            .015 
_refine_ls_shell.percent_reflns_R_free            9.6 
_refine_ls_shell.number_reflns_R_free             362 
_refine_ls_shell.number_reflns_obs                ? 
_refine_ls_shell.redundancy_reflns_obs            ? 
_refine_ls_shell.number_reflns_all                ? 
_refine_ls_shell.R_factor_all                     ? 
_refine_ls_shell.pdbx_refine_id                   'X-RAY DIFFRACTION' 
# 
loop_
_pdbx_xplor_file.serial_no 
_pdbx_xplor_file.param_file 
_pdbx_xplor_file.topol_file 
_pdbx_xplor_file.pdbx_refine_id 
1 PROTEIN.PARAM PROTEIN.TOP 'X-RAY DIFFRACTION' 
2 WATER.PARAM   WATER.TOP   'X-RAY DIFFRACTION' 
# 
_struct.entry_id                  1WJ9 
_struct.title                     'Crystal structure of a CRISPR-associated protein from thermus thermophilus' 
_struct.pdbx_model_details        ? 
_struct.pdbx_CASP_flag            ? 
_struct.pdbx_model_type_details   ? 
# 
_struct_keywords.entry_id        1WJ9 
_struct_keywords.pdbx_keywords   'Structural genomics, unknown function' 
_struct_keywords.text            
'ALPHA AND BETA PROTEIN, Structural genomics, RIKEN Structural Genomics/Proteomics Initiative, RSGI, unknown function' 
# 
loop_
_struct_asym.id 
_struct_asym.pdbx_blank_PDB_chainid_flag 
_struct_asym.pdbx_modified 
_struct_asym.entity_id 
_struct_asym.details 
A N N 1 ? 
B N N 2 ? 
# 
_struct_ref.id                         1 
_struct_ref.entity_id                  1 
_struct_ref.db_name                    UNP 
_struct_ref.db_code                    Q53WG9_THET8 
_struct_ref.pdbx_db_accession          Q53WG9 
_struct_ref.pdbx_db_isoform            ? 
_struct_ref.pdbx_seq_one_letter_code   ? 
_struct_ref.pdbx_align_begin           ? 
# 
_struct_ref_seq.align_id                      1 
_struct_ref_seq.ref_id                        1 
_struct_ref_seq.pdbx_PDB_id_code              1WJ9 
_struct_ref_seq.pdbx_strand_id                A 
_struct_ref_seq.seq_align_beg                 1 
_struct_ref_seq.pdbx_seq_align_beg_ins_code   ? 
_struct_ref_seq.seq_align_end                 211 
_struct_ref_seq.pdbx_seq_align_end_ins_code   ? 
_struct_ref_seq.pdbx_db_accession             Q53WG9 
_struct_ref_seq.db_align_beg                  1 
_struct_ref_seq.pdbx_db_align_beg_ins_code    ? 
_struct_ref_seq.db_align_end                  211 
_struct_ref_seq.pdbx_db_align_end_ins_code    ? 
_struct_ref_seq.pdbx_auth_seq_align_beg       1 
_struct_ref_seq.pdbx_auth_seq_align_end       211 
# 
_pdbx_struct_assembly.id                   1 
_pdbx_struct_assembly.details              author_defined_assembly 
_pdbx_struct_assembly.method_details       ? 
_pdbx_struct_assembly.oligomeric_details   monomeric 
_pdbx_struct_assembly.oligomeric_count     1 
# 
_pdbx_struct_assembly_gen.assembly_id       1 
_pdbx_struct_assembly_gen.oper_expression   1 
_pdbx_struct_assembly_gen.asym_id_list      A,B 
# 
_pdbx_struct_oper_list.id                   1 
_pdbx_struct_oper_list.type                 'identity operation' 
_pdbx_struct_oper_list.name                 1_555 
_pdbx_struct_oper_list.symmetry_operation   x,y,z 
_pdbx_struct_oper_list.matrix[1][1]         1.0000000000 
_pdbx_struct_oper_list.matrix[1][2]         0.0000000000 
_pdbx_struct_oper_list.matrix[1][3]         0.0000000000 
_pdbx_struct_oper_list.vector[1]            0.0000000000 
_pdbx_struct_oper_list.matrix[2][1]         0.0000000000 
_pdbx_struct_oper_list.matrix[2][2]         1.0000000000 
_pdbx_struct_oper_list.matrix[2][3]         0.0000000000 
_pdbx_struct_oper_list.vector[2]            0.0000000000 
_pdbx_struct_oper_list.matrix[3][1]         0.0000000000 
_pdbx_struct_oper_list.matrix[3][2]         0.0000000000 
_pdbx_struct_oper_list.matrix[3][3]         1.0000000000 
_pdbx_struct_oper_list.vector[3]            0.0000000000 
# 
loop_
_struct_conf.conf_type_id 
_struct_conf.id 
_struct_conf.pdbx_PDB_helix_id 
_struct_conf.beg_label_comp_id 
_struct_conf.beg_label_asym_id 
_struct_conf.beg_label_seq_id 
_struct_conf.pdbx_beg_PDB_ins_code 
_struct_conf.end_label_comp_id 
_struct_conf.end_label_asym_id 
_struct_conf.end_label_seq_id 
_struct_conf.pdbx_end_PDB_ins_code 
_struct_conf.beg_auth_comp_id 
_struct_conf.beg_auth_asym_id 
_struct_conf.beg_auth_seq_id 
_struct_conf.end_auth_comp_id 
_struct_conf.end_auth_asym_id 
_struct_conf.end_auth_seq_id 
_struct_conf.pdbx_PDB_helix_class 
_struct_conf.details 
_struct_conf.pdbx_PDB_helix_length 
HELX_P HELX_P1 1 SER A 12  ? ASN A 21  ? SER A 12  ASN A 21  1 ? 10 
HELX_P HELX_P2 2 ASN A 21  ? LYS A 31  ? ASN A 21  LYS A 31  1 ? 11 
HELX_P HELX_P3 3 VAL A 33  ? GLU A 39  ? VAL A 33  GLU A 39  1 ? 7  
HELX_P HELX_P4 4 ASP A 68  ? LEU A 72  ? ASP A 68  LEU A 72  5 ? 5  
HELX_P HELX_P5 5 LYS A 117 ? GLY A 133 ? LYS A 117 GLY A 133 1 ? 17 
HELX_P HELX_P6 6 ASP A 184 ? GLY A 195 ? ASP A 184 GLY A 195 1 ? 12 
# 
_struct_conf_type.id          HELX_P 
_struct_conf_type.criteria    ? 
_struct_conf_type.reference   ? 
# 
loop_
_struct_sheet.id 
_struct_sheet.type 
_struct_sheet.number_strands 
_struct_sheet.details 
A ? 4 ? 
B ? 4 ? 
C ? 3 ? 
D ? 4 ? 
E ? 2 ? 
# 
loop_
_struct_sheet_order.sheet_id 
_struct_sheet_order.range_id_1 
_struct_sheet_order.range_id_2 
_struct_sheet_order.offset 
_struct_sheet_order.sense 
A 1 2 ? anti-parallel 
A 2 3 ? anti-parallel 
A 3 4 ? anti-parallel 
B 1 2 ? anti-parallel 
B 2 3 ? anti-parallel 
B 3 4 ? anti-parallel 
C 1 2 ? anti-parallel 
C 2 3 ? anti-parallel 
D 1 2 ? anti-parallel 
D 2 3 ? anti-parallel 
D 3 4 ? anti-parallel 
E 1 2 ? anti-parallel 
# 
loop_
_struct_sheet_range.sheet_id 
_struct_sheet_range.id 
_struct_sheet_range.beg_label_comp_id 
_struct_sheet_range.beg_label_asym_id 
_struct_sheet_range.beg_label_seq_id 
_struct_sheet_range.pdbx_beg_PDB_ins_code 
_struct_sheet_range.end_label_comp_id 
_struct_sheet_range.end_label_asym_id 
_struct_sheet_range.end_label_seq_id 
_struct_sheet_range.pdbx_end_PDB_ins_code 
_struct_sheet_range.beg_auth_comp_id 
_struct_sheet_range.beg_auth_asym_id 
_struct_sheet_range.beg_auth_seq_id 
_struct_sheet_range.end_auth_comp_id 
_struct_sheet_range.end_auth_asym_id 
_struct_sheet_range.end_auth_seq_id 
A 1 LEU A 45  ? LEU A 48  ? LEU A 45  LEU A 48  
A 2 VAL A 58  ? THR A 63  ? VAL A 58  THR A 63  
A 3 TRP A 2   ? LEU A 8   ? TRP A 2   LEU A 8   
A 4 ALA A 77  ? VAL A 79  ? ALA A 77  VAL A 79  
B 1 LEU A 45  ? LEU A 48  ? LEU A 45  LEU A 48  
B 2 VAL A 58  ? THR A 63  ? VAL A 58  THR A 63  
B 3 TRP A 2   ? LEU A 8   ? TRP A 2   LEU A 8   
B 4 LYS A 83  ? PRO A 84  ? LYS A 83  PRO A 84  
C 1 PHE A 135 ? LEU A 137 ? PHE A 135 LEU A 137 
C 2 VAL A 171 ? VAL A 182 ? VAL A 171 VAL A 182 
C 3 VAL A 146 ? LEU A 154 ? VAL A 146 LEU A 154 
D 1 PHE A 135 ? LEU A 137 ? PHE A 135 LEU A 137 
D 2 VAL A 171 ? VAL A 182 ? VAL A 171 VAL A 182 
D 3 ARG A 94  ? ALA A 101 ? ARG A 94  ALA A 101 
D 4 SER A 208 ? ALA A 210 ? SER A 208 ALA A 210 
E 1 GLU A 139 ? GLY A 140 ? GLU A 139 GLY A 140 
E 2 GLY A 143 ? PRO A 144 ? GLY A 143 PRO A 144 
# 
loop_
_pdbx_struct_sheet_hbond.sheet_id 
_pdbx_struct_sheet_hbond.range_id_1 
_pdbx_struct_sheet_hbond.range_id_2 
_pdbx_struct_sheet_hbond.range_1_label_atom_id 
_pdbx_struct_sheet_hbond.range_1_label_comp_id 
_pdbx_struct_sheet_hbond.range_1_label_asym_id 
_pdbx_struct_sheet_hbond.range_1_label_seq_id 
_pdbx_struct_sheet_hbond.range_1_PDB_ins_code 
_pdbx_struct_sheet_hbond.range_1_auth_atom_id 
_pdbx_struct_sheet_hbond.range_1_auth_comp_id 
_pdbx_struct_sheet_hbond.range_1_auth_asym_id 
_pdbx_struct_sheet_hbond.range_1_auth_seq_id 
_pdbx_struct_sheet_hbond.range_2_label_atom_id 
_pdbx_struct_sheet_hbond.range_2_label_comp_id 
_pdbx_struct_sheet_hbond.range_2_label_asym_id 
_pdbx_struct_sheet_hbond.range_2_label_seq_id 
_pdbx_struct_sheet_hbond.range_2_PDB_ins_code 
_pdbx_struct_sheet_hbond.range_2_auth_atom_id 
_pdbx_struct_sheet_hbond.range_2_auth_comp_id 
_pdbx_struct_sheet_hbond.range_2_auth_asym_id 
_pdbx_struct_sheet_hbond.range_2_auth_seq_id 
A 1 2 N LEU A 45  ? N LEU A 45  O GLN A 62  ? O GLN A 62  
A 2 3 O VAL A 61  ? O VAL A 61  N THR A 4   ? N THR A 4   
A 3 4 N VAL A 7   ? N VAL A 7   O GLN A 78  ? O GLN A 78  
B 1 2 N LEU A 45  ? N LEU A 45  O GLN A 62  ? O GLN A 62  
B 2 3 O VAL A 61  ? O VAL A 61  N THR A 4   ? N THR A 4   
B 3 4 N LEU A 3   ? N LEU A 3   O LYS A 83  ? O LYS A 83  
C 1 2 N ARG A 136 ? N ARG A 136 O GLU A 181 ? O GLU A 181 
C 2 3 O ALA A 173 ? O ALA A 173 N THR A 152 ? N THR A 152 
D 1 2 N ARG A 136 ? N ARG A 136 O GLU A 181 ? O GLU A 181 
D 2 3 O PHE A 176 ? O PHE A 176 N LEU A 99  ? N LEU A 99  
D 3 4 N ARG A 96  ? N ARG A 96  O ALA A 210 ? O ALA A 210 
E 1 2 N GLY A 140 ? N GLY A 140 O GLY A 143 ? O GLY A 143 
# 
loop_
_pdbx_validate_torsion.id 
_pdbx_validate_torsion.PDB_model_num 
_pdbx_validate_torsion.auth_comp_id 
_pdbx_validate_torsion.auth_asym_id 
_pdbx_validate_torsion.auth_seq_id 
_pdbx_validate_torsion.PDB_ins_code 
_pdbx_validate_torsion.label_alt_id 
_pdbx_validate_torsion.phi 
_pdbx_validate_torsion.psi 
1 1 VAL A 33  ? ? -142.75 36.66 
2 1 PRO A 103 ? ? -61.89  67.72 
# 
_pdbx_SG_project.id                    1 
_pdbx_SG_project.project_name          ? 
_pdbx_SG_project.full_name_of_center   'RIKEN Structural Genomics/Proteomics Initiative' 
_pdbx_SG_project.initial_of_center     RSGI 
# 
loop_
_pdbx_unobs_or_zero_occ_residues.id 
_pdbx_unobs_or_zero_occ_residues.PDB_model_num 
_pdbx_unobs_or_zero_occ_residues.polymer_flag 
_pdbx_unobs_or_zero_occ_residues.occupancy_flag 
_pdbx_unobs_or_zero_occ_residues.auth_asym_id 
_pdbx_unobs_or_zero_occ_residues.auth_comp_id 
_pdbx_unobs_or_zero_occ_residues.auth_seq_id 
_pdbx_unobs_or_zero_occ_residues.PDB_ins_code 
_pdbx_unobs_or_zero_occ_residues.label_asym_id 
_pdbx_unobs_or_zero_occ_residues.label_comp_id 
_pdbx_unobs_or_zero_occ_residues.label_seq_id 
1  1 Y 1 A ALA 108 ? A ALA 108 
2  1 Y 1 A ALA 109 ? A ALA 109 
3  1 Y 1 A THR 110 ? A THR 110 
4  1 Y 1 A GLY 111 ? A GLY 111 
5  1 Y 1 A LYS 112 ? A LYS 112 
6  1 Y 1 A ARG 113 ? A ARG 113 
7  1 Y 1 A VAL 114 ? A VAL 114 
8  1 Y 1 A ALA 115 ? A ALA 115 
9  1 Y 1 A LEU 116 ? A LEU 116 
10 1 Y 1 A VAL 156 ? A VAL 156 
11 1 Y 1 A ARG 157 ? A ARG 157 
12 1 Y 1 A ARG 158 ? A ARG 158 
13 1 Y 1 A LYS 159 ? A LYS 159 
14 1 Y 1 A LYS 160 ? A LYS 160 
15 1 Y 1 A ASP 161 ? A ASP 161 
16 1 Y 1 A GLY 162 ? A GLY 162 
17 1 Y 1 A GLU 163 ? A GLU 163 
18 1 Y 1 A GLU 164 ? A GLU 164 
19 1 Y 1 A ALA 165 ? A ALA 165 
20 1 Y 1 A GLY 166 ? A GLY 166 
21 1 Y 1 A LYS 167 ? A LYS 167 
22 1 Y 1 A LEU 168 ? A LEU 168 
23 1 Y 1 A LEU 169 ? A LEU 169 
# 
loop_
_chem_comp_atom.comp_id 
_chem_comp_atom.atom_id 
_chem_comp_atom.type_symbol 
_chem_comp_atom.pdbx_aromatic_flag 
_chem_comp_atom.pdbx_stereo_config 
_chem_comp_atom.pdbx_ordinal 
ALA N    N N N 1   
ALA CA   C N S 2   
ALA C    C N N 3   
ALA O    O N N 4   
ALA CB   C N N 5   
ALA OXT  O N N 6   
ALA H    H N N 7   
ALA H2   H N N 8   
ALA HA   H N N 9   
ALA HB1  H N N 10  
ALA HB2  H N N 11  
ALA HB3  H N N 12  
ALA HXT  H N N 13  
ARG N    N N N 14  
ARG CA   C N S 15  
ARG C    C N N 16  
ARG O    O N N 17  
ARG CB   C N N 18  
ARG CG   C N N 19  
ARG CD   C N N 20  
ARG NE   N N N 21  
ARG CZ   C N N 22  
ARG NH1  N N N 23  
ARG NH2  N N N 24  
ARG OXT  O N N 25  
ARG H    H N N 26  
ARG H2   H N N 27  
ARG HA   H N N 28  
ARG HB2  H N N 29  
ARG HB3  H N N 30  
ARG HG2  H N N 31  
ARG HG3  H N N 32  
ARG HD2  H N N 33  
ARG HD3  H N N 34  
ARG HE   H N N 35  
ARG HH11 H N N 36  
ARG HH12 H N N 37  
ARG HH21 H N N 38  
ARG HH22 H N N 39  
ARG HXT  H N N 40  
ASN N    N N N 41  
ASN CA   C N S 42  
ASN C    C N N 43  
ASN O    O N N 44  
ASN CB   C N N 45  
ASN CG   C N N 46  
ASN OD1  O N N 47  
ASN ND2  N N N 48  
ASN OXT  O N N 49  
ASN H    H N N 50  
ASN H2   H N N 51  
ASN HA   H N N 52  
ASN HB2  H N N 53  
ASN HB3  H N N 54  
ASN HD21 H N N 55  
ASN HD22 H N N 56  
ASN HXT  H N N 57  
ASP N    N N N 58  
ASP CA   C N S 59  
ASP C    C N N 60  
ASP O    O N N 61  
ASP CB   C N N 62  
ASP CG   C N N 63  
ASP OD1  O N N 64  
ASP OD2  O N N 65  
ASP OXT  O N N 66  
ASP H    H N N 67  
ASP H2   H N N 68  
ASP HA   H N N 69  
ASP HB2  H N N 70  
ASP HB3  H N N 71  
ASP HD2  H N N 72  
ASP HXT  H N N 73  
GLN N    N N N 74  
GLN CA   C N S 75  
GLN C    C N N 76  
GLN O    O N N 77  
GLN CB   C N N 78  
GLN CG   C N N 79  
GLN CD   C N N 80  
GLN OE1  O N N 81  
GLN NE2  N N N 82  
GLN OXT  O N N 83  
GLN H    H N N 84  
GLN H2   H N N 85  
GLN HA   H N N 86  
GLN HB2  H N N 87  
GLN HB3  H N N 88  
GLN HG2  H N N 89  
GLN HG3  H N N 90  
GLN HE21 H N N 91  
GLN HE22 H N N 92  
GLN HXT  H N N 93  
GLU N    N N N 94  
GLU CA   C N S 95  
GLU C    C N N 96  
GLU O    O N N 97  
GLU CB   C N N 98  
GLU CG   C N N 99  
GLU CD   C N N 100 
GLU OE1  O N N 101 
GLU OE2  O N N 102 
GLU OXT  O N N 103 
GLU H    H N N 104 
GLU H2   H N N 105 
GLU HA   H N N 106 
GLU HB2  H N N 107 
GLU HB3  H N N 108 
GLU HG2  H N N 109 
GLU HG3  H N N 110 
GLU HE2  H N N 111 
GLU HXT  H N N 112 
GLY N    N N N 113 
GLY CA   C N N 114 
GLY C    C N N 115 
GLY O    O N N 116 
GLY OXT  O N N 117 
GLY H    H N N 118 
GLY H2   H N N 119 
GLY HA2  H N N 120 
GLY HA3  H N N 121 
GLY HXT  H N N 122 
HIS N    N N N 123 
HIS CA   C N S 124 
HIS C    C N N 125 
HIS O    O N N 126 
HIS CB   C N N 127 
HIS CG   C Y N 128 
HIS ND1  N Y N 129 
HIS CD2  C Y N 130 
HIS CE1  C Y N 131 
HIS NE2  N Y N 132 
HIS OXT  O N N 133 
HIS H    H N N 134 
HIS H2   H N N 135 
HIS HA   H N N 136 
HIS HB2  H N N 137 
HIS HB3  H N N 138 
HIS HD1  H N N 139 
HIS HD2  H N N 140 
HIS HE1  H N N 141 
HIS HE2  H N N 142 
HIS HXT  H N N 143 
HOH O    O N N 144 
HOH H1   H N N 145 
HOH H2   H N N 146 
ILE N    N N N 147 
ILE CA   C N S 148 
ILE C    C N N 149 
ILE O    O N N 150 
ILE CB   C N S 151 
ILE CG1  C N N 152 
ILE CG2  C N N 153 
ILE CD1  C N N 154 
ILE OXT  O N N 155 
ILE H    H N N 156 
ILE H2   H N N 157 
ILE HA   H N N 158 
ILE HB   H N N 159 
ILE HG12 H N N 160 
ILE HG13 H N N 161 
ILE HG21 H N N 162 
ILE HG22 H N N 163 
ILE HG23 H N N 164 
ILE HD11 H N N 165 
ILE HD12 H N N 166 
ILE HD13 H N N 167 
ILE HXT  H N N 168 
LEU N    N N N 169 
LEU CA   C N S 170 
LEU C    C N N 171 
LEU O    O N N 172 
LEU CB   C N N 173 
LEU CG   C N N 174 
LEU CD1  C N N 175 
LEU CD2  C N N 176 
LEU OXT  O N N 177 
LEU H    H N N 178 
LEU H2   H N N 179 
LEU HA   H N N 180 
LEU HB2  H N N 181 
LEU HB3  H N N 182 
LEU HG   H N N 183 
LEU HD11 H N N 184 
LEU HD12 H N N 185 
LEU HD13 H N N 186 
LEU HD21 H N N 187 
LEU HD22 H N N 188 
LEU HD23 H N N 189 
LEU HXT  H N N 190 
LYS N    N N N 191 
LYS CA   C N S 192 
LYS C    C N N 193 
LYS O    O N N 194 
LYS CB   C N N 195 
LYS CG   C N N 196 
LYS CD   C N N 197 
LYS CE   C N N 198 
LYS NZ   N N N 199 
LYS OXT  O N N 200 
LYS H    H N N 201 
LYS H2   H N N 202 
LYS HA   H N N 203 
LYS HB2  H N N 204 
LYS HB3  H N N 205 
LYS HG2  H N N 206 
LYS HG3  H N N 207 
LYS HD2  H N N 208 
LYS HD3  H N N 209 
LYS HE2  H N N 210 
LYS HE3  H N N 211 
LYS HZ1  H N N 212 
LYS HZ2  H N N 213 
LYS HZ3  H N N 214 
LYS HXT  H N N 215 
MET N    N N N 216 
MET CA   C N S 217 
MET C    C N N 218 
MET O    O N N 219 
MET CB   C N N 220 
MET CG   C N N 221 
MET SD   S N N 222 
MET CE   C N N 223 
MET OXT  O N N 224 
MET H    H N N 225 
MET H2   H N N 226 
MET HA   H N N 227 
MET HB2  H N N 228 
MET HB3  H N N 229 
MET HG2  H N N 230 
MET HG3  H N N 231 
MET HE1  H N N 232 
MET HE2  H N N 233 
MET HE3  H N N 234 
MET HXT  H N N 235 
PHE N    N N N 236 
PHE CA   C N S 237 
PHE C    C N N 238 
PHE O    O N N 239 
PHE CB   C N N 240 
PHE CG   C Y N 241 
PHE CD1  C Y N 242 
PHE CD2  C Y N 243 
PHE CE1  C Y N 244 
PHE CE2  C Y N 245 
PHE CZ   C Y N 246 
PHE OXT  O N N 247 
PHE H    H N N 248 
PHE H2   H N N 249 
PHE HA   H N N 250 
PHE HB2  H N N 251 
PHE HB3  H N N 252 
PHE HD1  H N N 253 
PHE HD2  H N N 254 
PHE HE1  H N N 255 
PHE HE2  H N N 256 
PHE HZ   H N N 257 
PHE HXT  H N N 258 
PRO N    N N N 259 
PRO CA   C N S 260 
PRO C    C N N 261 
PRO O    O N N 262 
PRO CB   C N N 263 
PRO CG   C N N 264 
PRO CD   C N N 265 
PRO OXT  O N N 266 
PRO H    H N N 267 
PRO HA   H N N 268 
PRO HB2  H N N 269 
PRO HB3  H N N 270 
PRO HG2  H N N 271 
PRO HG3  H N N 272 
PRO HD2  H N N 273 
PRO HD3  H N N 274 
PRO HXT  H N N 275 
SER N    N N N 276 
SER CA   C N S 277 
SER C    C N N 278 
SER O    O N N 279 
SER CB   C N N 280 
SER OG   O N N 281 
SER OXT  O N N 282 
SER H    H N N 283 
SER H2   H N N 284 
SER HA   H N N 285 
SER HB2  H N N 286 
SER HB3  H N N 287 
SER HG   H N N 288 
SER HXT  H N N 289 
THR N    N N N 290 
THR CA   C N S 291 
THR C    C N N 292 
THR O    O N N 293 
THR CB   C N R 294 
THR OG1  O N N 295 
THR CG2  C N N 296 
THR OXT  O N N 297 
THR H    H N N 298 
THR H2   H N N 299 
THR HA   H N N 300 
THR HB   H N N 301 
THR HG1  H N N 302 
THR HG21 H N N 303 
THR HG22 H N N 304 
THR HG23 H N N 305 
THR HXT  H N N 306 
TRP N    N N N 307 
TRP CA   C N S 308 
TRP C    C N N 309 
TRP O    O N N 310 
TRP CB   C N N 311 
TRP CG   C Y N 312 
TRP CD1  C Y N 313 
TRP CD2  C Y N 314 
TRP NE1  N Y N 315 
TRP CE2  C Y N 316 
TRP CE3  C Y N 317 
TRP CZ2  C Y N 318 
TRP CZ3  C Y N 319 
TRP CH2  C Y N 320 
TRP OXT  O N N 321 
TRP H    H N N 322 
TRP H2   H N N 323 
TRP HA   H N N 324 
TRP HB2  H N N 325 
TRP HB3  H N N 326 
TRP HD1  H N N 327 
TRP HE1  H N N 328 
TRP HE3  H N N 329 
TRP HZ2  H N N 330 
TRP HZ3  H N N 331 
TRP HH2  H N N 332 
TRP HXT  H N N 333 
TYR N    N N N 334 
TYR CA   C N S 335 
TYR C    C N N 336 
TYR O    O N N 337 
TYR CB   C N N 338 
TYR CG   C Y N 339 
TYR CD1  C Y N 340 
TYR CD2  C Y N 341 
TYR CE1  C Y N 342 
TYR CE2  C Y N 343 
TYR CZ   C Y N 344 
TYR OH   O N N 345 
TYR OXT  O N N 346 
TYR H    H N N 347 
TYR H2   H N N 348 
TYR HA   H N N 349 
TYR HB2  H N N 350 
TYR HB3  H N N 351 
TYR HD1  H N N 352 
TYR HD2  H N N 353 
TYR HE1  H N N 354 
TYR HE2  H N N 355 
TYR HH   H N N 356 
TYR HXT  H N N 357 
VAL N    N N N 358 
VAL CA   C N S 359 
VAL C    C N N 360 
VAL O    O N N 361 
VAL CB   C N N 362 
VAL CG1  C N N 363 
VAL CG2  C N N 364 
VAL OXT  O N N 365 
VAL H    H N N 366 
VAL H2   H N N 367 
VAL HA   H N N 368 
VAL HB   H N N 369 
VAL HG11 H N N 370 
VAL HG12 H N N 371 
VAL HG13 H N N 372 
VAL HG21 H N N 373 
VAL HG22 H N N 374 
VAL HG23 H N N 375 
VAL HXT  H N N 376 
# 
loop_
_chem_comp_bond.comp_id 
_chem_comp_bond.atom_id_1 
_chem_comp_bond.atom_id_2 
_chem_comp_bond.value_order 
_chem_comp_bond.pdbx_aromatic_flag 
_chem_comp_bond.pdbx_stereo_config 
_chem_comp_bond.pdbx_ordinal 
ALA N   CA   sing N N 1   
ALA N   H    sing N N 2   
ALA N   H2   sing N N 3   
ALA CA  C    sing N N 4   
ALA CA  CB   sing N N 5   
ALA CA  HA   sing N N 6   
ALA C   O    doub N N 7   
ALA C   OXT  sing N N 8   
ALA CB  HB1  sing N N 9   
ALA CB  HB2  sing N N 10  
ALA CB  HB3  sing N N 11  
ALA OXT HXT  sing N N 12  
ARG N   CA   sing N N 13  
ARG N   H    sing N N 14  
ARG N   H2   sing N N 15  
ARG CA  C    sing N N 16  
ARG CA  CB   sing N N 17  
ARG CA  HA   sing N N 18  
ARG C   O    doub N N 19  
ARG C   OXT  sing N N 20  
ARG CB  CG   sing N N 21  
ARG CB  HB2  sing N N 22  
ARG CB  HB3  sing N N 23  
ARG CG  CD   sing N N 24  
ARG CG  HG2  sing N N 25  
ARG CG  HG3  sing N N 26  
ARG CD  NE   sing N N 27  
ARG CD  HD2  sing N N 28  
ARG CD  HD3  sing N N 29  
ARG NE  CZ   sing N N 30  
ARG NE  HE   sing N N 31  
ARG CZ  NH1  sing N N 32  
ARG CZ  NH2  doub N N 33  
ARG NH1 HH11 sing N N 34  
ARG NH1 HH12 sing N N 35  
ARG NH2 HH21 sing N N 36  
ARG NH2 HH22 sing N N 37  
ARG OXT HXT  sing N N 38  
ASN N   CA   sing N N 39  
ASN N   H    sing N N 40  
ASN N   H2   sing N N 41  
ASN CA  C    sing N N 42  
ASN CA  CB   sing N N 43  
ASN CA  HA   sing N N 44  
ASN C   O    doub N N 45  
ASN C   OXT  sing N N 46  
ASN CB  CG   sing N N 47  
ASN CB  HB2  sing N N 48  
ASN CB  HB3  sing N N 49  
ASN CG  OD1  doub N N 50  
ASN CG  ND2  sing N N 51  
ASN ND2 HD21 sing N N 52  
ASN ND2 HD22 sing N N 53  
ASN OXT HXT  sing N N 54  
ASP N   CA   sing N N 55  
ASP N   H    sing N N 56  
ASP N   H2   sing N N 57  
ASP CA  C    sing N N 58  
ASP CA  CB   sing N N 59  
ASP CA  HA   sing N N 60  
ASP C   O    doub N N 61  
ASP C   OXT  sing N N 62  
ASP CB  CG   sing N N 63  
ASP CB  HB2  sing N N 64  
ASP CB  HB3  sing N N 65  
ASP CG  OD1  doub N N 66  
ASP CG  OD2  sing N N 67  
ASP OD2 HD2  sing N N 68  
ASP OXT HXT  sing N N 69  
GLN N   CA   sing N N 70  
GLN N   H    sing N N 71  
GLN N   H2   sing N N 72  
GLN CA  C    sing N N 73  
GLN CA  CB   sing N N 74  
GLN CA  HA   sing N N 75  
GLN C   O    doub N N 76  
GLN C   OXT  sing N N 77  
GLN CB  CG   sing N N 78  
GLN CB  HB2  sing N N 79  
GLN CB  HB3  sing N N 80  
GLN CG  CD   sing N N 81  
GLN CG  HG2  sing N N 82  
GLN CG  HG3  sing N N 83  
GLN CD  OE1  doub N N 84  
GLN CD  NE2  sing N N 85  
GLN NE2 HE21 sing N N 86  
GLN NE2 HE22 sing N N 87  
GLN OXT HXT  sing N N 88  
GLU N   CA   sing N N 89  
GLU N   H    sing N N 90  
GLU N   H2   sing N N 91  
GLU CA  C    sing N N 92  
GLU CA  CB   sing N N 93  
GLU CA  HA   sing N N 94  
GLU C   O    doub N N 95  
GLU C   OXT  sing N N 96  
GLU CB  CG   sing N N 97  
GLU CB  HB2  sing N N 98  
GLU CB  HB3  sing N N 99  
GLU CG  CD   sing N N 100 
GLU CG  HG2  sing N N 101 
GLU CG  HG3  sing N N 102 
GLU CD  OE1  doub N N 103 
GLU CD  OE2  sing N N 104 
GLU OE2 HE2  sing N N 105 
GLU OXT HXT  sing N N 106 
GLY N   CA   sing N N 107 
GLY N   H    sing N N 108 
GLY N   H2   sing N N 109 
GLY CA  C    sing N N 110 
GLY CA  HA2  sing N N 111 
GLY CA  HA3  sing N N 112 
GLY C   O    doub N N 113 
GLY C   OXT  sing N N 114 
GLY OXT HXT  sing N N 115 
HIS N   CA   sing N N 116 
HIS N   H    sing N N 117 
HIS N   H2   sing N N 118 
HIS CA  C    sing N N 119 
HIS CA  CB   sing N N 120 
HIS CA  HA   sing N N 121 
HIS C   O    doub N N 122 
HIS C   OXT  sing N N 123 
HIS CB  CG   sing N N 124 
HIS CB  HB2  sing N N 125 
HIS CB  HB3  sing N N 126 
HIS CG  ND1  sing Y N 127 
HIS CG  CD2  doub Y N 128 
HIS ND1 CE1  doub Y N 129 
HIS ND1 HD1  sing N N 130 
HIS CD2 NE2  sing Y N 131 
HIS CD2 HD2  sing N N 132 
HIS CE1 NE2  sing Y N 133 
HIS CE1 HE1  sing N N 134 
HIS NE2 HE2  sing N N 135 
HIS OXT HXT  sing N N 136 
HOH O   H1   sing N N 137 
HOH O   H2   sing N N 138 
ILE N   CA   sing N N 139 
ILE N   H    sing N N 140 
ILE N   H2   sing N N 141 
ILE CA  C    sing N N 142 
ILE CA  CB   sing N N 143 
ILE CA  HA   sing N N 144 
ILE C   O    doub N N 145 
ILE C   OXT  sing N N 146 
ILE CB  CG1  sing N N 147 
ILE CB  CG2  sing N N 148 
ILE CB  HB   sing N N 149 
ILE CG1 CD1  sing N N 150 
ILE CG1 HG12 sing N N 151 
ILE CG1 HG13 sing N N 152 
ILE CG2 HG21 sing N N 153 
ILE CG2 HG22 sing N N 154 
ILE CG2 HG23 sing N N 155 
ILE CD1 HD11 sing N N 156 
ILE CD1 HD12 sing N N 157 
ILE CD1 HD13 sing N N 158 
ILE OXT HXT  sing N N 159 
LEU N   CA   sing N N 160 
LEU N   H    sing N N 161 
LEU N   H2   sing N N 162 
LEU CA  C    sing N N 163 
LEU CA  CB   sing N N 164 
LEU CA  HA   sing N N 165 
LEU C   O    doub N N 166 
LEU C   OXT  sing N N 167 
LEU CB  CG   sing N N 168 
LEU CB  HB2  sing N N 169 
LEU CB  HB3  sing N N 170 
LEU CG  CD1  sing N N 171 
LEU CG  CD2  sing N N 172 
LEU CG  HG   sing N N 173 
LEU CD1 HD11 sing N N 174 
LEU CD1 HD12 sing N N 175 
LEU CD1 HD13 sing N N 176 
LEU CD2 HD21 sing N N 177 
LEU CD2 HD22 sing N N 178 
LEU CD2 HD23 sing N N 179 
LEU OXT HXT  sing N N 180 
LYS N   CA   sing N N 181 
LYS N   H    sing N N 182 
LYS N   H2   sing N N 183 
LYS CA  C    sing N N 184 
LYS CA  CB   sing N N 185 
LYS CA  HA   sing N N 186 
LYS C   O    doub N N 187 
LYS C   OXT  sing N N 188 
LYS CB  CG   sing N N 189 
LYS CB  HB2  sing N N 190 
LYS CB  HB3  sing N N 191 
LYS CG  CD   sing N N 192 
LYS CG  HG2  sing N N 193 
LYS CG  HG3  sing N N 194 
LYS CD  CE   sing N N 195 
LYS CD  HD2  sing N N 196 
LYS CD  HD3  sing N N 197 
LYS CE  NZ   sing N N 198 
LYS CE  HE2  sing N N 199 
LYS CE  HE3  sing N N 200 
LYS NZ  HZ1  sing N N 201 
LYS NZ  HZ2  sing N N 202 
LYS NZ  HZ3  sing N N 203 
LYS OXT HXT  sing N N 204 
MET N   CA   sing N N 205 
MET N   H    sing N N 206 
MET N   H2   sing N N 207 
MET CA  C    sing N N 208 
MET CA  CB   sing N N 209 
MET CA  HA   sing N N 210 
MET C   O    doub N N 211 
MET C   OXT  sing N N 212 
MET CB  CG   sing N N 213 
MET CB  HB2  sing N N 214 
MET CB  HB3  sing N N 215 
MET CG  SD   sing N N 216 
MET CG  HG2  sing N N 217 
MET CG  HG3  sing N N 218 
MET SD  CE   sing N N 219 
MET CE  HE1  sing N N 220 
MET CE  HE2  sing N N 221 
MET CE  HE3  sing N N 222 
MET OXT HXT  sing N N 223 
PHE N   CA   sing N N 224 
PHE N   H    sing N N 225 
PHE N   H2   sing N N 226 
PHE CA  C    sing N N 227 
PHE CA  CB   sing N N 228 
PHE CA  HA   sing N N 229 
PHE C   O    doub N N 230 
PHE C   OXT  sing N N 231 
PHE CB  CG   sing N N 232 
PHE CB  HB2  sing N N 233 
PHE CB  HB3  sing N N 234 
PHE CG  CD1  doub Y N 235 
PHE CG  CD2  sing Y N 236 
PHE CD1 CE1  sing Y N 237 
PHE CD1 HD1  sing N N 238 
PHE CD2 CE2  doub Y N 239 
PHE CD2 HD2  sing N N 240 
PHE CE1 CZ   doub Y N 241 
PHE CE1 HE1  sing N N 242 
PHE CE2 CZ   sing Y N 243 
PHE CE2 HE2  sing N N 244 
PHE CZ  HZ   sing N N 245 
PHE OXT HXT  sing N N 246 
PRO N   CA   sing N N 247 
PRO N   CD   sing N N 248 
PRO N   H    sing N N 249 
PRO CA  C    sing N N 250 
PRO CA  CB   sing N N 251 
PRO CA  HA   sing N N 252 
PRO C   O    doub N N 253 
PRO C   OXT  sing N N 254 
PRO CB  CG   sing N N 255 
PRO CB  HB2  sing N N 256 
PRO CB  HB3  sing N N 257 
PRO CG  CD   sing N N 258 
PRO CG  HG2  sing N N 259 
PRO CG  HG3  sing N N 260 
PRO CD  HD2  sing N N 261 
PRO CD  HD3  sing N N 262 
PRO OXT HXT  sing N N 263 
SER N   CA   sing N N 264 
SER N   H    sing N N 265 
SER N   H2   sing N N 266 
SER CA  C    sing N N 267 
SER CA  CB   sing N N 268 
SER CA  HA   sing N N 269 
SER C   O    doub N N 270 
SER C   OXT  sing N N 271 
SER CB  OG   sing N N 272 
SER CB  HB2  sing N N 273 
SER CB  HB3  sing N N 274 
SER OG  HG   sing N N 275 
SER OXT HXT  sing N N 276 
THR N   CA   sing N N 277 
THR N   H    sing N N 278 
THR N   H2   sing N N 279 
THR CA  C    sing N N 280 
THR CA  CB   sing N N 281 
THR CA  HA   sing N N 282 
THR C   O    doub N N 283 
THR C   OXT  sing N N 284 
THR CB  OG1  sing N N 285 
THR CB  CG2  sing N N 286 
THR CB  HB   sing N N 287 
THR OG1 HG1  sing N N 288 
THR CG2 HG21 sing N N 289 
THR CG2 HG22 sing N N 290 
THR CG2 HG23 sing N N 291 
THR OXT HXT  sing N N 292 
TRP N   CA   sing N N 293 
TRP N   H    sing N N 294 
TRP N   H2   sing N N 295 
TRP CA  C    sing N N 296 
TRP CA  CB   sing N N 297 
TRP CA  HA   sing N N 298 
TRP C   O    doub N N 299 
TRP C   OXT  sing N N 300 
TRP CB  CG   sing N N 301 
TRP CB  HB2  sing N N 302 
TRP CB  HB3  sing N N 303 
TRP CG  CD1  doub Y N 304 
TRP CG  CD2  sing Y N 305 
TRP CD1 NE1  sing Y N 306 
TRP CD1 HD1  sing N N 307 
TRP CD2 CE2  doub Y N 308 
TRP CD2 CE3  sing Y N 309 
TRP NE1 CE2  sing Y N 310 
TRP NE1 HE1  sing N N 311 
TRP CE2 CZ2  sing Y N 312 
TRP CE3 CZ3  doub Y N 313 
TRP CE3 HE3  sing N N 314 
TRP CZ2 CH2  doub Y N 315 
TRP CZ2 HZ2  sing N N 316 
TRP CZ3 CH2  sing Y N 317 
TRP CZ3 HZ3  sing N N 318 
TRP CH2 HH2  sing N N 319 
TRP OXT HXT  sing N N 320 
TYR N   CA   sing N N 321 
TYR N   H    sing N N 322 
TYR N   H2   sing N N 323 
TYR CA  C    sing N N 324 
TYR CA  CB   sing N N 325 
TYR CA  HA   sing N N 326 
TYR C   O    doub N N 327 
TYR C   OXT  sing N N 328 
TYR CB  CG   sing N N 329 
TYR CB  HB2  sing N N 330 
TYR CB  HB3  sing N N 331 
TYR CG  CD1  doub Y N 332 
TYR CG  CD2  sing Y N 333 
TYR CD1 CE1  sing Y N 334 
TYR CD1 HD1  sing N N 335 
TYR CD2 CE2  doub Y N 336 
TYR CD2 HD2  sing N N 337 
TYR CE1 CZ   doub Y N 338 
TYR CE1 HE1  sing N N 339 
TYR CE2 CZ   sing Y N 340 
TYR CE2 HE2  sing N N 341 
TYR CZ  OH   sing N N 342 
TYR OH  HH   sing N N 343 
TYR OXT HXT  sing N N 344 
VAL N   CA   sing N N 345 
VAL N   H    sing N N 346 
VAL N   H2   sing N N 347 
VAL CA  C    sing N N 348 
VAL CA  CB   sing N N 349 
VAL CA  HA   sing N N 350 
VAL C   O    doub N N 351 
VAL C   OXT  sing N N 352 
VAL CB  CG1  sing N N 353 
VAL CB  CG2  sing N N 354 
VAL CB  HB   sing N N 355 
VAL CG1 HG11 sing N N 356 
VAL CG1 HG12 sing N N 357 
VAL CG1 HG13 sing N N 358 
VAL CG2 HG21 sing N N 359 
VAL CG2 HG22 sing N N 360 
VAL CG2 HG23 sing N N 361 
VAL OXT HXT  sing N N 362 
# 
_atom_sites.entry_id                    1WJ9 
_atom_sites.fract_transf_matrix[1][1]   -0.00817820 
_atom_sites.fract_transf_matrix[1][2]   -0.00391475 
_atom_sites.fract_transf_matrix[1][3]   -0.01202441 
_atom_sites.fract_transf_matrix[2][1]   -0.01154833 
_atom_sites.fract_transf_matrix[2][2]   0.00861627 
_atom_sites.fract_transf_matrix[2][3]   -0.00438173 
_atom_sites.fract_transf_matrix[3][1]   0.00702681 
_atom_sites.fract_transf_matrix[3][2]   0.00599502 
_atom_sites.fract_transf_matrix[3][3]   -0.00673095 
_atom_sites.fract_transf_vector[1]      0.555544 
_atom_sites.fract_transf_vector[2]      0.499334 
_atom_sites.fract_transf_vector[3]      0.158833 
# 
loop_
_atom_type.symbol 
C 
N 
O 
S 
# 
loop_
_atom_site.group_PDB 
_atom_site.id 
_atom_site.type_symbol 
_atom_site.label_atom_id 
_atom_site.label_alt_id 
_atom_site.label_comp_id 
_atom_site.label_asym_id 
_atom_site.label_entity_id 
_atom_site.label_seq_id 
_atom_site.pdbx_PDB_ins_code 
_atom_site.Cartn_x 
_atom_site.Cartn_y 
_atom_site.Cartn_z 
_atom_site.occupancy 
_atom_site.B_iso_or_equiv 
_atom_site.pdbx_formal_charge 
_atom_site.auth_seq_id 
_atom_site.auth_comp_id 
_atom_site.auth_asym_id 
_atom_site.auth_atom_id 
_atom_site.pdbx_PDB_model_num 
ATOM   1    N N   . MET A 1 1   ? -8.610  -10.787 2.831   1.00 21.89 ? 1   MET A N   1 
ATOM   2    C CA  . MET A 1 1   ? -8.247  -9.376  3.147   1.00 23.23 ? 1   MET A CA  1 
ATOM   3    C C   . MET A 1 1   ? -9.482  -8.480  3.107   1.00 23.31 ? 1   MET A C   1 
ATOM   4    O O   . MET A 1 1   ? -10.541 -8.882  2.625   1.00 23.94 ? 1   MET A O   1 
ATOM   5    C CB  . MET A 1 1   ? -7.212  -8.846  2.141   1.00 21.94 ? 1   MET A CB  1 
ATOM   6    C CG  . MET A 1 1   ? -5.827  -9.473  2.241   1.00 22.52 ? 1   MET A CG  1 
ATOM   7    S SD  . MET A 1 1   ? -4.780  -9.146  0.783   1.00 22.28 ? 1   MET A SD  1 
ATOM   8    C CE  . MET A 1 1   ? -5.370  -10.458 -0.326  1.00 21.61 ? 1   MET A CE  1 
ATOM   9    N N   . TRP A 1 2   ? -9.335  -7.269  3.637   1.00 21.26 ? 2   TRP A N   1 
ATOM   10   C CA  . TRP A 1 2   ? -10.403 -6.276  3.636   1.00 21.79 ? 2   TRP A CA  1 
ATOM   11   C C   . TRP A 1 2   ? -9.797  -4.973  3.135   1.00 21.06 ? 2   TRP A C   1 
ATOM   12   O O   . TRP A 1 2   ? -8.695  -4.598  3.545   1.00 20.75 ? 2   TRP A O   1 
ATOM   13   C CB  . TRP A 1 2   ? -10.968 -6.048  5.048   1.00 22.84 ? 2   TRP A CB  1 
ATOM   14   C CG  . TRP A 1 2   ? -11.853 -7.149  5.571   1.00 23.63 ? 2   TRP A CG  1 
ATOM   15   C CD1 . TRP A 1 2   ? -11.457 -8.276  6.229   1.00 25.13 ? 2   TRP A CD1 1 
ATOM   16   C CD2 . TRP A 1 2   ? -13.286 -7.205  5.511   1.00 25.94 ? 2   TRP A CD2 1 
ATOM   17   N NE1 . TRP A 1 2   ? -12.554 -9.029  6.589   1.00 24.77 ? 2   TRP A NE1 1 
ATOM   18   C CE2 . TRP A 1 2   ? -13.688 -8.396  6.159   1.00 25.48 ? 2   TRP A CE2 1 
ATOM   19   C CE3 . TRP A 1 2   ? -14.270 -6.362  4.977   1.00 25.85 ? 2   TRP A CE3 1 
ATOM   20   C CZ2 . TRP A 1 2   ? -15.033 -8.764  6.287   1.00 28.61 ? 2   TRP A CZ2 1 
ATOM   21   C CZ3 . TRP A 1 2   ? -15.610 -6.731  5.107   1.00 26.87 ? 2   TRP A CZ3 1 
ATOM   22   C CH2 . TRP A 1 2   ? -15.975 -7.922  5.757   1.00 26.58 ? 2   TRP A CH2 1 
ATOM   23   N N   . LEU A 1 3   ? -10.477 -4.326  2.198   1.00 19.36 ? 3   LEU A N   1 
ATOM   24   C CA  . LEU A 1 3   ? -10.005 -3.059  1.670   1.00 19.44 ? 3   LEU A CA  1 
ATOM   25   C C   . LEU A 1 3   ? -10.995 -1.960  2.029   1.00 20.84 ? 3   LEU A C   1 
ATOM   26   O O   . LEU A 1 3   ? -12.200 -2.093  1.806   1.00 22.05 ? 3   LEU A O   1 
ATOM   27   C CB  . LEU A 1 3   ? -9.832  -3.123  0.153   1.00 19.72 ? 3   LEU A CB  1 
ATOM   28   C CG  . LEU A 1 3   ? -8.701  -4.000  -0.399  1.00 20.01 ? 3   LEU A CG  1 
ATOM   29   C CD1 . LEU A 1 3   ? -8.811  -4.082  -1.929  1.00 19.15 ? 3   LEU A CD1 1 
ATOM   30   C CD2 . LEU A 1 3   ? -7.353  -3.428  0.006   1.00 19.71 ? 3   LEU A CD2 1 
ATOM   31   N N   . THR A 1 4   ? -10.483 -0.875  2.593   1.00 21.81 ? 4   THR A N   1 
ATOM   32   C CA  . THR A 1 4   ? -11.329 0.246   2.966   1.00 21.60 ? 4   THR A CA  1 
ATOM   33   C C   . THR A 1 4   ? -10.776 1.517   2.349   1.00 23.01 ? 4   THR A C   1 
ATOM   34   O O   . THR A 1 4   ? -9.576  1.782   2.443   1.00 20.75 ? 4   THR A O   1 
ATOM   35   C CB  . THR A 1 4   ? -11.356 0.466   4.495   1.00 22.64 ? 4   THR A CB  1 
ATOM   36   O OG1 . THR A 1 4   ? -11.746 -0.738  5.161   1.00 21.36 ? 4   THR A OG1 1 
ATOM   37   C CG2 . THR A 1 4   ? -12.349 1.577   4.851   1.00 24.62 ? 4   THR A CG2 1 
ATOM   38   N N   . LYS A 1 5   ? -11.645 2.281   1.693   1.00 23.63 ? 5   LYS A N   1 
ATOM   39   C CA  . LYS A 1 5   ? -11.249 3.557   1.114   1.00 24.94 ? 5   LYS A CA  1 
ATOM   40   C C   . LYS A 1 5   ? -11.710 4.637   2.077   1.00 25.24 ? 5   LYS A C   1 
ATOM   41   O O   . LYS A 1 5   ? -12.900 4.737   2.392   1.00 25.76 ? 5   LYS A O   1 
ATOM   42   C CB  . LYS A 1 5   ? -11.901 3.794   -0.247  1.00 27.95 ? 5   LYS A CB  1 
ATOM   43   C CG  . LYS A 1 5   ? -11.205 3.131   -1.413  1.00 35.44 ? 5   LYS A CG  1 
ATOM   44   C CD  . LYS A 1 5   ? -11.704 3.717   -2.730  1.00 39.97 ? 5   LYS A CD  1 
ATOM   45   C CE  . LYS A 1 5   ? -10.909 3.185   -3.912  1.00 41.63 ? 5   LYS A CE  1 
ATOM   46   N NZ  . LYS A 1 5   ? -11.337 3.817   -5.196  1.00 44.08 ? 5   LYS A NZ  1 
ATOM   47   N N   . LEU A 1 6   ? -10.759 5.418   2.578   1.00 23.46 ? 6   LEU A N   1 
ATOM   48   C CA  . LEU A 1 6   ? -11.071 6.501   3.499   1.00 23.32 ? 6   LEU A CA  1 
ATOM   49   C C   . LEU A 1 6   ? -10.762 7.818   2.805   1.00 23.66 ? 6   LEU A C   1 
ATOM   50   O O   . LEU A 1 6   ? -9.702  7.963   2.195   1.00 21.23 ? 6   LEU A O   1 
ATOM   51   C CB  . LEU A 1 6   ? -10.206 6.402   4.755   1.00 24.31 ? 6   LEU A CB  1 
ATOM   52   C CG  . LEU A 1 6   ? -10.293 5.148   5.623   1.00 24.08 ? 6   LEU A CG  1 
ATOM   53   C CD1 . LEU A 1 6   ? -9.278  5.255   6.746   1.00 22.47 ? 6   LEU A CD1 1 
ATOM   54   C CD2 . LEU A 1 6   ? -11.698 5.000   6.192   1.00 24.90 ? 6   LEU A CD2 1 
ATOM   55   N N   . VAL A 1 7   ? -11.710 8.747   2.837   1.00 22.32 ? 7   VAL A N   1 
ATOM   56   C CA  . VAL A 1 7   ? -11.493 10.063  2.241   1.00 22.86 ? 7   VAL A CA  1 
ATOM   57   C C   . VAL A 1 7   ? -11.338 10.997  3.433   1.00 23.11 ? 7   VAL A C   1 
ATOM   58   O O   . VAL A 1 7   ? -12.322 11.363  4.077   1.00 23.03 ? 7   VAL A O   1 
ATOM   59   C CB  . VAL A 1 7   ? -12.685 10.528  1.367   1.00 23.70 ? 7   VAL A CB  1 
ATOM   60   C CG1 . VAL A 1 7   ? -12.349 11.858  0.689   1.00 24.35 ? 7   VAL A CG1 1 
ATOM   61   C CG2 . VAL A 1 7   ? -13.013 9.482   0.316   1.00 25.09 ? 7   VAL A CG2 1 
ATOM   62   N N   . LEU A 1 8   ? -10.096 11.313  3.778   1.00 21.98 ? 8   LEU A N   1 
ATOM   63   C CA  . LEU A 1 8   ? -9.836  12.179  4.916   1.00 24.55 ? 8   LEU A CA  1 
ATOM   64   C C   . LEU A 1 8   ? -10.389 13.585  4.740   1.00 24.66 ? 8   LEU A C   1 
ATOM   65   O O   . LEU A 1 8   ? -10.389 14.136  3.642   1.00 25.22 ? 8   LEU A O   1 
ATOM   66   C CB  . LEU A 1 8   ? -8.347  12.198  5.269   1.00 23.44 ? 8   LEU A CB  1 
ATOM   67   C CG  . LEU A 1 8   ? -8.000  11.106  6.293   1.00 25.77 ? 8   LEU A CG  1 
ATOM   68   C CD1 . LEU A 1 8   ? -8.176  9.721   5.684   1.00 23.51 ? 8   LEU A CD1 1 
ATOM   69   C CD2 . LEU A 1 8   ? -6.603  11.294  6.803   1.00 25.65 ? 8   LEU A CD2 1 
ATOM   70   N N   . ASN A 1 9   ? -10.916 14.129  5.828   1.00 24.70 ? 9   ASN A N   1 
ATOM   71   C CA  . ASN A 1 9   ? -11.505 15.462  5.820   1.00 25.05 ? 9   ASN A CA  1 
ATOM   72   C C   . ASN A 1 9   ? -10.506 16.454  6.401   1.00 22.57 ? 9   ASN A C   1 
ATOM   73   O O   . ASN A 1 9   ? -10.255 16.456  7.604   1.00 23.06 ? 9   ASN A O   1 
ATOM   74   C CB  . ASN A 1 9   ? -12.795 15.451  6.649   1.00 27.77 ? 9   ASN A CB  1 
ATOM   75   C CG  . ASN A 1 9   ? -13.574 16.751  6.548   1.00 32.11 ? 9   ASN A CG  1 
ATOM   76   O OD1 . ASN A 1 9   ? -13.086 17.752  6.017   1.00 30.77 ? 9   ASN A OD1 1 
ATOM   77   N ND2 . ASN A 1 9   ? -14.802 16.736  7.058   1.00 34.13 ? 9   ASN A ND2 1 
ATOM   78   N N   . PRO A 1 10  ? -9.915  17.312  5.551   1.00 21.80 ? 10  PRO A N   1 
ATOM   79   C CA  . PRO A 1 10  ? -8.941  18.295  6.039   1.00 21.89 ? 10  PRO A CA  1 
ATOM   80   C C   . PRO A 1 10  ? -9.520  19.347  6.996   1.00 21.19 ? 10  PRO A C   1 
ATOM   81   O O   . PRO A 1 10  ? -8.793  20.215  7.461   1.00 20.11 ? 10  PRO A O   1 
ATOM   82   C CB  . PRO A 1 10  ? -8.403  18.921  4.750   1.00 23.38 ? 10  PRO A CB  1 
ATOM   83   C CG  . PRO A 1 10  ? -8.599  17.824  3.731   1.00 23.64 ? 10  PRO A CG  1 
ATOM   84   C CD  . PRO A 1 10  ? -9.975  17.331  4.081   1.00 21.95 ? 10  PRO A CD  1 
ATOM   85   N N   . ALA A 1 11  ? -10.824 19.287  7.265   1.00 23.22 ? 11  ALA A N   1 
ATOM   86   C CA  . ALA A 1 11  ? -11.448 20.221  8.217   1.00 23.54 ? 11  ALA A CA  1 
ATOM   87   C C   . ALA A 1 11  ? -11.096 19.746  9.627   1.00 25.33 ? 11  ALA A C   1 
ATOM   88   O O   . ALA A 1 11  ? -11.206 20.490  10.605  1.00 24.95 ? 11  ALA A O   1 
ATOM   89   C CB  . ALA A 1 11  ? -12.961 20.228  8.050   1.00 23.04 ? 11  ALA A CB  1 
ATOM   90   N N   . SER A 1 12  ? -10.726 18.473  9.718   1.00 24.57 ? 12  SER A N   1 
ATOM   91   C CA  . SER A 1 12  ? -10.353 17.846  10.977  1.00 24.41 ? 12  SER A CA  1 
ATOM   92   C C   . SER A 1 12  ? -8.874  18.048  11.273  1.00 24.56 ? 12  SER A C   1 
ATOM   93   O O   . SER A 1 12  ? -8.015  17.661  10.477  1.00 25.08 ? 12  SER A O   1 
ATOM   94   C CB  . SER A 1 12  ? -10.678 16.348  10.914  1.00 24.53 ? 12  SER A CB  1 
ATOM   95   O OG  . SER A 1 12  ? -9.981  15.613  11.904  1.00 24.98 ? 12  SER A OG  1 
ATOM   96   N N   . ARG A 1 13  ? -8.584  18.648  12.425  1.00 24.11 ? 13  ARG A N   1 
ATOM   97   C CA  . ARG A 1 13  ? -7.209  18.884  12.851  1.00 25.17 ? 13  ARG A CA  1 
ATOM   98   C C   . ARG A 1 13  ? -6.454  17.563  12.991  1.00 25.31 ? 13  ARG A C   1 
ATOM   99   O O   . ARG A 1 13  ? -5.285  17.466  12.609  1.00 24.73 ? 13  ARG A O   1 
ATOM   100  C CB  . ARG A 1 13  ? -7.188  19.636  14.188  1.00 28.38 ? 13  ARG A CB  1 
ATOM   101  C CG  . ARG A 1 13  ? -5.808  19.752  14.829  1.00 29.32 ? 13  ARG A CG  1 
ATOM   102  C CD  . ARG A 1 13  ? -4.835  20.508  13.945  1.00 33.20 ? 13  ARG A CD  1 
ATOM   103  N NE  . ARG A 1 13  ? -3.475  20.502  14.486  1.00 34.92 ? 13  ARG A NE  1 
ATOM   104  C CZ  . ARG A 1 13  ? -2.425  19.966  13.868  1.00 35.54 ? 13  ARG A CZ  1 
ATOM   105  N NH1 . ARG A 1 13  ? -2.572  19.386  12.682  1.00 33.16 ? 13  ARG A NH1 1 
ATOM   106  N NH2 . ARG A 1 13  ? -1.226  20.011  14.435  1.00 34.41 ? 13  ARG A NH2 1 
ATOM   107  N N   . ALA A 1 14  ? -7.120  16.562  13.562  1.00 25.47 ? 14  ALA A N   1 
ATOM   108  C CA  . ALA A 1 14  ? -6.525  15.240  13.755  1.00 24.98 ? 14  ALA A CA  1 
ATOM   109  C C   . ALA A 1 14  ? -6.185  14.597  12.413  1.00 23.37 ? 14  ALA A C   1 
ATOM   110  O O   . ALA A 1 14  ? -5.136  13.966  12.273  1.00 23.25 ? 14  ALA A O   1 
ATOM   111  C CB  . ALA A 1 14  ? -7.464  14.345  14.549  1.00 25.61 ? 14  ALA A CB  1 
ATOM   112  N N   . ALA A 1 15  ? -7.081  14.745  11.440  1.00 23.97 ? 15  ALA A N   1 
ATOM   113  C CA  . ALA A 1 15  ? -6.862  14.197  10.101  1.00 23.56 ? 15  ALA A CA  1 
ATOM   114  C C   . ALA A 1 15  ? -5.636  14.848  9.464   1.00 24.04 ? 15  ALA A C   1 
ATOM   115  O O   . ALA A 1 15  ? -4.812  14.164  8.847   1.00 23.28 ? 15  ALA A O   1 
ATOM   116  C CB  . ALA A 1 15  ? -8.088  14.408  9.226   1.00 23.57 ? 15  ALA A CB  1 
ATOM   117  N N   . ARG A 1 16  ? -5.501  16.163  9.628   1.00 22.23 ? 16  ARG A N   1 
ATOM   118  C CA  . ARG A 1 16  ? -4.353  16.880  9.069   1.00 22.60 ? 16  ARG A CA  1 
ATOM   119  C C   . ARG A 1 16  ? -3.049  16.451  9.736   1.00 23.73 ? 16  ARG A C   1 
ATOM   120  O O   . ARG A 1 16  ? -2.010  16.341  9.076   1.00 23.64 ? 16  ARG A O   1 
ATOM   121  C CB  . ARG A 1 16  ? -4.531  18.397  9.201   1.00 23.50 ? 16  ARG A CB  1 
ATOM   122  C CG  . ARG A 1 16  ? -5.729  18.939  8.449   1.00 22.03 ? 16  ARG A CG  1 
ATOM   123  C CD  . ARG A 1 16  ? -5.581  20.433  8.174   1.00 22.75 ? 16  ARG A CD  1 
ATOM   124  N NE  . ARG A 1 16  ? -5.389  21.200  9.404   1.00 21.84 ? 16  ARG A NE  1 
ATOM   125  C CZ  . ARG A 1 16  ? -6.377  21.697  10.142  1.00 19.01 ? 16  ARG A CZ  1 
ATOM   126  N NH1 . ARG A 1 16  ? -7.644  21.510  9.787   1.00 22.19 ? 16  ARG A NH1 1 
ATOM   127  N NH2 . ARG A 1 16  ? -6.090  22.423  11.212  1.00 21.67 ? 16  ARG A NH2 1 
ATOM   128  N N   . ARG A 1 17  ? -3.108  16.212  11.044  1.00 23.43 ? 17  ARG A N   1 
ATOM   129  C CA  . ARG A 1 17  ? -1.941  15.782  11.808  1.00 25.97 ? 17  ARG A CA  1 
ATOM   130  C C   . ARG A 1 17  ? -1.458  14.427  11.289  1.00 23.65 ? 17  ARG A C   1 
ATOM   131  O O   . ARG A 1 17  ? -0.263  14.217  11.084  1.00 25.43 ? 17  ARG A O   1 
ATOM   132  C CB  . ARG A 1 17  ? -2.311  15.679  13.290  1.00 29.39 ? 17  ARG A CB  1 
ATOM   133  C CG  . ARG A 1 17  ? -1.266  15.017  14.175  1.00 36.11 ? 17  ARG A CG  1 
ATOM   134  C CD  . ARG A 1 17  ? -1.789  14.873  15.601  1.00 41.35 ? 17  ARG A CD  1 
ATOM   135  N NE  . ARG A 1 17  ? -3.097  14.215  15.627  1.00 46.92 ? 17  ARG A NE  1 
ATOM   136  C CZ  . ARG A 1 17  ? -3.275  12.897  15.587  1.00 48.64 ? 17  ARG A CZ  1 
ATOM   137  N NH1 . ARG A 1 17  ? -2.227  12.088  15.531  1.00 50.84 ? 17  ARG A NH1 1 
ATOM   138  N NH2 . ARG A 1 17  ? -4.501  12.385  15.565  1.00 48.76 ? 17  ARG A NH2 1 
ATOM   139  N N   . ASP A 1 18  ? -2.403  13.520  11.069  1.00 24.21 ? 18  ASP A N   1 
ATOM   140  C CA  . ASP A 1 18  ? -2.095  12.184  10.565  1.00 25.63 ? 18  ASP A CA  1 
ATOM   141  C C   . ASP A 1 18  ? -1.566  12.236  9.133   1.00 24.55 ? 18  ASP A C   1 
ATOM   142  O O   . ASP A 1 18  ? -0.660  11.483  8.777   1.00 25.16 ? 18  ASP A O   1 
ATOM   143  C CB  . ASP A 1 18  ? -3.332  11.282  10.649  1.00 24.54 ? 18  ASP A CB  1 
ATOM   144  C CG  . ASP A 1 18  ? -3.674  10.881  12.078  1.00 24.95 ? 18  ASP A CG  1 
ATOM   145  O OD1 . ASP A 1 18  ? -2.894  11.173  13.005  1.00 25.28 ? 18  ASP A OD1 1 
ATOM   146  O OD2 . ASP A 1 18  ? -4.727  10.256  12.273  1.00 25.79 ? 18  ASP A OD2 1 
ATOM   147  N N   . LEU A 1 19  ? -2.127  13.126  8.319   1.00 23.09 ? 19  LEU A N   1 
ATOM   148  C CA  . LEU A 1 19  ? -1.684  13.279  6.932   1.00 23.18 ? 19  LEU A CA  1 
ATOM   149  C C   . LEU A 1 19  ? -0.240  13.778  6.864   1.00 24.13 ? 19  LEU A C   1 
ATOM   150  O O   . LEU A 1 19  ? 0.487   13.479  5.913   1.00 24.64 ? 19  LEU A O   1 
ATOM   151  C CB  . LEU A 1 19  ? -2.608  14.241  6.172   1.00 21.84 ? 19  LEU A CB  1 
ATOM   152  C CG  . LEU A 1 19  ? -3.978  13.688  5.779   1.00 24.91 ? 19  LEU A CG  1 
ATOM   153  C CD1 . LEU A 1 19  ? -4.892  14.814  5.293   1.00 26.41 ? 19  LEU A CD1 1 
ATOM   154  C CD2 . LEU A 1 19  ? -3.804  12.619  4.703   1.00 25.42 ? 19  LEU A CD2 1 
ATOM   155  N N   . ALA A 1 20  ? 0.177   14.509  7.895   1.00 23.90 ? 20  ALA A N   1 
ATOM   156  C CA  . ALA A 1 20  ? 1.524   15.058  7.969   1.00 24.30 ? 20  ALA A CA  1 
ATOM   157  C C   . ALA A 1 20  ? 2.534   14.178  8.704   1.00 25.63 ? 20  ALA A C   1 
ATOM   158  O O   . ALA A 1 20  ? 3.733   14.439  8.637   1.00 27.02 ? 20  ALA A O   1 
ATOM   159  C CB  . ALA A 1 20  ? 1.486   16.448  8.603   1.00 26.42 ? 20  ALA A CB  1 
ATOM   160  N N   . ASN A 1 21  ? 2.056   13.160  9.421   1.00 25.44 ? 21  ASN A N   1 
ATOM   161  C CA  . ASN A 1 21  ? 2.932   12.256  10.169  1.00 27.01 ? 21  ASN A CA  1 
ATOM   162  C C   . ASN A 1 21  ? 2.452   10.813  9.985   1.00 25.91 ? 21  ASN A C   1 
ATOM   163  O O   . ASN A 1 21  ? 1.525   10.367  10.660  1.00 25.61 ? 21  ASN A O   1 
ATOM   164  C CB  . ASN A 1 21  ? 2.932   12.621  11.664  1.00 28.27 ? 21  ASN A CB  1 
ATOM   165  C CG  . ASN A 1 21  ? 3.992   11.855  12.463  1.00 33.52 ? 21  ASN A CG  1 
ATOM   166  O OD1 . ASN A 1 21  ? 4.550   10.855  11.999  1.00 32.64 ? 21  ASN A OD1 1 
ATOM   167  N ND2 . ASN A 1 21  ? 4.283   12.340  13.668  1.00 34.05 ? 21  ASN A ND2 1 
ATOM   168  N N   . PRO A 1 22  ? 3.105   10.055  9.088   1.00 24.95 ? 22  PRO A N   1 
ATOM   169  C CA  . PRO A 1 22  ? 2.746   8.660   8.808   1.00 25.02 ? 22  PRO A CA  1 
ATOM   170  C C   . PRO A 1 22  ? 2.647   7.790   10.062  1.00 25.03 ? 22  PRO A C   1 
ATOM   171  O O   . PRO A 1 22  ? 1.780   6.922   10.153  1.00 22.72 ? 22  PRO A O   1 
ATOM   172  C CB  . PRO A 1 22  ? 3.871   8.199   7.887   1.00 25.10 ? 22  PRO A CB  1 
ATOM   173  C CG  . PRO A 1 22  ? 4.236   9.455   7.154   1.00 26.49 ? 22  PRO A CG  1 
ATOM   174  C CD  . PRO A 1 22  ? 4.258   10.473  8.270   1.00 25.76 ? 22  PRO A CD  1 
ATOM   175  N N   . TYR A 1 23  ? 3.542   8.036   11.015  1.00 27.19 ? 23  TYR A N   1 
ATOM   176  C CA  . TYR A 1 23  ? 3.574   7.308   12.285  1.00 31.05 ? 23  TYR A CA  1 
ATOM   177  C C   . TYR A 1 23  ? 2.254   7.478   13.041  1.00 30.02 ? 23  TYR A C   1 
ATOM   178  O O   . TYR A 1 23  ? 1.722   6.520   13.611  1.00 29.16 ? 23  TYR A O   1 
ATOM   179  C CB  . TYR A 1 23  ? 4.741   7.823   13.131  1.00 35.63 ? 23  TYR A CB  1 
ATOM   180  C CG  . TYR A 1 23  ? 4.780   7.321   14.558  1.00 42.43 ? 23  TYR A CG  1 
ATOM   181  C CD1 . TYR A 1 23  ? 5.147   6.006   14.849  1.00 44.15 ? 23  TYR A CD1 1 
ATOM   182  C CD2 . TYR A 1 23  ? 4.479   8.174   15.622  1.00 45.26 ? 23  TYR A CD2 1 
ATOM   183  C CE1 . TYR A 1 23  ? 5.218   5.552   16.168  1.00 47.81 ? 23  TYR A CE1 1 
ATOM   184  C CE2 . TYR A 1 23  ? 4.546   7.733   16.943  1.00 48.33 ? 23  TYR A CE2 1 
ATOM   185  C CZ  . TYR A 1 23  ? 4.917   6.423   17.208  1.00 49.08 ? 23  TYR A CZ  1 
ATOM   186  O OH  . TYR A 1 23  ? 4.995   5.990   18.514  1.00 52.87 ? 23  TYR A OH  1 
ATOM   187  N N   . GLU A 1 24  ? 1.737   8.704   13.035  1.00 29.56 ? 24  GLU A N   1 
ATOM   188  C CA  . GLU A 1 24  ? 0.479   9.034   13.699  1.00 30.48 ? 24  GLU A CA  1 
ATOM   189  C C   . GLU A 1 24  ? -0.707  8.434   12.953  1.00 28.55 ? 24  GLU A C   1 
ATOM   190  O O   . GLU A 1 24  ? -1.661  7.954   13.572  1.00 27.00 ? 24  GLU A O   1 
ATOM   191  C CB  . GLU A 1 24  ? 0.315   10.554  13.808  1.00 33.46 ? 24  GLU A CB  1 
ATOM   192  C CG  . GLU A 1 24  ? 1.297   11.232  14.760  1.00 38.72 ? 24  GLU A CG  1 
ATOM   193  C CD  . GLU A 1 24  ? 1.076   10.846  16.211  1.00 42.92 ? 24  GLU A CD  1 
ATOM   194  O OE1 . GLU A 1 24  ? 0.023   11.217  16.772  1.00 42.50 ? 24  GLU A OE1 1 
ATOM   195  O OE2 . GLU A 1 24  ? 1.956   10.176  16.794  1.00 45.87 ? 24  GLU A OE2 1 
ATOM   196  N N   . MET A 1 25  ? -0.656  8.476   11.623  1.00 25.50 ? 25  MET A N   1 
ATOM   197  C CA  . MET A 1 25  ? -1.728  7.903   10.817  1.00 24.57 ? 25  MET A CA  1 
ATOM   198  C C   . MET A 1 25  ? -1.826  6.401   11.087  1.00 22.44 ? 25  MET A C   1 
ATOM   199  O O   . MET A 1 25  ? -2.922  5.869   11.240  1.00 21.73 ? 25  MET A O   1 
ATOM   200  C CB  . MET A 1 25  ? -1.494  8.150   9.321   1.00 25.13 ? 25  MET A CB  1 
ATOM   201  C CG  . MET A 1 25  ? -2.500  7.432   8.438   1.00 28.95 ? 25  MET A CG  1 
ATOM   202  S SD  . MET A 1 25  ? -2.774  8.250   6.865   1.00 35.30 ? 25  MET A SD  1 
ATOM   203  C CE  . MET A 1 25  ? -3.833  9.541   7.373   1.00 32.47 ? 25  MET A CE  1 
ATOM   204  N N   . HIS A 1 26  ? -0.679  5.724   11.141  1.00 22.85 ? 26  HIS A N   1 
ATOM   205  C CA  . HIS A 1 26  ? -0.669  4.285   11.400  1.00 23.28 ? 26  HIS A CA  1 
ATOM   206  C C   . HIS A 1 26  ? -1.291  4.002   12.768  1.00 24.27 ? 26  HIS A C   1 
ATOM   207  O O   . HIS A 1 26  ? -2.039  3.042   12.929  1.00 24.42 ? 26  HIS A O   1 
ATOM   208  C CB  . HIS A 1 26  ? 0.751   3.720   11.344  1.00 23.23 ? 26  HIS A CB  1 
ATOM   209  C CG  . HIS A 1 26  ? 0.794   2.222   11.277  1.00 25.91 ? 26  HIS A CG  1 
ATOM   210  N ND1 . HIS A 1 26  ? 0.502   1.522   10.125  1.00 25.00 ? 26  HIS A ND1 1 
ATOM   211  C CD2 . HIS A 1 26  ? 1.076   1.294   12.222  1.00 26.54 ? 26  HIS A CD2 1 
ATOM   212  C CE1 . HIS A 1 26  ? 0.601   0.225   10.364  1.00 25.98 ? 26  HIS A CE1 1 
ATOM   213  N NE2 . HIS A 1 26  ? 0.948   0.061   11.629  1.00 25.89 ? 26  HIS A NE2 1 
ATOM   214  N N   . ARG A 1 27  ? -0.987  4.859   13.739  1.00 26.71 ? 27  ARG A N   1 
ATOM   215  C CA  . ARG A 1 27  ? -1.532  4.729   15.088  1.00 28.51 ? 27  ARG A CA  1 
ATOM   216  C C   . ARG A 1 27  ? -3.058  4.834   15.069  1.00 28.57 ? 27  ARG A C   1 
ATOM   217  O O   . ARG A 1 27  ? -3.745  4.024   15.695  1.00 28.35 ? 27  ARG A O   1 
ATOM   218  C CB  . ARG A 1 27  ? -0.939  5.806   16.006  1.00 33.12 ? 27  ARG A CB  1 
ATOM   219  C CG  . ARG A 1 27  ? -1.574  5.874   17.392  1.00 40.65 ? 27  ARG A CG  1 
ATOM   220  C CD  . ARG A 1 27  ? -1.007  7.020   18.219  1.00 45.80 ? 27  ARG A CD  1 
ATOM   221  N NE  . ARG A 1 27  ? 0.378   6.779   18.619  1.00 49.52 ? 27  ARG A NE  1 
ATOM   222  C CZ  . ARG A 1 27  ? 1.202   7.717   19.077  1.00 52.49 ? 27  ARG A CZ  1 
ATOM   223  N NH1 . ARG A 1 27  ? 0.791   8.975   19.195  1.00 54.32 ? 27  ARG A NH1 1 
ATOM   224  N NH2 . ARG A 1 27  ? 2.435   7.393   19.441  1.00 53.61 ? 27  ARG A NH2 1 
ATOM   225  N N   . THR A 1 28  ? -3.586  5.810   14.331  1.00 25.94 ? 28  THR A N   1 
ATOM   226  C CA  . THR A 1 28  ? -5.035  5.998   14.242  1.00 26.52 ? 28  THR A CA  1 
ATOM   227  C C   . THR A 1 28  ? -5.727  4.828   13.540  1.00 25.36 ? 28  THR A C   1 
ATOM   228  O O   . THR A 1 28  ? -6.752  4.337   14.007  1.00 24.79 ? 28  THR A O   1 
ATOM   229  C CB  . THR A 1 28  ? -5.407  7.313   13.509  1.00 26.27 ? 28  THR A CB  1 
ATOM   230  O OG1 . THR A 1 28  ? -5.021  8.434   14.307  1.00 27.00 ? 28  THR A OG1 1 
ATOM   231  C CG2 . THR A 1 28  ? -6.905  7.383   13.243  1.00 25.10 ? 28  THR A CG2 1 
ATOM   232  N N   . LEU A 1 29  ? -5.163  4.393   12.417  1.00 24.07 ? 29  LEU A N   1 
ATOM   233  C CA  . LEU A 1 29  ? -5.736  3.290   11.654  1.00 22.83 ? 29  LEU A CA  1 
ATOM   234  C C   . LEU A 1 29  ? -5.693  1.980   12.449  1.00 23.01 ? 29  LEU A C   1 
ATOM   235  O O   . LEU A 1 29  ? -6.612  1.171   12.354  1.00 23.81 ? 29  LEU A O   1 
ATOM   236  C CB  . LEU A 1 29  ? -5.008  3.134   10.311  1.00 21.60 ? 29  LEU A CB  1 
ATOM   237  C CG  . LEU A 1 29  ? -5.009  4.353   9.371   1.00 21.44 ? 29  LEU A CG  1 
ATOM   238  C CD1 . LEU A 1 29  ? -4.285  4.010   8.079   1.00 20.12 ? 29  LEU A CD1 1 
ATOM   239  C CD2 . LEU A 1 29  ? -6.426  4.803   9.075   1.00 20.16 ? 29  LEU A CD2 1 
ATOM   240  N N   . SER A 1 30  ? -4.643  1.795   13.245  1.00 24.90 ? 30  SER A N   1 
ATOM   241  C CA  . SER A 1 30  ? -4.483  0.592   14.069  1.00 26.49 ? 30  SER A CA  1 
ATOM   242  C C   . SER A 1 30  ? -5.628  0.392   15.059  1.00 28.70 ? 30  SER A C   1 
ATOM   243  O O   . SER A 1 30  ? -5.923  -0.737  15.451  1.00 29.19 ? 30  SER A O   1 
ATOM   244  C CB  . SER A 1 30  ? -3.158  0.632   14.833  1.00 24.85 ? 30  SER A CB  1 
ATOM   245  O OG  . SER A 1 30  ? -2.051  0.516   13.955  1.00 26.04 ? 30  SER A OG  1 
ATOM   246  N N   . LYS A 1 31  ? -6.276  1.488   15.450  1.00 29.51 ? 31  LYS A N   1 
ATOM   247  C CA  . LYS A 1 31  ? -7.395  1.427   16.392  1.00 30.33 ? 31  LYS A CA  1 
ATOM   248  C C   . LYS A 1 31  ? -8.550  0.602   15.838  1.00 29.73 ? 31  LYS A C   1 
ATOM   249  O O   . LYS A 1 31  ? -9.279  -0.033  16.595  1.00 29.32 ? 31  LYS A O   1 
ATOM   250  C CB  . LYS A 1 31  ? -7.902  2.830   16.733  1.00 31.72 ? 31  LYS A CB  1 
ATOM   251  C CG  . LYS A 1 31  ? -6.865  3.755   17.353  1.00 34.57 ? 31  LYS A CG  1 
ATOM   252  C CD  . LYS A 1 31  ? -7.488  5.104   17.706  1.00 36.35 ? 31  LYS A CD  1 
ATOM   253  C CE  . LYS A 1 31  ? -6.450  6.099   18.207  1.00 37.91 ? 31  LYS A CE  1 
ATOM   254  N NZ  . LYS A 1 31  ? -5.724  5.609   19.415  1.00 42.26 ? 31  LYS A NZ  1 
ATOM   255  N N   . ALA A 1 32  ? -8.715  0.618   14.517  1.00 26.14 ? 32  ALA A N   1 
ATOM   256  C CA  . ALA A 1 32  ? -9.785  -0.131  13.867  1.00 26.16 ? 32  ALA A CA  1 
ATOM   257  C C   . ALA A 1 32  ? -9.586  -1.647  13.916  1.00 24.96 ? 32  ALA A C   1 
ATOM   258  O O   . ALA A 1 32  ? -10.520 -2.402  13.655  1.00 26.85 ? 32  ALA A O   1 
ATOM   259  C CB  . ALA A 1 32  ? -9.940  0.328   12.425  1.00 25.09 ? 32  ALA A CB  1 
ATOM   260  N N   . VAL A 1 33  ? -8.371  -2.082  14.243  1.00 25.71 ? 33  VAL A N   1 
ATOM   261  C CA  . VAL A 1 33  ? -8.037  -3.508  14.322  1.00 27.20 ? 33  VAL A CA  1 
ATOM   262  C C   . VAL A 1 33  ? -7.070  -3.781  15.482  1.00 29.65 ? 33  VAL A C   1 
ATOM   263  O O   . VAL A 1 33  ? -6.213  -4.662  15.394  1.00 29.40 ? 33  VAL A O   1 
ATOM   264  C CB  . VAL A 1 33  ? -7.391  -4.022  12.999  1.00 26.03 ? 33  VAL A CB  1 
ATOM   265  C CG1 . VAL A 1 33  ? -8.446  -4.205  11.917  1.00 24.31 ? 33  VAL A CG1 1 
ATOM   266  C CG2 . VAL A 1 33  ? -6.301  -3.062  12.529  1.00 23.85 ? 33  VAL A CG2 1 
ATOM   267  N N   . SER A 1 34  ? -7.259  -3.057  16.586  1.00 31.13 ? 34  SER A N   1 
ATOM   268  C CA  . SER A 1 34  ? -6.400  -3.170  17.765  1.00 33.73 ? 34  SER A CA  1 
ATOM   269  C C   . SER A 1 34  ? -6.272  -4.566  18.373  1.00 34.47 ? 34  SER A C   1 
ATOM   270  O O   . SER A 1 34  ? -5.164  -5.002  18.692  1.00 33.92 ? 34  SER A O   1 
ATOM   271  C CB  . SER A 1 34  ? -6.837  -2.173  18.846  1.00 35.78 ? 34  SER A CB  1 
ATOM   272  O OG  . SER A 1 34  ? -8.183  -2.387  19.228  1.00 37.46 ? 34  SER A OG  1 
ATOM   273  N N   . ARG A 1 35  ? -7.398  -5.251  18.551  1.00 35.12 ? 35  ARG A N   1 
ATOM   274  C CA  . ARG A 1 35  ? -7.385  -6.593  19.128  1.00 37.23 ? 35  ARG A CA  1 
ATOM   275  C C   . ARG A 1 35  ? -6.685  -7.583  18.203  1.00 36.54 ? 35  ARG A C   1 
ATOM   276  O O   . ARG A 1 35  ? -5.901  -8.418  18.656  1.00 35.48 ? 35  ARG A O   1 
ATOM   277  C CB  . ARG A 1 35  ? -8.805  -7.067  19.442  1.00 39.92 ? 35  ARG A CB  1 
ATOM   278  C CG  . ARG A 1 35  ? -8.865  -8.449  20.079  1.00 46.19 ? 35  ARG A CG  1 
ATOM   279  C CD  . ARG A 1 35  ? -10.263 -8.782  20.580  1.00 50.39 ? 35  ARG A CD  1 
ATOM   280  N NE  . ARG A 1 35  ? -10.698 -7.866  21.634  1.00 54.30 ? 35  ARG A NE  1 
ATOM   281  C CZ  . ARG A 1 35  ? -10.240 -7.878  22.884  1.00 56.63 ? 35  ARG A CZ  1 
ATOM   282  N NH1 . ARG A 1 35  ? -9.324  -8.765  23.257  1.00 57.66 ? 35  ARG A NH1 1 
ATOM   283  N NH2 . ARG A 1 35  ? -10.695 -6.994  23.763  1.00 58.05 ? 35  ARG A NH2 1 
ATOM   284  N N   . ALA A 1 36  ? -6.951  -7.468  16.904  1.00 36.05 ? 36  ALA A N   1 
ATOM   285  C CA  . ALA A 1 36  ? -6.333  -8.350  15.921  1.00 35.05 ? 36  ALA A CA  1 
ATOM   286  C C   . ALA A 1 36  ? -4.816  -8.183  15.937  1.00 34.63 ? 36  ALA A C   1 
ATOM   287  O O   . ALA A 1 36  ? -4.079  -9.168  15.874  1.00 36.42 ? 36  ALA A O   1 
ATOM   288  C CB  . ALA A 1 36  ? -6.885  -8.067  14.533  1.00 34.82 ? 36  ALA A CB  1 
ATOM   289  N N   . LEU A 1 37  ? -4.356  -6.937  16.038  1.00 33.74 ? 37  LEU A N   1 
ATOM   290  C CA  . LEU A 1 37  ? -2.926  -6.642  16.079  1.00 35.04 ? 37  LEU A CA  1 
ATOM   291  C C   . LEU A 1 37  ? -2.294  -7.178  17.359  1.00 37.64 ? 37  LEU A C   1 
ATOM   292  O O   . LEU A 1 37  ? -1.168  -7.677  17.349  1.00 37.86 ? 37  LEU A O   1 
ATOM   293  C CB  . LEU A 1 37  ? -2.685  -5.133  15.980  1.00 33.96 ? 37  LEU A CB  1 
ATOM   294  C CG  . LEU A 1 37  ? -2.799  -4.506  14.588  1.00 31.19 ? 37  LEU A CG  1 
ATOM   295  C CD1 . LEU A 1 37  ? -2.784  -2.987  14.700  1.00 33.61 ? 37  LEU A CD1 1 
ATOM   296  C CD2 . LEU A 1 37  ? -1.645  -4.994  13.714  1.00 32.28 ? 37  LEU A CD2 1 
ATOM   297  N N   . GLU A 1 38  ? -3.037  -7.063  18.456  1.00 41.19 ? 38  GLU A N   1 
ATOM   298  C CA  . GLU A 1 38  ? -2.597  -7.525  19.768  1.00 45.12 ? 38  GLU A CA  1 
ATOM   299  C C   . GLU A 1 38  ? -2.402  -9.043  19.774  1.00 44.81 ? 38  GLU A C   1 
ATOM   300  O O   . GLU A 1 38  ? -1.429  -9.552  20.336  1.00 46.00 ? 38  GLU A O   1 
ATOM   301  C CB  . GLU A 1 38  ? -3.639  -7.120  20.818  1.00 47.62 ? 38  GLU A CB  1 
ATOM   302  C CG  . GLU A 1 38  ? -3.322  -7.526  22.252  1.00 53.16 ? 38  GLU A CG  1 
ATOM   303  C CD  . GLU A 1 38  ? -4.346  -6.990  23.244  1.00 55.39 ? 38  GLU A CD  1 
ATOM   304  O OE1 . GLU A 1 38  ? -5.535  -7.371  23.152  1.00 56.50 ? 38  GLU A OE1 1 
ATOM   305  O OE2 . GLU A 1 38  ? -3.961  -6.182  24.114  1.00 57.26 ? 38  GLU A OE2 1 
ATOM   306  N N   . GLU A 1 39  ? -3.313  -9.756  19.118  1.00 44.92 ? 39  GLU A N   1 
ATOM   307  C CA  . GLU A 1 39  ? -3.261  -11.214 19.053  1.00 44.22 ? 39  GLU A CA  1 
ATOM   308  C C   . GLU A 1 39  ? -2.430  -11.763 17.890  1.00 43.43 ? 39  GLU A C   1 
ATOM   309  O O   . GLU A 1 39  ? -2.474  -12.960 17.598  1.00 43.70 ? 39  GLU A O   1 
ATOM   310  C CB  . GLU A 1 39  ? -4.681  -11.778 19.008  1.00 46.02 ? 39  GLU A CB  1 
ATOM   311  C CG  . GLU A 1 39  ? -5.525  -11.392 20.219  1.00 48.63 ? 39  GLU A CG  1 
ATOM   312  C CD  . GLU A 1 39  ? -6.948  -11.917 20.154  1.00 50.81 ? 39  GLU A CD  1 
ATOM   313  O OE1 . GLU A 1 39  ? -7.246  -12.759 19.277  1.00 53.01 ? 39  GLU A OE1 1 
ATOM   314  O OE2 . GLU A 1 39  ? -7.774  -11.491 20.989  1.00 51.50 ? 39  GLU A OE2 1 
ATOM   315  N N   . GLY A 1 40  ? -1.683  -10.880 17.230  1.00 41.56 ? 40  GLY A N   1 
ATOM   316  C CA  . GLY A 1 40  ? -0.834  -11.277 16.116  1.00 37.80 ? 40  GLY A CA  1 
ATOM   317  C C   . GLY A 1 40  ? -1.534  -11.853 14.896  1.00 35.75 ? 40  GLY A C   1 
ATOM   318  O O   . GLY A 1 40  ? -0.938  -12.633 14.153  1.00 36.74 ? 40  GLY A O   1 
ATOM   319  N N   . ARG A 1 41  ? -2.789  -11.476 14.680  1.00 33.31 ? 41  ARG A N   1 
ATOM   320  C CA  . ARG A 1 41  ? -3.546  -11.977 13.535  1.00 33.13 ? 41  ARG A CA  1 
ATOM   321  C C   . ARG A 1 41  ? -3.782  -10.873 12.505  1.00 30.49 ? 41  ARG A C   1 
ATOM   322  O O   . ARG A 1 41  ? -4.648  -11.004 11.636  1.00 30.24 ? 41  ARG A O   1 
ATOM   323  C CB  . ARG A 1 41  ? -4.906  -12.524 13.985  1.00 35.89 ? 41  ARG A CB  1 
ATOM   324  C CG  . ARG A 1 41  ? -4.885  -13.346 15.267  1.00 39.48 ? 41  ARG A CG  1 
ATOM   325  C CD  . ARG A 1 41  ? -6.183  -14.127 15.458  1.00 43.67 ? 41  ARG A CD  1 
ATOM   326  N NE  . ARG A 1 41  ? -7.369  -13.388 15.024  1.00 46.84 ? 41  ARG A NE  1 
ATOM   327  C CZ  . ARG A 1 41  ? -7.867  -12.316 15.632  1.00 47.35 ? 41  ARG A CZ  1 
ATOM   328  N NH1 . ARG A 1 41  ? -7.290  -11.833 16.724  1.00 48.96 ? 41  ARG A NH1 1 
ATOM   329  N NH2 . ARG A 1 41  ? -8.933  -11.708 15.129  1.00 48.12 ? 41  ARG A NH2 1 
ATOM   330  N N   . GLU A 1 42  ? -2.984  -9.812  12.568  1.00 27.37 ? 42  GLU A N   1 
ATOM   331  C CA  . GLU A 1 42  ? -3.177  -8.689  11.659  1.00 27.67 ? 42  GLU A CA  1 
ATOM   332  C C   . GLU A 1 42  ? -1.906  -8.145  11.007  1.00 26.17 ? 42  GLU A C   1 
ATOM   333  O O   . GLU A 1 42  ? -0.803  -8.261  11.540  1.00 26.23 ? 42  GLU A O   1 
ATOM   334  C CB  . GLU A 1 42  ? -3.919  -7.570  12.409  1.00 26.22 ? 42  GLU A CB  1 
ATOM   335  C CG  . GLU A 1 42  ? -4.369  -6.383  11.568  1.00 27.09 ? 42  GLU A CG  1 
ATOM   336  C CD  . GLU A 1 42  ? -5.273  -6.783  10.427  1.00 23.83 ? 42  GLU A CD  1 
ATOM   337  O OE1 . GLU A 1 42  ? -6.492  -6.939  10.640  1.00 24.34 ? 42  GLU A OE1 1 
ATOM   338  O OE2 . GLU A 1 42  ? -4.759  -6.941  9.308   1.00 24.07 ? 42  GLU A OE2 1 
ATOM   339  N N   . ARG A 1 43  ? -2.093  -7.552  9.831   1.00 25.28 ? 43  ARG A N   1 
ATOM   340  C CA  . ARG A 1 43  ? -1.027  -6.951  9.050   1.00 23.91 ? 43  ARG A CA  1 
ATOM   341  C C   . ARG A 1 43  ? -1.670  -5.740  8.376   1.00 24.16 ? 43  ARG A C   1 
ATOM   342  O O   . ARG A 1 43  ? -2.250  -5.846  7.299   1.00 21.43 ? 43  ARG A O   1 
ATOM   343  C CB  . ARG A 1 43  ? -0.487  -7.951  8.015   1.00 26.51 ? 43  ARG A CB  1 
ATOM   344  C CG  . ARG A 1 43  ? 0.539   -7.378  7.029   1.00 28.63 ? 43  ARG A CG  1 
ATOM   345  C CD  . ARG A 1 43  ? 1.610   -6.520  7.706   1.00 30.50 ? 43  ARG A CD  1 
ATOM   346  N NE  . ARG A 1 43  ? 2.402   -7.236  8.704   1.00 34.39 ? 43  ARG A NE  1 
ATOM   347  C CZ  . ARG A 1 43  ? 3.464   -7.991  8.437   1.00 37.53 ? 43  ARG A CZ  1 
ATOM   348  N NH1 . ARG A 1 43  ? 3.883   -8.158  7.185   1.00 35.62 ? 43  ARG A NH1 1 
ATOM   349  N NH2 . ARG A 1 43  ? 4.151   -8.537  9.435   1.00 37.88 ? 43  ARG A NH2 1 
ATOM   350  N N   . LEU A 1 44  ? -1.620  -4.611  9.076   1.00 21.17 ? 44  LEU A N   1 
ATOM   351  C CA  . LEU A 1 44  ? -2.199  -3.360  8.607   1.00 20.41 ? 44  LEU A CA  1 
ATOM   352  C C   . LEU A 1 44  ? -1.278  -2.677  7.606   1.00 18.52 ? 44  LEU A C   1 
ATOM   353  O O   . LEU A 1 44  ? -0.143  -2.319  7.928   1.00 18.51 ? 44  LEU A O   1 
ATOM   354  C CB  . LEU A 1 44  ? -2.459  -2.429  9.805   1.00 20.67 ? 44  LEU A CB  1 
ATOM   355  C CG  . LEU A 1 44  ? -2.788  -0.968  9.502   1.00 21.06 ? 44  LEU A CG  1 
ATOM   356  C CD1 . LEU A 1 44  ? -4.123  -0.884  8.781   1.00 21.37 ? 44  LEU A CD1 1 
ATOM   357  C CD2 . LEU A 1 44  ? -2.820  -0.163  10.797  1.00 22.58 ? 44  LEU A CD2 1 
ATOM   358  N N   . LEU A 1 45  ? -1.771  -2.524  6.382   1.00 18.51 ? 45  LEU A N   1 
ATOM   359  C CA  . LEU A 1 45  ? -1.021  -1.871  5.316   1.00 18.03 ? 45  LEU A CA  1 
ATOM   360  C C   . LEU A 1 45  ? -1.913  -0.767  4.752   1.00 16.28 ? 45  LEU A C   1 
ATOM   361  O O   . LEU A 1 45  ? -3.130  -0.918  4.691   1.00 17.99 ? 45  LEU A O   1 
ATOM   362  C CB  . LEU A 1 45  ? -0.704  -2.868  4.199   1.00 17.08 ? 45  LEU A CB  1 
ATOM   363  C CG  . LEU A 1 45  ? 0.082   -4.140  4.543   1.00 19.50 ? 45  LEU A CG  1 
ATOM   364  C CD1 . LEU A 1 45  ? 0.113   -5.054  3.320   1.00 18.93 ? 45  LEU A CD1 1 
ATOM   365  C CD2 . LEU A 1 45  ? 1.493   -3.787  4.992   1.00 18.97 ? 45  LEU A CD2 1 
ATOM   366  N N   . TRP A 1 46  ? -1.311  0.343   4.343   1.00 16.38 ? 46  TRP A N   1 
ATOM   367  C CA  . TRP A 1 46  ? -2.084  1.439   3.774   1.00 16.43 ? 46  TRP A CA  1 
ATOM   368  C C   . TRP A 1 46  ? -1.247  2.304   2.853   1.00 16.47 ? 46  TRP A C   1 
ATOM   369  O O   . TRP A 1 46  ? -0.023  2.188   2.810   1.00 16.98 ? 46  TRP A O   1 
ATOM   370  C CB  . TRP A 1 46  ? -2.703  2.315   4.876   1.00 16.53 ? 46  TRP A CB  1 
ATOM   371  C CG  . TRP A 1 46  ? -1.712  2.830   5.888   1.00 17.15 ? 46  TRP A CG  1 
ATOM   372  C CD1 . TRP A 1 46  ? -1.274  2.179   7.002   1.00 17.49 ? 46  TRP A CD1 1 
ATOM   373  C CD2 . TRP A 1 46  ? -1.079  4.116   5.899   1.00 17.93 ? 46  TRP A CD2 1 
ATOM   374  N NE1 . TRP A 1 46  ? -0.410  2.980   7.715   1.00 18.35 ? 46  TRP A NE1 1 
ATOM   375  C CE2 . TRP A 1 46  ? -0.274  4.175   7.059   1.00 18.13 ? 46  TRP A CE2 1 
ATOM   376  C CE3 . TRP A 1 46  ? -1.111  5.226   5.040   1.00 18.44 ? 46  TRP A CE3 1 
ATOM   377  C CZ2 . TRP A 1 46  ? 0.492   5.302   7.387   1.00 19.26 ? 46  TRP A CZ2 1 
ATOM   378  C CZ3 . TRP A 1 46  ? -0.345  6.348   5.364   1.00 19.22 ? 46  TRP A CZ3 1 
ATOM   379  C CH2 . TRP A 1 46  ? 0.445   6.376   6.530   1.00 18.32 ? 46  TRP A CH2 1 
ATOM   380  N N   . ARG A 1 47  ? -1.926  3.150   2.088   1.00 16.53 ? 47  ARG A N   1 
ATOM   381  C CA  . ARG A 1 47  ? -1.247  4.068   1.188   1.00 18.21 ? 47  ARG A CA  1 
ATOM   382  C C   . ARG A 1 47  ? -2.045  5.346   1.028   1.00 18.73 ? 47  ARG A C   1 
ATOM   383  O O   . ARG A 1 47  ? -3.253  5.309   0.788   1.00 19.25 ? 47  ARG A O   1 
ATOM   384  C CB  . ARG A 1 47  ? -1.008  3.450   -0.199  1.00 17.34 ? 47  ARG A CB  1 
ATOM   385  C CG  . ARG A 1 47  ? -0.340  4.426   -1.185  1.00 20.15 ? 47  ARG A CG  1 
ATOM   386  C CD  . ARG A 1 47  ? -0.108  3.841   -2.586  1.00 17.86 ? 47  ARG A CD  1 
ATOM   387  N NE  . ARG A 1 47  ? -1.364  3.452   -3.223  1.00 15.59 ? 47  ARG A NE  1 
ATOM   388  C CZ  . ARG A 1 47  ? -1.768  2.197   -3.364  1.00 16.94 ? 47  ARG A CZ  1 
ATOM   389  N NH1 . ARG A 1 47  ? -1.005  1.204   -2.926  1.00 17.13 ? 47  ARG A NH1 1 
ATOM   390  N NH2 . ARG A 1 47  ? -2.960  1.938   -3.888  1.00 18.41 ? 47  ARG A NH2 1 
ATOM   391  N N   . LEU A 1 48  ? -1.367  6.470   1.231   1.00 18.79 ? 48  LEU A N   1 
ATOM   392  C CA  . LEU A 1 48  ? -1.971  7.782   1.040   1.00 21.22 ? 48  LEU A CA  1 
ATOM   393  C C   . LEU A 1 48  ? -1.817  7.968   -0.465  1.00 20.57 ? 48  LEU A C   1 
ATOM   394  O O   . LEU A 1 48  ? -0.701  8.095   -0.972  1.00 19.97 ? 48  LEU A O   1 
ATOM   395  C CB  . LEU A 1 48  ? -1.179  8.847   1.803   1.00 20.17 ? 48  LEU A CB  1 
ATOM   396  C CG  . LEU A 1 48  ? -1.538  10.317  1.556   1.00 24.91 ? 48  LEU A CG  1 
ATOM   397  C CD1 . LEU A 1 48  ? -3.036  10.548  1.731   1.00 23.26 ? 48  LEU A CD1 1 
ATOM   398  C CD2 . LEU A 1 48  ? -0.739  11.189  2.520   1.00 22.66 ? 48  LEU A CD2 1 
ATOM   399  N N   . GLU A 1 49  ? -2.933  7.903   -1.181  1.00 20.51 ? 49  GLU A N   1 
ATOM   400  C CA  . GLU A 1 49  ? -2.920  8.014   -2.636  1.00 22.41 ? 49  GLU A CA  1 
ATOM   401  C C   . GLU A 1 49  ? -2.394  9.352   -3.147  1.00 24.89 ? 49  GLU A C   1 
ATOM   402  O O   . GLU A 1 49  ? -2.405  10.348  -2.422  1.00 24.29 ? 49  GLU A O   1 
ATOM   403  C CB  . GLU A 1 49  ? -4.322  7.755   -3.191  1.00 21.98 ? 49  GLU A CB  1 
ATOM   404  C CG  . GLU A 1 49  ? -4.891  6.367   -2.881  1.00 21.51 ? 49  GLU A CG  1 
ATOM   405  C CD  . GLU A 1 49  ? -4.221  5.228   -3.656  1.00 19.97 ? 49  GLU A CD  1 
ATOM   406  O OE1 . GLU A 1 49  ? -3.096  5.397   -4.174  1.00 19.62 ? 49  GLU A OE1 1 
ATOM   407  O OE2 . GLU A 1 49  ? -4.829  4.144   -3.737  1.00 19.68 ? 49  GLU A OE2 1 
ATOM   408  N N   . PRO A 1 50  ? -1.880  9.377   -4.390  1.00 26.61 ? 50  PRO A N   1 
ATOM   409  C CA  . PRO A 1 50  ? -1.347  10.598  -5.005  1.00 28.54 ? 50  PRO A CA  1 
ATOM   410  C C   . PRO A 1 50  ? -2.368  11.730  -4.910  1.00 29.73 ? 50  PRO A C   1 
ATOM   411  O O   . PRO A 1 50  ? -3.560  11.527  -5.162  1.00 29.78 ? 50  PRO A O   1 
ATOM   412  C CB  . PRO A 1 50  ? -1.131  10.172  -6.453  1.00 30.33 ? 50  PRO A CB  1 
ATOM   413  C CG  . PRO A 1 50  ? -0.736  8.747   -6.309  1.00 28.83 ? 50  PRO A CG  1 
ATOM   414  C CD  . PRO A 1 50  ? -1.729  8.230   -5.304  1.00 27.49 ? 50  PRO A CD  1 
ATOM   415  N N   . ALA A 1 51  ? -1.892  12.911  -4.530  1.00 32.61 ? 51  ALA A N   1 
ATOM   416  C CA  . ALA A 1 51  ? -2.750  14.077  -4.363  1.00 35.75 ? 51  ALA A CA  1 
ATOM   417  C C   . ALA A 1 51  ? -3.236  14.693  -5.664  1.00 38.10 ? 51  ALA A C   1 
ATOM   418  O O   . ALA A 1 51  ? -2.497  14.786  -6.644  1.00 38.19 ? 51  ALA A O   1 
ATOM   419  C CB  . ALA A 1 51  ? -2.040  15.125  -3.527  1.00 37.46 ? 51  ALA A CB  1 
ATOM   420  N N   . ARG A 1 52  ? -4.498  15.100  -5.658  1.00 39.36 ? 52  ARG A N   1 
ATOM   421  C CA  . ARG A 1 52  ? -5.110  15.742  -6.809  1.00 40.92 ? 52  ARG A CA  1 
ATOM   422  C C   . ARG A 1 52  ? -5.530  17.144  -6.387  1.00 39.20 ? 52  ARG A C   1 
ATOM   423  O O   . ARG A 1 52  ? -6.586  17.337  -5.782  1.00 37.40 ? 52  ARG A O   1 
ATOM   424  C CB  . ARG A 1 52  ? -6.307  14.928  -7.312  1.00 44.88 ? 52  ARG A CB  1 
ATOM   425  C CG  . ARG A 1 52  ? -7.189  14.334  -6.222  1.00 49.44 ? 52  ARG A CG  1 
ATOM   426  C CD  . ARG A 1 52  ? -8.283  13.469  -6.828  1.00 54.53 ? 52  ARG A CD  1 
ATOM   427  N NE  . ARG A 1 52  ? -7.741  12.433  -7.708  1.00 57.47 ? 52  ARG A NE  1 
ATOM   428  C CZ  . ARG A 1 52  ? -8.274  12.079  -8.875  1.00 59.09 ? 52  ARG A CZ  1 
ATOM   429  N NH1 . ARG A 1 52  ? -7.705  11.127  -9.604  1.00 59.73 ? 52  ARG A NH1 1 
ATOM   430  N NH2 . ARG A 1 52  ? -9.373  12.676  -9.319  1.00 60.02 ? 52  ARG A NH2 1 
ATOM   431  N N   . GLY A 1 53  ? -4.649  18.107  -6.649  1.00 37.83 ? 53  GLY A N   1 
ATOM   432  C CA  . GLY A 1 53  ? -4.915  19.489  -6.291  1.00 35.73 ? 53  GLY A CA  1 
ATOM   433  C C   . GLY A 1 53  ? -5.076  19.686  -4.796  1.00 33.90 ? 53  GLY A C   1 
ATOM   434  O O   . GLY A 1 53  ? -4.227  19.264  -4.007  1.00 34.17 ? 53  GLY A O   1 
ATOM   435  N N   . LEU A 1 54  ? -6.192  20.295  -4.409  1.00 32.30 ? 54  LEU A N   1 
ATOM   436  C CA  . LEU A 1 54  ? -6.498  20.572  -3.007  1.00 32.26 ? 54  LEU A CA  1 
ATOM   437  C C   . LEU A 1 54  ? -7.625  19.687  -2.486  1.00 32.51 ? 54  LEU A C   1 
ATOM   438  O O   . LEU A 1 54  ? -8.069  19.842  -1.347  1.00 31.78 ? 54  LEU A O   1 
ATOM   439  C CB  . LEU A 1 54  ? -6.904  22.040  -2.850  1.00 31.17 ? 54  LEU A CB  1 
ATOM   440  C CG  . LEU A 1 54  ? -5.836  23.059  -3.249  1.00 32.26 ? 54  LEU A CG  1 
ATOM   441  C CD1 . LEU A 1 54  ? -6.398  24.471  -3.182  1.00 32.64 ? 54  LEU A CD1 1 
ATOM   442  C CD2 . LEU A 1 54  ? -4.636  22.914  -2.337  1.00 32.92 ? 54  LEU A CD2 1 
ATOM   443  N N   . GLU A 1 55  ? -8.070  18.752  -3.321  1.00 31.60 ? 55  GLU A N   1 
ATOM   444  C CA  . GLU A 1 55  ? -9.162  17.848  -2.975  1.00 31.83 ? 55  GLU A CA  1 
ATOM   445  C C   . GLU A 1 55  ? -8.846  16.948  -1.778  1.00 28.83 ? 55  GLU A C   1 
ATOM   446  O O   . GLU A 1 55  ? -7.685  16.682  -1.491  1.00 27.35 ? 55  GLU A O   1 
ATOM   447  C CB  . GLU A 1 55  ? -9.544  17.007  -4.198  1.00 35.39 ? 55  GLU A CB  1 
ATOM   448  C CG  . GLU A 1 55  ? -9.940  17.841  -5.412  1.00 41.79 ? 55  GLU A CG  1 
ATOM   449  C CD  . GLU A 1 55  ? -11.039 18.849  -5.105  1.00 47.63 ? 55  GLU A CD  1 
ATOM   450  O OE1 . GLU A 1 55  ? -12.159 18.423  -4.739  1.00 50.22 ? 55  GLU A OE1 1 
ATOM   451  O OE2 . GLU A 1 55  ? -10.779 20.069  -5.226  1.00 50.31 ? 55  GLU A OE2 1 
ATOM   452  N N   . PRO A 1 56  ? -9.889  16.460  -1.078  1.00 28.52 ? 56  PRO A N   1 
ATOM   453  C CA  . PRO A 1 56  ? -9.727  15.586  0.094   1.00 28.19 ? 56  PRO A CA  1 
ATOM   454  C C   . PRO A 1 56  ? -8.848  14.376  -0.232  1.00 27.76 ? 56  PRO A C   1 
ATOM   455  O O   . PRO A 1 56  ? -9.077  13.685  -1.224  1.00 25.70 ? 56  PRO A O   1 
ATOM   456  C CB  . PRO A 1 56  ? -11.163 15.160  0.399   1.00 28.38 ? 56  PRO A CB  1 
ATOM   457  C CG  . PRO A 1 56  ? -11.971 16.354  -0.045  1.00 29.98 ? 56  PRO A CG  1 
ATOM   458  C CD  . PRO A 1 56  ? -11.319 16.687  -1.366  1.00 29.23 ? 56  PRO A CD  1 
ATOM   459  N N   . PRO A 1 57  ? -7.810  14.133  0.586   1.00 27.01 ? 57  PRO A N   1 
ATOM   460  C CA  . PRO A 1 57  ? -6.888  13.011  0.388   1.00 26.19 ? 57  PRO A CA  1 
ATOM   461  C C   . PRO A 1 57  ? -7.583  11.670  0.578   1.00 25.32 ? 57  PRO A C   1 
ATOM   462  O O   . PRO A 1 57  ? -8.478  11.534  1.410   1.00 26.09 ? 57  PRO A O   1 
ATOM   463  C CB  . PRO A 1 57  ? -5.836  13.239  1.473   1.00 25.47 ? 57  PRO A CB  1 
ATOM   464  C CG  . PRO A 1 57  ? -5.915  14.721  1.736   1.00 28.11 ? 57  PRO A CG  1 
ATOM   465  C CD  . PRO A 1 57  ? -7.390  14.944  1.739   1.00 26.22 ? 57  PRO A CD  1 
ATOM   466  N N   . VAL A 1 58  ? -7.167  10.690  -0.212  1.00 25.36 ? 58  VAL A N   1 
ATOM   467  C CA  . VAL A 1 58  ? -7.732  9.353   -0.145  1.00 24.15 ? 58  VAL A CA  1 
ATOM   468  C C   . VAL A 1 58  ? -6.679  8.394   0.390   1.00 23.01 ? 58  VAL A C   1 
ATOM   469  O O   . VAL A 1 58  ? -5.535  8.396   -0.065  1.00 21.39 ? 58  VAL A O   1 
ATOM   470  C CB  . VAL A 1 58  ? -8.181  8.873   -1.537  1.00 25.89 ? 58  VAL A CB  1 
ATOM   471  C CG1 . VAL A 1 58  ? -8.595  7.403   -1.490  1.00 26.03 ? 58  VAL A CG1 1 
ATOM   472  C CG2 . VAL A 1 58  ? -9.322  9.741   -2.052  1.00 27.39 ? 58  VAL A CG2 1 
ATOM   473  N N   . VAL A 1 59  ? -7.064  7.612   1.390   1.00 22.65 ? 59  VAL A N   1 
ATOM   474  C CA  . VAL A 1 59  ? -6.170  6.628   1.984   1.00 21.51 ? 59  VAL A CA  1 
ATOM   475  C C   . VAL A 1 59  ? -6.804  5.257   1.806   1.00 21.47 ? 59  VAL A C   1 
ATOM   476  O O   . VAL A 1 59  ? -7.935  5.029   2.244   1.00 21.80 ? 59  VAL A O   1 
ATOM   477  C CB  . VAL A 1 59  ? -5.955  6.885   3.497   1.00 22.86 ? 59  VAL A CB  1 
ATOM   478  C CG1 . VAL A 1 59  ? -5.158  5.738   4.128   1.00 22.50 ? 59  VAL A CG1 1 
ATOM   479  C CG2 . VAL A 1 59  ? -5.233  8.208   3.712   1.00 22.50 ? 59  VAL A CG2 1 
ATOM   480  N N   . LEU A 1 60  ? -6.090  4.364   1.124   1.00 19.64 ? 60  LEU A N   1 
ATOM   481  C CA  . LEU A 1 60  ? -6.566  3.004   0.907   1.00 18.76 ? 60  LEU A CA  1 
ATOM   482  C C   . LEU A 1 60  ? -5.977  2.150   2.024   1.00 19.53 ? 60  LEU A C   1 
ATOM   483  O O   . LEU A 1 60  ? -4.765  2.138   2.232   1.00 19.74 ? 60  LEU A O   1 
ATOM   484  C CB  . LEU A 1 60  ? -6.108  2.478   -0.457  1.00 18.02 ? 60  LEU A CB  1 
ATOM   485  C CG  . LEU A 1 60  ? -6.560  1.057   -0.801  1.00 18.91 ? 60  LEU A CG  1 
ATOM   486  C CD1 . LEU A 1 60  ? -8.083  0.982   -0.832  1.00 19.92 ? 60  LEU A CD1 1 
ATOM   487  C CD2 . LEU A 1 60  ? -5.991  0.654   -2.148  1.00 19.75 ? 60  LEU A CD2 1 
ATOM   488  N N   . VAL A 1 61  ? -6.836  1.424   2.727   1.00 17.41 ? 61  VAL A N   1 
ATOM   489  C CA  . VAL A 1 61  ? -6.389  0.606   3.841   1.00 16.89 ? 61  VAL A CA  1 
ATOM   490  C C   . VAL A 1 61  ? -6.696  -0.866  3.636   1.00 17.31 ? 61  VAL A C   1 
ATOM   491  O O   . VAL A 1 61  ? -7.824  -1.235  3.306   1.00 20.53 ? 61  VAL A O   1 
ATOM   492  C CB  . VAL A 1 61  ? -7.063  1.054   5.157   1.00 18.41 ? 61  VAL A CB  1 
ATOM   493  C CG1 . VAL A 1 61  ? -6.504  0.259   6.335   1.00 19.00 ? 61  VAL A CG1 1 
ATOM   494  C CG2 . VAL A 1 61  ? -6.856  2.544   5.379   1.00 17.66 ? 61  VAL A CG2 1 
ATOM   495  N N   . GLN A 1 62  ? -5.686  -1.702  3.845   1.00 17.80 ? 62  GLN A N   1 
ATOM   496  C CA  . GLN A 1 62  ? -5.852  -3.139  3.716   1.00 17.75 ? 62  GLN A CA  1 
ATOM   497  C C   . GLN A 1 62  ? -5.583  -3.805  5.058   1.00 18.00 ? 62  GLN A C   1 
ATOM   498  O O   . GLN A 1 62  ? -4.580  -3.519  5.711   1.00 19.62 ? 62  GLN A O   1 
ATOM   499  C CB  . GLN A 1 62  ? -4.890  -3.706  2.673   1.00 15.89 ? 62  GLN A CB  1 
ATOM   500  C CG  . GLN A 1 62  ? -5.071  -5.211  2.437   1.00 16.81 ? 62  GLN A CG  1 
ATOM   501  C CD  . GLN A 1 62  ? -4.045  -5.775  1.471   1.00 17.62 ? 62  GLN A CD  1 
ATOM   502  O OE1 . GLN A 1 62  ? -4.169  -5.617  0.263   1.00 18.15 ? 62  GLN A OE1 1 
ATOM   503  N NE2 . GLN A 1 62  ? -3.027  -6.441  2.006   1.00 17.07 ? 62  GLN A NE2 1 
ATOM   504  N N   . THR A 1 63  ? -6.488  -4.689  5.465   1.00 19.01 ? 63  THR A N   1 
ATOM   505  C CA  . THR A 1 63  ? -6.343  -5.425  6.711   1.00 19.56 ? 63  THR A CA  1 
ATOM   506  C C   . THR A 1 63  ? -6.703  -6.890  6.460   1.00 22.50 ? 63  THR A C   1 
ATOM   507  O O   . THR A 1 63  ? -7.330  -7.220  5.455   1.00 22.61 ? 63  THR A O   1 
ATOM   508  C CB  . THR A 1 63  ? -7.265  -4.863  7.823   1.00 16.22 ? 63  THR A CB  1 
ATOM   509  O OG1 . THR A 1 63  ? -8.620  -4.847  7.363   1.00 19.10 ? 63  THR A OG1 1 
ATOM   510  C CG2 . THR A 1 63  ? -6.845  -3.448  8.216   1.00 19.38 ? 63  THR A CG2 1 
ATOM   511  N N   . LEU A 1 64  ? -6.254  -7.770  7.347   1.00 23.14 ? 64  LEU A N   1 
ATOM   512  C CA  . LEU A 1 64  ? -6.562  -9.191  7.229   1.00 24.08 ? 64  LEU A CA  1 
ATOM   513  C C   . LEU A 1 64  ? -7.919  -9.482  7.877   1.00 25.79 ? 64  LEU A C   1 
ATOM   514  O O   . LEU A 1 64  ? -8.667  -10.352 7.418   1.00 26.58 ? 64  LEU A O   1 
ATOM   515  C CB  . LEU A 1 64  ? -5.469  -10.032 7.890   1.00 24.29 ? 64  LEU A CB  1 
ATOM   516  C CG  . LEU A 1 64  ? -4.052  -9.883  7.324   1.00 25.17 ? 64  LEU A CG  1 
ATOM   517  C CD1 . LEU A 1 64  ? -3.125  -10.894 7.991   1.00 28.02 ? 64  LEU A CD1 1 
ATOM   518  C CD2 . LEU A 1 64  ? -4.065  -10.094 5.814   1.00 26.06 ? 64  LEU A CD2 1 
ATOM   519  N N   . THR A 1 65  ? -8.241  -8.740  8.935   1.00 26.13 ? 65  THR A N   1 
ATOM   520  C CA  . THR A 1 65  ? -9.511  -8.919  9.646   1.00 27.57 ? 65  THR A CA  1 
ATOM   521  C C   . THR A 1 65  ? -10.448 -7.744  9.386   1.00 28.79 ? 65  THR A C   1 
ATOM   522  O O   . THR A 1 65  ? -10.015 -6.694  8.903   1.00 24.29 ? 65  THR A O   1 
ATOM   523  C CB  . THR A 1 65  ? -9.290  -9.070  11.167  1.00 28.87 ? 65  THR A CB  1 
ATOM   524  O OG1 . THR A 1 65  ? -8.842  -7.827  11.718  1.00 31.19 ? 65  THR A OG1 1 
ATOM   525  C CG2 . THR A 1 65  ? -8.243  -10.141 11.448  1.00 31.05 ? 65  THR A CG2 1 
ATOM   526  N N   . GLU A 1 66  ? -11.732 -7.926  9.692   1.00 28.27 ? 66  GLU A N   1 
ATOM   527  C CA  . GLU A 1 66  ? -12.720 -6.876  9.471   1.00 29.36 ? 66  GLU A CA  1 
ATOM   528  C C   . GLU A 1 66  ? -12.487 -5.692  10.406  1.00 28.75 ? 66  GLU A C   1 
ATOM   529  O O   . GLU A 1 66  ? -12.479 -5.838  11.628  1.00 28.01 ? 66  GLU A O   1 
ATOM   530  C CB  . GLU A 1 66  ? -14.141 -7.421  9.631   1.00 31.06 ? 66  GLU A CB  1 
ATOM   531  C CG  . GLU A 1 66  ? -15.231 -6.423  9.226   1.00 33.45 ? 66  GLU A CG  1 
ATOM   532  C CD  . GLU A 1 66  ? -16.626 -7.035  9.148   1.00 35.45 ? 66  GLU A CD  1 
ATOM   533  O OE1 . GLU A 1 66  ? -16.845 -8.136  9.697   1.00 36.56 ? 66  GLU A OE1 1 
ATOM   534  O OE2 . GLU A 1 66  ? -17.510 -6.409  8.527   1.00 36.28 ? 66  GLU A OE2 1 
ATOM   535  N N   . PRO A 1 67  ? -12.256 -4.503  9.831   1.00 27.90 ? 67  PRO A N   1 
ATOM   536  C CA  . PRO A 1 67  ? -12.016 -3.304  10.635  1.00 27.28 ? 67  PRO A CA  1 
ATOM   537  C C   . PRO A 1 67  ? -13.272 -2.657  11.208  1.00 27.53 ? 67  PRO A C   1 
ATOM   538  O O   . PRO A 1 67  ? -14.369 -2.805  10.664  1.00 28.58 ? 67  PRO A O   1 
ATOM   539  C CB  . PRO A 1 67  ? -11.307 -2.380  9.646   1.00 27.43 ? 67  PRO A CB  1 
ATOM   540  C CG  . PRO A 1 67  ? -11.966 -2.719  8.353   1.00 29.30 ? 67  PRO A CG  1 
ATOM   541  C CD  . PRO A 1 67  ? -12.067 -4.229  8.394   1.00 27.50 ? 67  PRO A CD  1 
ATOM   542  N N   . ASP A 1 68  ? -13.106 -2.009  12.356  1.00 26.48 ? 68  ASP A N   1 
ATOM   543  C CA  . ASP A 1 68  ? -14.197 -1.285  12.999  1.00 27.31 ? 68  ASP A CA  1 
ATOM   544  C C   . ASP A 1 68  ? -13.817 0.184   12.908  1.00 25.73 ? 68  ASP A C   1 
ATOM   545  O O   . ASP A 1 68  ? -13.046 0.692   13.724  1.00 26.10 ? 68  ASP A O   1 
ATOM   546  C CB  . ASP A 1 68  ? -14.357 -1.676  14.470  1.00 27.83 ? 68  ASP A CB  1 
ATOM   547  C CG  . ASP A 1 68  ? -15.427 -0.849  15.173  1.00 30.40 ? 68  ASP A CG  1 
ATOM   548  O OD1 . ASP A 1 68  ? -16.382 -0.409  14.496  1.00 31.59 ? 68  ASP A OD1 1 
ATOM   549  O OD2 . ASP A 1 68  ? -15.304 -0.618  16.392  1.00 31.74 ? 68  ASP A OD2 1 
ATOM   550  N N   . TRP A 1 69  ? -14.343 0.851   11.890  1.00 26.30 ? 69  TRP A N   1 
ATOM   551  C CA  . TRP A 1 69  ? -14.045 2.255   11.660  1.00 26.55 ? 69  TRP A CA  1 
ATOM   552  C C   . TRP A 1 69  ? -14.843 3.215   12.527  1.00 28.63 ? 69  TRP A C   1 
ATOM   553  O O   . TRP A 1 69  ? -14.641 4.427   12.463  1.00 29.07 ? 69  TRP A O   1 
ATOM   554  C CB  . TRP A 1 69  ? -14.218 2.588   10.182  1.00 24.78 ? 69  TRP A CB  1 
ATOM   555  C CG  . TRP A 1 69  ? -13.239 1.856   9.326   1.00 22.85 ? 69  TRP A CG  1 
ATOM   556  C CD1 . TRP A 1 69  ? -13.521 0.926   8.373   1.00 22.59 ? 69  TRP A CD1 1 
ATOM   557  C CD2 . TRP A 1 69  ? -11.813 1.974   9.366   1.00 23.48 ? 69  TRP A CD2 1 
ATOM   558  N NE1 . TRP A 1 69  ? -12.357 0.452   7.814   1.00 22.93 ? 69  TRP A NE1 1 
ATOM   559  C CE2 . TRP A 1 69  ? -11.293 1.080   8.404   1.00 22.44 ? 69  TRP A CE2 1 
ATOM   560  C CE3 . TRP A 1 69  ? -10.922 2.751   10.120  1.00 22.56 ? 69  TRP A CE3 1 
ATOM   561  C CZ2 . TRP A 1 69  ? -9.921  0.939   8.176   1.00 22.27 ? 69  TRP A CZ2 1 
ATOM   562  C CZ3 . TRP A 1 69  ? -9.553  2.609   9.894   1.00 23.88 ? 69  TRP A CZ3 1 
ATOM   563  C CH2 . TRP A 1 69  ? -9.069  1.709   8.928   1.00 23.32 ? 69  TRP A CH2 1 
ATOM   564  N N   . SER A 1 70  ? -15.732 2.677   13.358  1.00 31.24 ? 70  SER A N   1 
ATOM   565  C CA  . SER A 1 70  ? -16.521 3.521   14.243  1.00 33.24 ? 70  SER A CA  1 
ATOM   566  C C   . SER A 1 70  ? -15.599 4.110   15.306  1.00 33.57 ? 70  SER A C   1 
ATOM   567  O O   . SER A 1 70  ? -15.982 5.033   16.023  1.00 36.05 ? 70  SER A O   1 
ATOM   568  C CB  . SER A 1 70  ? -17.655 2.726   14.894  1.00 32.26 ? 70  SER A CB  1 
ATOM   569  O OG  . SER A 1 70  ? -17.170 1.838   15.886  1.00 33.05 ? 70  SER A OG  1 
ATOM   570  N N   . VAL A 1 71  ? -14.375 3.582   15.391  1.00 34.19 ? 71  VAL A N   1 
ATOM   571  C CA  . VAL A 1 71  ? -13.389 4.069   16.351  1.00 34.61 ? 71  VAL A CA  1 
ATOM   572  C C   . VAL A 1 71  ? -12.823 5.424   15.921  1.00 35.03 ? 71  VAL A C   1 
ATOM   573  O O   . VAL A 1 71  ? -12.116 6.077   16.690  1.00 36.27 ? 71  VAL A O   1 
ATOM   574  C CB  . VAL A 1 71  ? -12.209 3.078   16.543  1.00 35.16 ? 71  VAL A CB  1 
ATOM   575  C CG1 . VAL A 1 71  ? -12.722 1.720   17.013  1.00 35.28 ? 71  VAL A CG1 1 
ATOM   576  C CG2 . VAL A 1 71  ? -11.403 2.949   15.253  1.00 33.76 ? 71  VAL A CG2 1 
ATOM   577  N N   . LEU A 1 72  ? -13.110 5.822   14.684  1.00 34.74 ? 72  LEU A N   1 
ATOM   578  C CA  . LEU A 1 72  ? -12.640 7.105   14.163  1.00 35.92 ? 72  LEU A CA  1 
ATOM   579  C C   . LEU A 1 72  ? -13.521 8.242   14.669  1.00 39.10 ? 72  LEU A C   1 
ATOM   580  O O   . LEU A 1 72  ? -14.740 8.083   14.804  1.00 37.51 ? 72  LEU A O   1 
ATOM   581  C CB  . LEU A 1 72  ? -12.668 7.112   12.635  1.00 32.44 ? 72  LEU A CB  1 
ATOM   582  C CG  . LEU A 1 72  ? -11.793 6.118   11.868  1.00 30.28 ? 72  LEU A CG  1 
ATOM   583  C CD1 . LEU A 1 72  ? -12.012 6.315   10.381  1.00 28.93 ? 72  LEU A CD1 1 
ATOM   584  C CD2 . LEU A 1 72  ? -10.329 6.311   12.223  1.00 29.87 ? 72  LEU A CD2 1 
ATOM   585  N N   . ASP A 1 73  ? -12.903 9.392   14.923  1.00 42.03 ? 73  ASP A N   1 
ATOM   586  C CA  . ASP A 1 73  ? -13.634 10.567  15.387  1.00 45.09 ? 73  ASP A CA  1 
ATOM   587  C C   . ASP A 1 73  ? -14.588 10.996  14.283  1.00 45.85 ? 73  ASP A C   1 
ATOM   588  O O   . ASP A 1 73  ? -14.307 10.789  13.098  1.00 44.65 ? 73  ASP A O   1 
ATOM   589  C CB  . ASP A 1 73  ? -12.674 11.727  15.677  1.00 48.47 ? 73  ASP A CB  1 
ATOM   590  C CG  . ASP A 1 73  ? -11.576 11.359  16.662  1.00 51.09 ? 73  ASP A CG  1 
ATOM   591  O OD1 . ASP A 1 73  ? -11.783 10.450  17.493  1.00 54.03 ? 73  ASP A OD1 1 
ATOM   592  O OD2 . ASP A 1 73  ? -10.499 11.995  16.605  1.00 53.43 ? 73  ASP A OD2 1 
ATOM   593  N N   . GLU A 1 74  ? -15.725 11.568  14.665  1.00 45.78 ? 74  GLU A N   1 
ATOM   594  C CA  . GLU A 1 74  ? -16.687 12.040  13.676  1.00 46.38 ? 74  GLU A CA  1 
ATOM   595  C C   . GLU A 1 74  ? -16.015 13.175  12.901  1.00 43.97 ? 74  GLU A C   1 
ATOM   596  O O   . GLU A 1 74  ? -15.238 13.943  13.470  1.00 43.73 ? 74  GLU A O   1 
ATOM   597  C CB  . GLU A 1 74  ? -17.973 12.534  14.356  1.00 49.86 ? 74  GLU A CB  1 
ATOM   598  C CG  . GLU A 1 74  ? -17.776 13.665  15.370  1.00 54.89 ? 74  GLU A CG  1 
ATOM   599  C CD  . GLU A 1 74  ? -19.082 14.138  16.008  1.00 58.60 ? 74  GLU A CD  1 
ATOM   600  O OE1 . GLU A 1 74  ? -19.016 14.783  17.077  1.00 59.82 ? 74  GLU A OE1 1 
ATOM   601  O OE2 . GLU A 1 74  ? -20.172 13.875  15.445  1.00 59.75 ? 74  GLU A OE2 1 
ATOM   602  N N   . GLY A 1 75  ? -16.259 13.235  11.597  1.00 41.83 ? 75  GLY A N   1 
ATOM   603  C CA  . GLY A 1 75  ? -15.660 14.280  10.783  1.00 38.49 ? 75  GLY A CA  1 
ATOM   604  C C   . GLY A 1 75  ? -14.203 14.034  10.411  1.00 35.98 ? 75  GLY A C   1 
ATOM   605  O O   . GLY A 1 75  ? -13.608 14.827  9.685   1.00 35.34 ? 75  GLY A O   1 
ATOM   606  N N   . TYR A 1 76  ? -13.614 12.956  10.925  1.00 32.56 ? 76  TYR A N   1 
ATOM   607  C CA  . TYR A 1 76  ? -12.223 12.627  10.612  1.00 29.83 ? 76  TYR A CA  1 
ATOM   608  C C   . TYR A 1 76  ? -12.107 12.192  9.152   1.00 27.83 ? 76  TYR A C   1 
ATOM   609  O O   . TYR A 1 76  ? -11.193 12.610  8.439   1.00 25.70 ? 76  TYR A O   1 
ATOM   610  C CB  . TYR A 1 76  ? -11.717 11.514  11.538  1.00 29.74 ? 76  TYR A CB  1 
ATOM   611  C CG  . TYR A 1 76  ? -10.332 11.001  11.208  1.00 29.44 ? 76  TYR A CG  1 
ATOM   612  C CD1 . TYR A 1 76  ? -9.193  11.606  11.740  1.00 28.64 ? 76  TYR A CD1 1 
ATOM   613  C CD2 . TYR A 1 76  ? -10.163 9.899   10.373  1.00 27.65 ? 76  TYR A CD2 1 
ATOM   614  C CE1 . TYR A 1 76  ? -7.920  11.122  11.447  1.00 30.14 ? 76  TYR A CE1 1 
ATOM   615  C CE2 . TYR A 1 76  ? -8.901  9.411   10.073  1.00 29.51 ? 76  TYR A CE2 1 
ATOM   616  C CZ  . TYR A 1 76  ? -7.786  10.020  10.611  1.00 28.89 ? 76  TYR A CZ  1 
ATOM   617  O OH  . TYR A 1 76  ? -6.539  9.518   10.323  1.00 29.47 ? 76  TYR A OH  1 
ATOM   618  N N   . ALA A 1 77  ? -13.057 11.379  8.700   1.00 25.58 ? 77  ALA A N   1 
ATOM   619  C CA  . ALA A 1 77  ? -13.039 10.898  7.329   1.00 27.69 ? 77  ALA A CA  1 
ATOM   620  C C   . ALA A 1 77  ? -14.359 10.302  6.885   1.00 27.90 ? 77  ALA A C   1 
ATOM   621  O O   . ALA A 1 77  ? -15.196 9.934   7.711   1.00 28.87 ? 77  ALA A O   1 
ATOM   622  C CB  . ALA A 1 77  ? -11.931 9.850   7.163   1.00 27.28 ? 77  ALA A CB  1 
ATOM   623  N N   . GLN A 1 78  ? -14.559 10.268  5.573   1.00 28.09 ? 78  GLN A N   1 
ATOM   624  C CA  . GLN A 1 78  ? -15.744 9.655   4.994   1.00 29.61 ? 78  GLN A CA  1 
ATOM   625  C C   . GLN A 1 78  ? -15.311 8.205   4.784   1.00 30.49 ? 78  GLN A C   1 
ATOM   626  O O   . GLN A 1 78  ? -14.362 7.927   4.044   1.00 28.12 ? 78  GLN A O   1 
ATOM   627  C CB  . GLN A 1 78  ? -16.109 10.294  3.650   1.00 31.17 ? 78  GLN A CB  1 
ATOM   628  C CG  . GLN A 1 78  ? -17.285 9.606   2.958   1.00 34.81 ? 78  GLN A CG  1 
ATOM   629  C CD  . GLN A 1 78  ? -17.598 10.171  1.580   1.00 38.89 ? 78  GLN A CD  1 
ATOM   630  O OE1 . GLN A 1 78  ? -18.635 9.848   0.992   1.00 42.00 ? 78  GLN A OE1 1 
ATOM   631  N NE2 . GLN A 1 78  ? -16.700 10.996  1.050   1.00 39.38 ? 78  GLN A NE2 1 
ATOM   632  N N   . VAL A 1 79  ? -15.976 7.295   5.481   1.00 29.59 ? 79  VAL A N   1 
ATOM   633  C CA  . VAL A 1 79  ? -15.655 5.878   5.401   1.00 29.95 ? 79  VAL A CA  1 
ATOM   634  C C   . VAL A 1 79  ? -16.501 5.136   4.378   1.00 31.09 ? 79  VAL A C   1 
ATOM   635  O O   . VAL A 1 79  ? -17.724 5.076   4.492   1.00 32.56 ? 79  VAL A O   1 
ATOM   636  C CB  . VAL A 1 79  ? -15.836 5.197   6.778   1.00 29.76 ? 79  VAL A CB  1 
ATOM   637  C CG1 . VAL A 1 79  ? -15.465 3.721   6.702   1.00 28.66 ? 79  VAL A CG1 1 
ATOM   638  C CG2 . VAL A 1 79  ? -15.008 5.908   7.832   1.00 29.31 ? 79  VAL A CG2 1 
ATOM   639  N N   . PHE A 1 80  ? -15.851 4.607   3.349   1.00 31.05 ? 80  PHE A N   1 
ATOM   640  C CA  . PHE A 1 80  ? -16.562 3.832   2.348   1.00 33.25 ? 80  PHE A CA  1 
ATOM   641  C C   . PHE A 1 80  ? -16.627 2.406   2.877   1.00 33.24 ? 80  PHE A C   1 
ATOM   642  O O   . PHE A 1 80  ? -15.669 1.918   3.478   1.00 31.16 ? 80  PHE A O   1 
ATOM   643  C CB  . PHE A 1 80  ? -15.853 3.896   0.996   1.00 35.20 ? 80  PHE A CB  1 
ATOM   644  C CG  . PHE A 1 80  ? -16.124 5.164   0.242   1.00 38.40 ? 80  PHE A CG  1 
ATOM   645  C CD1 . PHE A 1 80  ? -17.079 5.192   -0.768  1.00 38.91 ? 80  PHE A CD1 1 
ATOM   646  C CD2 . PHE A 1 80  ? -15.463 6.340   0.574   1.00 38.48 ? 80  PHE A CD2 1 
ATOM   647  C CE1 . PHE A 1 80  ? -17.374 6.378   -1.437  1.00 41.13 ? 80  PHE A CE1 1 
ATOM   648  C CE2 . PHE A 1 80  ? -15.753 7.531   -0.090  1.00 40.98 ? 80  PHE A CE2 1 
ATOM   649  C CZ  . PHE A 1 80  ? -16.710 7.550   -1.095  1.00 40.91 ? 80  PHE A CZ  1 
ATOM   650  N N   . PRO A 1 81  ? -17.781 1.739   2.705   1.00 34.48 ? 81  PRO A N   1 
ATOM   651  C CA  . PRO A 1 81  ? -17.987 0.365   3.168   1.00 33.59 ? 81  PRO A CA  1 
ATOM   652  C C   . PRO A 1 81  ? -16.818 -0.564  2.852   1.00 31.61 ? 81  PRO A C   1 
ATOM   653  O O   . PRO A 1 81  ? -16.432 -0.712  1.691   1.00 31.35 ? 81  PRO A O   1 
ATOM   654  C CB  . PRO A 1 81  ? -19.249 -0.054  2.416   1.00 34.52 ? 81  PRO A CB  1 
ATOM   655  C CG  . PRO A 1 81  ? -20.031 1.220   2.376   1.00 36.86 ? 81  PRO A CG  1 
ATOM   656  C CD  . PRO A 1 81  ? -18.970 2.229   1.982   1.00 35.06 ? 81  PRO A CD  1 
ATOM   657  N N   . PRO A 1 82  ? -16.192 -1.139  3.895   1.00 30.19 ? 82  PRO A N   1 
ATOM   658  C CA  . PRO A 1 82  ? -15.061 -2.055  3.713   1.00 30.53 ? 82  PRO A CA  1 
ATOM   659  C C   . PRO A 1 82  ? -15.503 -3.226  2.837   1.00 31.25 ? 82  PRO A C   1 
ATOM   660  O O   . PRO A 1 82  ? -16.609 -3.744  3.002   1.00 30.40 ? 82  PRO A O   1 
ATOM   661  C CB  . PRO A 1 82  ? -14.765 -2.510  5.141   1.00 30.28 ? 82  PRO A CB  1 
ATOM   662  C CG  . PRO A 1 82  ? -15.121 -1.294  5.950   1.00 29.24 ? 82  PRO A CG  1 
ATOM   663  C CD  . PRO A 1 82  ? -16.431 -0.881  5.327   1.00 29.42 ? 82  PRO A CD  1 
ATOM   664  N N   . LYS A 1 83  ? -14.658 -3.610  1.885   1.00 31.21 ? 83  LYS A N   1 
ATOM   665  C CA  . LYS A 1 83  ? -14.980 -4.705  0.974   1.00 31.45 ? 83  LYS A CA  1 
ATOM   666  C C   . LYS A 1 83  ? -14.029 -5.877  1.135   1.00 30.81 ? 83  LYS A C   1 
ATOM   667  O O   . LYS A 1 83  ? -12.814 -5.691  1.236   1.00 29.79 ? 83  LYS A O   1 
ATOM   668  C CB  . LYS A 1 83  ? -14.894 -4.241  -0.483  1.00 33.71 ? 83  LYS A CB  1 
ATOM   669  C CG  . LYS A 1 83  ? -15.707 -3.015  -0.843  1.00 38.61 ? 83  LYS A CG  1 
ATOM   670  C CD  . LYS A 1 83  ? -15.567 -2.714  -2.330  1.00 42.40 ? 83  LYS A CD  1 
ATOM   671  C CE  . LYS A 1 83  ? -16.130 -1.343  -2.689  1.00 45.18 ? 83  LYS A CE  1 
ATOM   672  N NZ  . LYS A 1 83  ? -15.335 -0.241  -2.065  1.00 46.45 ? 83  LYS A NZ  1 
ATOM   673  N N   . PRO A 1 84  ? -14.566 -7.109  1.164   1.00 30.34 ? 84  PRO A N   1 
ATOM   674  C CA  . PRO A 1 84  ? -13.695 -8.277  1.304   1.00 28.35 ? 84  PRO A CA  1 
ATOM   675  C C   . PRO A 1 84  ? -12.843 -8.341  0.040   1.00 26.70 ? 84  PRO A C   1 
ATOM   676  O O   . PRO A 1 84  ? -13.302 -7.968  -1.041  1.00 26.28 ? 84  PRO A O   1 
ATOM   677  C CB  . PRO A 1 84  ? -14.687 -9.438  1.354   1.00 30.58 ? 84  PRO A CB  1 
ATOM   678  C CG  . PRO A 1 84  ? -15.929 -8.808  1.934   1.00 31.31 ? 84  PRO A CG  1 
ATOM   679  C CD  . PRO A 1 84  ? -15.985 -7.506  1.190   1.00 30.87 ? 84  PRO A CD  1 
ATOM   680  N N   . PHE A 1 85  ? -11.593 -8.758  0.187   1.00 25.56 ? 85  PHE A N   1 
ATOM   681  C CA  . PHE A 1 85  ? -10.686 -8.851  -0.946  1.00 23.47 ? 85  PHE A CA  1 
ATOM   682  C C   . PHE A 1 85  ? -9.984  -10.201 -0.915  1.00 22.75 ? 85  PHE A C   1 
ATOM   683  O O   . PHE A 1 85  ? -9.112  -10.446 -0.081  1.00 20.81 ? 85  PHE A O   1 
ATOM   684  C CB  . PHE A 1 85  ? -9.670  -7.700  -0.895  1.00 23.76 ? 85  PHE A CB  1 
ATOM   685  C CG  . PHE A 1 85  ? -8.654  -7.726  -2.006  1.00 24.51 ? 85  PHE A CG  1 
ATOM   686  C CD1 . PHE A 1 85  ? -9.051  -7.809  -3.337  1.00 23.73 ? 85  PHE A CD1 1 
ATOM   687  C CD2 . PHE A 1 85  ? -7.293  -7.661  -1.716  1.00 25.19 ? 85  PHE A CD2 1 
ATOM   688  C CE1 . PHE A 1 85  ? -8.106  -7.830  -4.363  1.00 23.78 ? 85  PHE A CE1 1 
ATOM   689  C CE2 . PHE A 1 85  ? -6.343  -7.684  -2.735  1.00 24.27 ? 85  PHE A CE2 1 
ATOM   690  C CZ  . PHE A 1 85  ? -6.748  -7.768  -4.057  1.00 22.66 ? 85  PHE A CZ  1 
ATOM   691  N N   . HIS A 1 86  ? -10.431 -11.096 -1.792  1.00 22.05 ? 86  HIS A N   1 
ATOM   692  C CA  . HIS A 1 86  ? -9.869  -12.437 -1.914  1.00 21.82 ? 86  HIS A CA  1 
ATOM   693  C C   . HIS A 1 86  ? -9.732  -12.654 -3.412  1.00 21.06 ? 86  HIS A C   1 
ATOM   694  O O   . HIS A 1 86  ? -10.565 -13.312 -4.047  1.00 20.57 ? 86  HIS A O   1 
ATOM   695  C CB  . HIS A 1 86  ? -10.814 -13.473 -1.294  1.00 23.20 ? 86  HIS A CB  1 
ATOM   696  C CG  . HIS A 1 86  ? -11.097 -13.236 0.156   1.00 23.59 ? 86  HIS A CG  1 
ATOM   697  N ND1 . HIS A 1 86  ? -10.183 -13.516 1.148   1.00 22.29 ? 86  HIS A ND1 1 
ATOM   698  C CD2 . HIS A 1 86  ? -12.189 -12.732 0.781   1.00 25.13 ? 86  HIS A CD2 1 
ATOM   699  C CE1 . HIS A 1 86  ? -10.698 -13.193 2.322   1.00 25.18 ? 86  HIS A CE1 1 
ATOM   700  N NE2 . HIS A 1 86  ? -11.914 -12.717 2.126   1.00 25.57 ? 86  HIS A NE2 1 
ATOM   701  N N   . PRO A 1 87  ? -8.649  -12.126 -3.994  1.00 21.54 ? 87  PRO A N   1 
ATOM   702  C CA  . PRO A 1 87  ? -8.390  -12.236 -5.425  1.00 21.74 ? 87  PRO A CA  1 
ATOM   703  C C   . PRO A 1 87  ? -8.159  -13.642 -5.953  1.00 22.12 ? 87  PRO A C   1 
ATOM   704  O O   . PRO A 1 87  ? -7.541  -14.481 -5.290  1.00 21.26 ? 87  PRO A O   1 
ATOM   705  C CB  . PRO A 1 87  ? -7.152  -11.361 -5.605  1.00 22.07 ? 87  PRO A CB  1 
ATOM   706  C CG  . PRO A 1 87  ? -6.396  -11.615 -4.355  1.00 21.02 ? 87  PRO A CG  1 
ATOM   707  C CD  . PRO A 1 87  ? -7.488  -11.537 -3.299  1.00 21.32 ? 87  PRO A CD  1 
ATOM   708  N N   . ALA A 1 88  ? -8.717  -13.895 -7.131  1.00 20.91 ? 88  ALA A N   1 
ATOM   709  C CA  . ALA A 1 88  ? -8.555  -15.173 -7.807  1.00 23.80 ? 88  ALA A CA  1 
ATOM   710  C C   . ALA A 1 88  ? -7.374  -14.962 -8.752  1.00 23.35 ? 88  ALA A C   1 
ATOM   711  O O   . ALA A 1 88  ? -7.504  -14.301 -9.785  1.00 23.83 ? 88  ALA A O   1 
ATOM   712  C CB  . ALA A 1 88  ? -9.810  -15.519 -8.598  1.00 25.57 ? 88  ALA A CB  1 
ATOM   713  N N   . LEU A 1 89  ? -6.214  -15.470 -8.357  1.00 23.29 ? 89  LEU A N   1 
ATOM   714  C CA  . LEU A 1 89  ? -4.999  -15.322 -9.147  1.00 24.21 ? 89  LEU A CA  1 
ATOM   715  C C   . LEU A 1 89  ? -4.667  -16.593 -9.924  1.00 25.08 ? 89  LEU A C   1 
ATOM   716  O O   . LEU A 1 89  ? -4.884  -17.698 -9.438  1.00 26.03 ? 89  LEU A O   1 
ATOM   717  C CB  . LEU A 1 89  ? -3.828  -14.973 -8.225  1.00 23.25 ? 89  LEU A CB  1 
ATOM   718  C CG  . LEU A 1 89  ? -4.000  -13.748 -7.314  1.00 20.94 ? 89  LEU A CG  1 
ATOM   719  C CD1 . LEU A 1 89  ? -2.850  -13.681 -6.325  1.00 22.84 ? 89  LEU A CD1 1 
ATOM   720  C CD2 . LEU A 1 89  ? -4.073  -12.473 -8.141  1.00 18.46 ? 89  LEU A CD2 1 
ATOM   721  N N   . LYS A 1 90  ? -4.137  -16.427 -11.133 1.00 26.37 ? 90  LYS A N   1 
ATOM   722  C CA  . LYS A 1 90  ? -3.745  -17.561 -11.967 1.00 27.02 ? 90  LYS A CA  1 
ATOM   723  C C   . LYS A 1 90  ? -2.436  -17.284 -12.688 1.00 25.30 ? 90  LYS A C   1 
ATOM   724  O O   . LYS A 1 90  ? -2.090  -16.131 -12.928 1.00 25.05 ? 90  LYS A O   1 
ATOM   725  C CB  . LYS A 1 90  ? -4.841  -17.938 -12.978 1.00 28.80 ? 90  LYS A CB  1 
ATOM   726  C CG  . LYS A 1 90  ? -5.677  -16.793 -13.517 1.00 36.31 ? 90  LYS A CG  1 
ATOM   727  C CD  . LYS A 1 90  ? -6.876  -16.519 -12.616 1.00 37.87 ? 90  LYS A CD  1 
ATOM   728  C CE  . LYS A 1 90  ? -7.758  -15.418 -13.178 1.00 40.14 ? 90  LYS A CE  1 
ATOM   729  N NZ  . LYS A 1 90  ? -8.986  -15.215 -12.353 1.00 40.74 ? 90  LYS A NZ  1 
ATOM   730  N N   . PRO A 1 91  ? -1.663  -18.338 -12.998 1.00 25.94 ? 91  PRO A N   1 
ATOM   731  C CA  . PRO A 1 91  ? -0.385  -18.166 -13.695 1.00 27.08 ? 91  PRO A CA  1 
ATOM   732  C C   . PRO A 1 91  ? -0.573  -17.394 -14.998 1.00 26.20 ? 91  PRO A C   1 
ATOM   733  O O   . PRO A 1 91  ? -1.529  -17.640 -15.735 1.00 26.47 ? 91  PRO A O   1 
ATOM   734  C CB  . PRO A 1 91  ? 0.042   -19.607 -13.969 1.00 27.41 ? 91  PRO A CB  1 
ATOM   735  C CG  . PRO A 1 91  ? -0.504  -20.338 -12.800 1.00 27.41 ? 91  PRO A CG  1 
ATOM   736  C CD  . PRO A 1 91  ? -1.894  -19.757 -12.679 1.00 25.71 ? 91  PRO A CD  1 
ATOM   737  N N   . GLY A 1 92  ? 0.304   -16.423 -15.242 1.00 26.38 ? 92  GLY A N   1 
ATOM   738  C CA  . GLY A 1 92  ? 0.223   -15.629 -16.461 1.00 27.12 ? 92  GLY A CA  1 
ATOM   739  C C   . GLY A 1 92  ? -0.773  -14.479 -16.455 1.00 26.73 ? 92  GLY A C   1 
ATOM   740  O O   . GLY A 1 92  ? -0.807  -13.677 -17.391 1.00 25.31 ? 92  GLY A O   1 
ATOM   741  N N   . GLN A 1 93  ? -1.596  -14.397 -15.416 1.00 24.61 ? 93  GLN A N   1 
ATOM   742  C CA  . GLN A 1 93  ? -2.583  -13.326 -15.306 1.00 24.57 ? 93  GLN A CA  1 
ATOM   743  C C   . GLN A 1 93  ? -1.876  -11.973 -15.224 1.00 24.24 ? 93  GLN A C   1 
ATOM   744  O O   . GLN A 1 93  ? -0.998  -11.769 -14.383 1.00 23.48 ? 93  GLN A O   1 
ATOM   745  C CB  . GLN A 1 93  ? -3.437  -13.549 -14.061 1.00 25.36 ? 93  GLN A CB  1 
ATOM   746  C CG  . GLN A 1 93  ? -4.503  -12.518 -13.825 1.00 27.47 ? 93  GLN A CG  1 
ATOM   747  C CD  . GLN A 1 93  ? -5.226  -12.770 -12.523 1.00 29.06 ? 93  GLN A CD  1 
ATOM   748  O OE1 . GLN A 1 93  ? -4.652  -13.325 -11.588 1.00 28.59 ? 93  GLN A OE1 1 
ATOM   749  N NE2 . GLN A 1 93  ? -6.487  -12.372 -12.455 1.00 29.76 ? 93  GLN A NE2 1 
ATOM   750  N N   . ARG A 1 94  ? -2.253  -11.061 -16.115 1.00 22.93 ? 94  ARG A N   1 
ATOM   751  C CA  . ARG A 1 94  ? -1.656  -9.732  -16.169 1.00 22.66 ? 94  ARG A CA  1 
ATOM   752  C C   . ARG A 1 94  ? -2.474  -8.712  -15.401 1.00 22.01 ? 94  ARG A C   1 
ATOM   753  O O   . ARG A 1 94  ? -3.696  -8.645  -15.546 1.00 23.09 ? 94  ARG A O   1 
ATOM   754  C CB  . ARG A 1 94  ? -1.479  -9.297  -17.624 1.00 23.33 ? 94  ARG A CB  1 
ATOM   755  C CG  . ARG A 1 94  ? -0.484  -10.176 -18.348 1.00 25.39 ? 94  ARG A CG  1 
ATOM   756  C CD  . ARG A 1 94  ? -0.339  -9.841  -19.817 1.00 30.38 ? 94  ARG A CD  1 
ATOM   757  N NE  . ARG A 1 94  ? 0.796   -10.567 -20.377 1.00 31.65 ? 94  ARG A NE  1 
ATOM   758  C CZ  . ARG A 1 94  ? 1.386   -10.273 -21.530 1.00 33.95 ? 94  ARG A CZ  1 
ATOM   759  N NH1 . ARG A 1 94  ? 0.943   -9.264  -22.272 1.00 32.88 ? 94  ARG A NH1 1 
ATOM   760  N NH2 . ARG A 1 94  ? 2.462   -10.950 -21.907 1.00 34.26 ? 94  ARG A NH2 1 
ATOM   761  N N   . LEU A 1 95  ? -1.784  -7.926  -14.576 1.00 20.47 ? 95  LEU A N   1 
ATOM   762  C CA  . LEU A 1 95  ? -2.423  -6.913  -13.745 1.00 19.43 ? 95  LEU A CA  1 
ATOM   763  C C   . LEU A 1 95  ? -1.644  -5.604  -13.686 1.00 19.48 ? 95  LEU A C   1 
ATOM   764  O O   . LEU A 1 95  ? -0.417  -5.587  -13.774 1.00 19.77 ? 95  LEU A O   1 
ATOM   765  C CB  . LEU A 1 95  ? -2.549  -7.438  -12.307 1.00 17.41 ? 95  LEU A CB  1 
ATOM   766  C CG  . LEU A 1 95  ? -3.274  -8.765  -12.076 1.00 18.35 ? 95  LEU A CG  1 
ATOM   767  C CD1 . LEU A 1 95  ? -2.912  -9.329  -10.705 1.00 19.71 ? 95  LEU A CD1 1 
ATOM   768  C CD2 . LEU A 1 95  ? -4.777  -8.568  -12.214 1.00 18.82 ? 95  LEU A CD2 1 
ATOM   769  N N   . ARG A 1 96  ? -2.372  -4.506  -13.529 1.00 19.13 ? 96  ARG A N   1 
ATOM   770  C CA  . ARG A 1 96  ? -1.739  -3.207  -13.377 1.00 19.77 ? 96  ARG A CA  1 
ATOM   771  C C   . ARG A 1 96  ? -1.449  -3.149  -11.878 1.00 19.65 ? 96  ARG A C   1 
ATOM   772  O O   . ARG A 1 96  ? -2.145  -3.799  -11.093 1.00 20.05 ? 96  ARG A O   1 
ATOM   773  C CB  . ARG A 1 96  ? -2.712  -2.092  -13.754 1.00 22.09 ? 96  ARG A CB  1 
ATOM   774  C CG  . ARG A 1 96  ? -3.128  -2.090  -15.211 1.00 23.56 ? 96  ARG A CG  1 
ATOM   775  C CD  . ARG A 1 96  ? -4.128  -0.973  -15.487 1.00 29.46 ? 96  ARG A CD  1 
ATOM   776  N NE  . ARG A 1 96  ? -5.407  -1.214  -14.826 1.00 31.28 ? 96  ARG A NE  1 
ATOM   777  C CZ  . ARG A 1 96  ? -5.991  -0.372  -13.976 1.00 35.50 ? 96  ARG A CZ  1 
ATOM   778  N NH1 . ARG A 1 96  ? -5.415  0.783   -13.670 1.00 37.16 ? 96  ARG A NH1 1 
ATOM   779  N NH2 . ARG A 1 96  ? -7.158  -0.688  -13.432 1.00 36.31 ? 96  ARG A NH2 1 
ATOM   780  N N   . PHE A 1 97  ? -0.426  -2.408  -11.474 1.00 18.81 ? 97  PHE A N   1 
ATOM   781  C CA  . PHE A 1 97  ? -0.120  -2.322  -10.050 1.00 18.68 ? 97  PHE A CA  1 
ATOM   782  C C   . PHE A 1 97  ? 0.384   -0.953  -9.627  1.00 18.72 ? 97  PHE A C   1 
ATOM   783  O O   . PHE A 1 97  ? 0.857   -0.159  -10.442 1.00 18.97 ? 97  PHE A O   1 
ATOM   784  C CB  . PHE A 1 97  ? 0.923   -3.377  -9.649  1.00 17.30 ? 97  PHE A CB  1 
ATOM   785  C CG  . PHE A 1 97  ? 2.331   -3.018  -10.038 1.00 19.17 ? 97  PHE A CG  1 
ATOM   786  C CD1 . PHE A 1 97  ? 3.165   -2.353  -9.142  1.00 18.36 ? 97  PHE A CD1 1 
ATOM   787  C CD2 . PHE A 1 97  ? 2.810   -3.307  -11.310 1.00 18.76 ? 97  PHE A CD2 1 
ATOM   788  C CE1 . PHE A 1 97  ? 4.450   -1.981  -9.510  1.00 19.30 ? 97  PHE A CE1 1 
ATOM   789  C CE2 . PHE A 1 97  ? 4.097   -2.940  -11.689 1.00 20.31 ? 97  PHE A CE2 1 
ATOM   790  C CZ  . PHE A 1 97  ? 4.919   -2.272  -10.788 1.00 21.01 ? 97  PHE A CZ  1 
ATOM   791  N N   . ARG A 1 98  ? 0.273   -0.705  -8.329  1.00 17.31 ? 98  ARG A N   1 
ATOM   792  C CA  . ARG A 1 98  ? 0.757   0.517   -7.715  1.00 16.93 ? 98  ARG A CA  1 
ATOM   793  C C   . ARG A 1 98  ? 1.372   0.099   -6.390  1.00 17.45 ? 98  ARG A C   1 
ATOM   794  O O   . ARG A 1 98  ? 0.800   -0.718  -5.668  1.00 18.24 ? 98  ARG A O   1 
ATOM   795  C CB  . ARG A 1 98  ? -0.368  1.524   -7.463  1.00 18.47 ? 98  ARG A CB  1 
ATOM   796  C CG  . ARG A 1 98  ? 0.124   2.793   -6.755  1.00 18.16 ? 98  ARG A CG  1 
ATOM   797  C CD  . ARG A 1 98  ? -0.989  3.816   -6.576  1.00 21.08 ? 98  ARG A CD  1 
ATOM   798  N NE  . ARG A 1 98  ? -1.390  4.412   -7.846  1.00 20.91 ? 98  ARG A NE  1 
ATOM   799  C CZ  . ARG A 1 98  ? -2.464  5.183   -8.011  1.00 26.68 ? 98  ARG A CZ  1 
ATOM   800  N NH1 . ARG A 1 98  ? -3.264  5.453   -6.986  1.00 24.67 ? 98  ARG A NH1 1 
ATOM   801  N NH2 . ARG A 1 98  ? -2.728  5.706   -9.201  1.00 25.29 ? 98  ARG A NH2 1 
ATOM   802  N N   . LEU A 1 99  ? 2.550   0.636   -6.093  1.00 15.23 ? 99  LEU A N   1 
ATOM   803  C CA  . LEU A 1 99  ? 3.236   0.321   -4.848  1.00 17.48 ? 99  LEU A CA  1 
ATOM   804  C C   . LEU A 1 99  ? 4.145   1.456   -4.414  1.00 19.19 ? 99  LEU A C   1 
ATOM   805  O O   . LEU A 1 99  ? 5.028   1.871   -5.173  1.00 18.56 ? 99  LEU A O   1 
ATOM   806  C CB  . LEU A 1 99  ? 4.082   -0.956  -5.008  1.00 17.05 ? 99  LEU A CB  1 
ATOM   807  C CG  . LEU A 1 99  ? 5.098   -1.248  -3.892  1.00 15.46 ? 99  LEU A CG  1 
ATOM   808  C CD1 . LEU A 1 99  ? 4.361   -1.601  -2.607  1.00 13.18 ? 99  LEU A CD1 1 
ATOM   809  C CD2 . LEU A 1 99  ? 6.029   -2.397  -4.297  1.00 15.47 ? 99  LEU A CD2 1 
ATOM   810  N N   . ARG A 1 100 ? 3.882   2.002   -3.228  1.00 19.82 ? 100 ARG A N   1 
ATOM   811  C CA  . ARG A 1 100 ? 4.735   3.044   -2.665  1.00 20.74 ? 100 ARG A CA  1 
ATOM   812  C C   . ARG A 1 100 ? 5.615   2.251   -1.697  1.00 19.61 ? 100 ARG A C   1 
ATOM   813  O O   . ARG A 1 100 ? 5.105   1.635   -0.763  1.00 19.35 ? 100 ARG A O   1 
ATOM   814  C CB  . ARG A 1 100 ? 3.925   4.097   -1.899  1.00 21.74 ? 100 ARG A CB  1 
ATOM   815  C CG  . ARG A 1 100 ? 4.753   5.348   -1.573  1.00 24.66 ? 100 ARG A CG  1 
ATOM   816  C CD  . ARG A 1 100 ? 3.995   6.360   -0.712  1.00 26.07 ? 100 ARG A CD  1 
ATOM   817  N NE  . ARG A 1 100 ? 2.708   6.734   -1.291  1.00 34.70 ? 100 ARG A NE  1 
ATOM   818  C CZ  . ARG A 1 100 ? 2.555   7.562   -2.323  1.00 37.79 ? 100 ARG A CZ  1 
ATOM   819  N NH1 . ARG A 1 100 ? 1.336   7.830   -2.779  1.00 37.68 ? 100 ARG A NH1 1 
ATOM   820  N NH2 . ARG A 1 100 ? 3.613   8.125   -2.899  1.00 36.79 ? 100 ARG A NH2 1 
ATOM   821  N N   . ALA A 1 101 ? 6.929   2.287   -1.902  1.00 20.56 ? 101 ALA A N   1 
ATOM   822  C CA  . ALA A 1 101 ? 7.834   1.504   -1.075  1.00 22.17 ? 101 ALA A CA  1 
ATOM   823  C C   . ALA A 1 101 ? 9.157   2.172   -0.725  1.00 21.36 ? 101 ALA A C   1 
ATOM   824  O O   . ALA A 1 101 ? 9.492   3.226   -1.257  1.00 22.64 ? 101 ALA A O   1 
ATOM   825  C CB  . ALA A 1 101 ? 8.117   0.174   -1.778  1.00 22.73 ? 101 ALA A CB  1 
ATOM   826  N N   . ASN A 1 102 ? 9.878   1.550   0.208   1.00 21.85 ? 102 ASN A N   1 
ATOM   827  C CA  . ASN A 1 102 ? 11.204  1.998   0.638   1.00 24.64 ? 102 ASN A CA  1 
ATOM   828  C C   . ASN A 1 102 ? 12.153  0.962   0.038   1.00 25.81 ? 102 ASN A C   1 
ATOM   829  O O   . ASN A 1 102 ? 12.237  -0.163  0.528   1.00 26.44 ? 102 ASN A O   1 
ATOM   830  C CB  . ASN A 1 102 ? 11.321  1.982   2.164   1.00 26.43 ? 102 ASN A CB  1 
ATOM   831  C CG  . ASN A 1 102 ? 12.725  2.324   2.645   1.00 29.37 ? 102 ASN A CG  1 
ATOM   832  O OD1 . ASN A 1 102 ? 13.337  1.567   3.396   1.00 29.98 ? 102 ASN A OD1 1 
ATOM   833  N ND2 . ASN A 1 102 ? 13.243  3.462   2.198   1.00 30.06 ? 102 ASN A ND2 1 
ATOM   834  N N   . PRO A 1 103 ? 12.860  1.328   -1.045  1.00 27.51 ? 103 PRO A N   1 
ATOM   835  C CA  . PRO A 1 103 ? 13.813  0.489   -1.787  1.00 30.29 ? 103 PRO A CA  1 
ATOM   836  C C   . PRO A 1 103 ? 15.044  -0.014  -1.032  1.00 33.18 ? 103 PRO A C   1 
ATOM   837  O O   . PRO A 1 103 ? 16.170  0.343   -1.374  1.00 33.15 ? 103 PRO A O   1 
ATOM   838  C CB  . PRO A 1 103 ? 14.223  1.391   -2.961  1.00 30.64 ? 103 PRO A CB  1 
ATOM   839  C CG  . PRO A 1 103 ? 13.087  2.346   -3.096  1.00 31.82 ? 103 PRO A CG  1 
ATOM   840  C CD  . PRO A 1 103 ? 12.759  2.657   -1.670  1.00 29.86 ? 103 PRO A CD  1 
ATOM   841  N N   . ALA A 1 104 ? 14.832  -0.897  -0.061  1.00 37.04 ? 104 ALA A N   1 
ATOM   842  C CA  . ALA A 1 104 ? 15.935  -1.448  0.724   1.00 39.62 ? 104 ALA A CA  1 
ATOM   843  C C   . ALA A 1 104 ? 15.525  -2.725  1.450   1.00 41.80 ? 104 ALA A C   1 
ATOM   844  O O   . ALA A 1 104 ? 14.364  -3.133  1.404   1.00 40.30 ? 104 ALA A O   1 
ATOM   845  C CB  . ALA A 1 104 ? 16.433  -0.409  1.729   1.00 38.44 ? 104 ALA A CB  1 
ATOM   846  N N   . LYS A 1 105 ? 16.495  -3.355  2.110   1.00 45.50 ? 105 LYS A N   1 
ATOM   847  C CA  . LYS A 1 105 ? 16.257  -4.581  2.871   1.00 48.38 ? 105 LYS A CA  1 
ATOM   848  C C   . LYS A 1 105 ? 15.541  -4.221  4.171   1.00 49.57 ? 105 LYS A C   1 
ATOM   849  O O   . LYS A 1 105 ? 14.563  -4.861  4.557   1.00 49.08 ? 105 LYS A O   1 
ATOM   850  C CB  . LYS A 1 105 ? 17.588  -5.269  3.192   1.00 50.15 ? 105 LYS A CB  1 
ATOM   851  C CG  . LYS A 1 105 ? 17.450  -6.616  3.899   1.00 52.52 ? 105 LYS A CG  1 
ATOM   852  C CD  . LYS A 1 105 ? 17.015  -7.725  2.942   1.00 55.14 ? 105 LYS A CD  1 
ATOM   853  C CE  . LYS A 1 105 ? 18.205  -8.361  2.216   1.00 56.11 ? 105 LYS A CE  1 
ATOM   854  N NZ  . LYS A 1 105 ? 19.017  -7.401  1.410   1.00 56.85 ? 105 LYS A NZ  1 
ATOM   855  N N   . ARG A 1 106 ? 16.050  -3.188  4.838   1.00 51.39 ? 106 ARG A N   1 
ATOM   856  C CA  . ARG A 1 106 ? 15.498  -2.699  6.098   1.00 53.83 ? 106 ARG A CA  1 
ATOM   857  C C   . ARG A 1 106 ? 15.494  -1.175  6.049   1.00 53.55 ? 106 ARG A C   1 
ATOM   858  O O   . ARG A 1 106 ? 16.057  -0.581  5.126   1.00 53.29 ? 106 ARG A O   1 
ATOM   859  C CB  . ARG A 1 106 ? 16.363  -3.164  7.278   1.00 56.43 ? 106 ARG A CB  1 
ATOM   860  C CG  . ARG A 1 106 ? 16.529  -4.670  7.386   1.00 59.65 ? 106 ARG A CG  1 
ATOM   861  C CD  . ARG A 1 106 ? 17.380  -5.064  8.583   1.00 62.12 ? 106 ARG A CD  1 
ATOM   862  N NE  . ARG A 1 106 ? 17.557  -6.514  8.671   1.00 65.03 ? 106 ARG A NE  1 
ATOM   863  C CZ  . ARG A 1 106 ? 16.591  -7.376  8.984   1.00 65.68 ? 106 ARG A CZ  1 
ATOM   864  N NH1 . ARG A 1 106 ? 16.856  -8.675  9.035   1.00 66.31 ? 106 ARG A NH1 1 
ATOM   865  N NH2 . ARG A 1 106 ? 15.365  -6.945  9.254   1.00 65.76 ? 106 ARG A NH2 1 
ATOM   866  N N   . LEU A 1 107 ? 14.853  -0.547  7.032   1.00 53.79 ? 107 LEU A N   1 
ATOM   867  C CA  . LEU A 1 107 ? 14.797  0.913   7.098   1.00 54.71 ? 107 LEU A CA  1 
ATOM   868  C C   . LEU A 1 107 ? 16.171  1.490   7.427   1.00 54.52 ? 107 LEU A C   1 
ATOM   869  O O   . LEU A 1 107 ? 16.561  2.528   6.896   1.00 55.37 ? 107 LEU A O   1 
ATOM   870  C CB  . LEU A 1 107 ? 13.782  1.382   8.148   1.00 54.96 ? 107 LEU A CB  1 
ATOM   871  C CG  . LEU A 1 107 ? 12.290  1.271   7.827   1.00 55.73 ? 107 LEU A CG  1 
ATOM   872  C CD1 . LEU A 1 107 ? 11.474  1.826   8.989   1.00 54.83 ? 107 LEU A CD1 1 
ATOM   873  C CD2 . LEU A 1 107 ? 11.967  2.027   6.548   1.00 54.68 ? 107 LEU A CD2 1 
ATOM   874  N N   . LYS A 1 117 ? 23.505  4.193   -10.376 1.00 58.14 ? 117 LYS A N   1 
ATOM   875  C CA  . LYS A 1 117 ? 22.243  4.272   -11.108 1.00 57.29 ? 117 LYS A CA  1 
ATOM   876  C C   . LYS A 1 117 ? 21.042  4.074   -10.194 1.00 55.63 ? 117 LYS A C   1 
ATOM   877  O O   . LYS A 1 117 ? 20.296  3.113   -10.353 1.00 55.72 ? 117 LYS A O   1 
ATOM   878  C CB  . LYS A 1 117 ? 22.222  3.241   -12.242 1.00 58.24 ? 117 LYS A CB  1 
ATOM   879  C CG  . LYS A 1 117 ? 22.623  1.829   -11.829 1.00 60.00 ? 117 LYS A CG  1 
ATOM   880  C CD  . LYS A 1 117 ? 22.368  0.805   -12.938 1.00 61.88 ? 117 LYS A CD  1 
ATOM   881  C CE  . LYS A 1 117 ? 23.158  1.102   -14.214 1.00 63.70 ? 117 LYS A CE  1 
ATOM   882  N NZ  . LYS A 1 117 ? 22.634  2.266   -14.994 1.00 63.98 ? 117 LYS A NZ  1 
ATOM   883  N N   . THR A 1 118 ? 20.813  5.022   -9.290  1.00 53.72 ? 118 THR A N   1 
ATOM   884  C CA  . THR A 1 118 ? 19.711  4.899   -8.342  1.00 51.50 ? 118 THR A CA  1 
ATOM   885  C C   . THR A 1 118 ? 18.300  4.695   -8.919  1.00 50.01 ? 118 THR A C   1 
ATOM   886  O O   . THR A 1 118 ? 17.574  3.831   -8.439  1.00 48.97 ? 118 THR A O   1 
ATOM   887  C CB  . THR A 1 118 ? 19.762  5.990   -7.231  1.00 52.48 ? 118 THR A CB  1 
ATOM   888  O OG1 . THR A 1 118 ? 18.742  5.738   -6.259  1.00 52.60 ? 118 THR A OG1 1 
ATOM   889  C CG2 . THR A 1 118 ? 19.600  7.396   -7.794  1.00 53.39 ? 118 THR A CG2 1 
ATOM   890  N N   . PRO A 1 119 ? 17.904  5.443   -9.973  1.00 48.67 ? 119 PRO A N   1 
ATOM   891  C CA  . PRO A 1 119 ? 16.553  5.218   -10.504 1.00 46.85 ? 119 PRO A CA  1 
ATOM   892  C C   . PRO A 1 119 ? 16.444  3.804   -11.067 1.00 44.12 ? 119 PRO A C   1 
ATOM   893  O O   . PRO A 1 119 ? 15.417  3.143   -10.925 1.00 43.25 ? 119 PRO A O   1 
ATOM   894  C CB  . PRO A 1 119 ? 16.443  6.266   -11.612 1.00 48.79 ? 119 PRO A CB  1 
ATOM   895  C CG  . PRO A 1 119 ? 17.342  7.358   -11.132 1.00 48.66 ? 119 PRO A CG  1 
ATOM   896  C CD  . PRO A 1 119 ? 18.540  6.571   -10.672 1.00 48.94 ? 119 PRO A CD  1 
ATOM   897  N N   . ALA A 1 120 ? 17.531  3.343   -11.685 1.00 41.75 ? 120 ALA A N   1 
ATOM   898  C CA  . ALA A 1 120 ? 17.596  2.005   -12.258 1.00 38.49 ? 120 ALA A CA  1 
ATOM   899  C C   . ALA A 1 120 ? 17.765  0.975   -11.141 1.00 37.01 ? 120 ALA A C   1 
ATOM   900  O O   . ALA A 1 120 ? 17.333  -0.168  -11.270 1.00 35.20 ? 120 ALA A O   1 
ATOM   901  C CB  . ALA A 1 120 ? 18.751  1.914   -13.243 1.00 40.96 ? 120 ALA A CB  1 
ATOM   902  N N   . GLU A 1 121 ? 18.416  1.384   -10.054 1.00 35.53 ? 121 GLU A N   1 
ATOM   903  C CA  . GLU A 1 121 ? 18.625  0.506   -8.904  1.00 33.60 ? 121 GLU A CA  1 
ATOM   904  C C   . GLU A 1 121 ? 17.291  0.300   -8.188  1.00 30.73 ? 121 GLU A C   1 
ATOM   905  O O   . GLU A 1 121 ? 17.032  -0.771  -7.640  1.00 29.50 ? 121 GLU A O   1 
ATOM   906  C CB  . GLU A 1 121 ? 19.652  1.107   -7.937  1.00 36.84 ? 121 GLU A CB  1 
ATOM   907  C CG  . GLU A 1 121 ? 21.102  1.038   -8.429  1.00 40.05 ? 121 GLU A CG  1 
ATOM   908  C CD  . GLU A 1 121 ? 22.103  1.680   -7.470  1.00 42.65 ? 121 GLU A CD  1 
ATOM   909  O OE1 . GLU A 1 121 ? 21.762  2.686   -6.806  1.00 41.61 ? 121 GLU A OE1 1 
ATOM   910  O OE2 . GLU A 1 121 ? 23.246  1.179   -7.391  1.00 44.46 ? 121 GLU A OE2 1 
ATOM   911  N N   . LYS A 1 122 ? 16.453  1.333   -8.204  1.00 29.14 ? 122 LYS A N   1 
ATOM   912  C CA  . LYS A 1 122 ? 15.137  1.273   -7.572  1.00 29.27 ? 122 LYS A CA  1 
ATOM   913  C C   . LYS A 1 122 ? 14.246  0.285   -8.316  1.00 29.36 ? 122 LYS A C   1 
ATOM   914  O O   . LYS A 1 122 ? 13.552  -0.519  -7.694  1.00 27.63 ? 122 LYS A O   1 
ATOM   915  C CB  . LYS A 1 122 ? 14.515  2.670   -7.507  1.00 30.49 ? 122 LYS A CB  1 
ATOM   916  C CG  . LYS A 1 122 ? 15.254  3.575   -6.527  1.00 32.03 ? 122 LYS A CG  1 
ATOM   917  C CD  . LYS A 1 122 ? 14.829  5.032   -6.589  1.00 32.40 ? 122 LYS A CD  1 
ATOM   918  C CE  . LYS A 1 122 ? 15.681  5.844   -5.621  1.00 34.34 ? 122 LYS A CE  1 
ATOM   919  N NZ  . LYS A 1 122 ? 15.387  7.298   -5.616  1.00 34.81 ? 122 LYS A NZ  1 
ATOM   920  N N   . VAL A 1 123 ? 14.297  0.326   -9.647  1.00 28.37 ? 123 VAL A N   1 
ATOM   921  C CA  . VAL A 1 123 ? 13.518  -0.596  -10.470 1.00 28.50 ? 123 VAL A CA  1 
ATOM   922  C C   . VAL A 1 123 ? 14.072  -2.002  -10.269 1.00 27.99 ? 123 VAL A C   1 
ATOM   923  O O   . VAL A 1 123 ? 13.314  -2.964  -10.143 1.00 27.11 ? 123 VAL A O   1 
ATOM   924  C CB  . VAL A 1 123 ? 13.570  -0.217  -11.973 1.00 29.20 ? 123 VAL A CB  1 
ATOM   925  C CG1 . VAL A 1 123 ? 12.981  -1.339  -12.827 1.00 29.84 ? 123 VAL A CG1 1 
ATOM   926  C CG2 . VAL A 1 123 ? 12.800  1.079   -12.213 1.00 28.95 ? 123 VAL A CG2 1 
ATOM   927  N N   . ALA A 1 124 ? 15.400  -2.111  -10.208 1.00 27.98 ? 124 ALA A N   1 
ATOM   928  C CA  . ALA A 1 124 ? 16.058  -3.396  -9.994  1.00 27.23 ? 124 ALA A CA  1 
ATOM   929  C C   . ALA A 1 124 ? 15.595  -4.017  -8.672  1.00 27.60 ? 124 ALA A C   1 
ATOM   930  O O   . ALA A 1 124 ? 15.300  -5.217  -8.604  1.00 26.47 ? 124 ALA A O   1 
ATOM   931  C CB  . ALA A 1 124 ? 17.579  -3.217  -9.995  1.00 30.71 ? 124 ALA A CB  1 
ATOM   932  N N   . TRP A 1 125 ? 15.546  -3.197  -7.625  1.00 25.67 ? 125 TRP A N   1 
ATOM   933  C CA  . TRP A 1 125 ? 15.101  -3.649  -6.308  1.00 25.72 ? 125 TRP A CA  1 
ATOM   934  C C   . TRP A 1 125 ? 13.664  -4.165  -6.414  1.00 24.31 ? 125 TRP A C   1 
ATOM   935  O O   . TRP A 1 125 ? 13.340  -5.235  -5.898  1.00 25.55 ? 125 TRP A O   1 
ATOM   936  C CB  . TRP A 1 125 ? 15.168  -2.495  -5.296  1.00 26.65 ? 125 TRP A CB  1 
ATOM   937  C CG  . TRP A 1 125 ? 14.541  -2.814  -3.951  1.00 28.24 ? 125 TRP A CG  1 
ATOM   938  C CD1 . TRP A 1 125 ? 15.157  -3.397  -2.875  1.00 29.39 ? 125 TRP A CD1 1 
ATOM   939  C CD2 . TRP A 1 125 ? 13.180  -2.577  -3.552  1.00 27.78 ? 125 TRP A CD2 1 
ATOM   940  N NE1 . TRP A 1 125 ? 14.265  -3.535  -1.835  1.00 29.80 ? 125 TRP A NE1 1 
ATOM   941  C CE2 . TRP A 1 125 ? 13.047  -3.043  -2.223  1.00 28.40 ? 125 TRP A CE2 1 
ATOM   942  C CE3 . TRP A 1 125 ? 12.063  -2.020  -4.190  1.00 25.01 ? 125 TRP A CE3 1 
ATOM   943  C CZ2 . TRP A 1 125 ? 11.836  -2.966  -1.517  1.00 28.41 ? 125 TRP A CZ2 1 
ATOM   944  C CZ3 . TRP A 1 125 ? 10.856  -1.944  -3.486  1.00 25.86 ? 125 TRP A CZ3 1 
ATOM   945  C CH2 . TRP A 1 125 ? 10.756  -2.417  -2.165  1.00 25.60 ? 125 TRP A CH2 1 
ATOM   946  N N   . LEU A 1 126 ? 12.814  -3.409  -7.104  1.00 23.96 ? 126 LEU A N   1 
ATOM   947  C CA  . LEU A 1 126 ? 11.411  -3.804  -7.284  1.00 24.77 ? 126 LEU A CA  1 
ATOM   948  C C   . LEU A 1 126 ? 11.298  -5.162  -7.976  1.00 26.32 ? 126 LEU A C   1 
ATOM   949  O O   . LEU A 1 126 ? 10.536  -6.025  -7.541  1.00 23.69 ? 126 LEU A O   1 
ATOM   950  C CB  . LEU A 1 126 ? 10.654  -2.756  -8.105  1.00 23.47 ? 126 LEU A CB  1 
ATOM   951  C CG  . LEU A 1 126 ? 9.184   -3.089  -8.395  1.00 21.62 ? 126 LEU A CG  1 
ATOM   952  C CD1 . LEU A 1 126 ? 8.378   -3.081  -7.097  1.00 20.86 ? 126 LEU A CD1 1 
ATOM   953  C CD2 . LEU A 1 126 ? 8.618   -2.079  -9.376  1.00 21.91 ? 126 LEU A CD2 1 
ATOM   954  N N   . GLU A 1 127 ? 12.059  -5.349  -9.052  1.00 26.97 ? 127 GLU A N   1 
ATOM   955  C CA  . GLU A 1 127 ? 12.027  -6.608  -9.791  1.00 28.88 ? 127 GLU A CA  1 
ATOM   956  C C   . GLU A 1 127 ? 12.294  -7.818  -8.921  1.00 29.20 ? 127 GLU A C   1 
ATOM   957  O O   . GLU A 1 127 ? 11.592  -8.822  -9.018  1.00 28.46 ? 127 GLU A O   1 
ATOM   958  C CB  . GLU A 1 127 ? 13.039  -6.597  -10.926 1.00 31.76 ? 127 GLU A CB  1 
ATOM   959  C CG  . GLU A 1 127 ? 12.668  -5.700  -12.064 1.00 34.06 ? 127 GLU A CG  1 
ATOM   960  C CD  . GLU A 1 127 ? 13.217  -6.221  -13.363 1.00 35.63 ? 127 GLU A CD  1 
ATOM   961  O OE1 . GLU A 1 127 ? 12.541  -7.061  -13.989 1.00 39.84 ? 127 GLU A OE1 1 
ATOM   962  O OE2 . GLU A 1 127 ? 14.330  -5.816  -13.740 1.00 38.95 ? 127 GLU A OE2 1 
ATOM   963  N N   . ARG A 1 128 ? 13.326  -7.719  -8.088  1.00 29.98 ? 128 ARG A N   1 
ATOM   964  C CA  . ARG A 1 128 ? 13.710  -8.803  -7.197  1.00 31.97 ? 128 ARG A CA  1 
ATOM   965  C C   . ARG A 1 128 ? 12.643  -9.092  -6.155  1.00 29.66 ? 128 ARG A C   1 
ATOM   966  O O   . ARG A 1 128 ? 12.338  -10.255 -5.887  1.00 28.29 ? 128 ARG A O   1 
ATOM   967  C CB  . ARG A 1 128 ? 15.036  -8.481  -6.507  1.00 35.71 ? 128 ARG A CB  1 
ATOM   968  C CG  . ARG A 1 128 ? 16.159  -9.465  -6.816  1.00 44.02 ? 128 ARG A CG  1 
ATOM   969  C CD  . ARG A 1 128 ? 15.842  -10.877 -6.325  1.00 48.07 ? 128 ARG A CD  1 
ATOM   970  N NE  . ARG A 1 128 ? 17.003  -11.760 -6.421  1.00 51.91 ? 128 ARG A NE  1 
ATOM   971  C CZ  . ARG A 1 128 ? 16.942  -13.082 -6.567  1.00 53.99 ? 128 ARG A CZ  1 
ATOM   972  N NH1 . ARG A 1 128 ? 15.767  -13.694 -6.636  1.00 55.83 ? 128 ARG A NH1 1 
ATOM   973  N NH2 . ARG A 1 128 ? 18.061  -13.793 -6.662  1.00 55.17 ? 128 ARG A NH2 1 
ATOM   974  N N   . ARG A 1 129 ? 12.092  -8.039  -5.556  1.00 27.35 ? 129 ARG A N   1 
ATOM   975  C CA  . ARG A 1 129 ? 11.052  -8.203  -4.540  1.00 26.60 ? 129 ARG A CA  1 
ATOM   976  C C   . ARG A 1 129 ? 9.811   -8.856  -5.146  1.00 22.90 ? 129 ARG A C   1 
ATOM   977  O O   . ARG A 1 129 ? 9.239   -9.766  -4.557  1.00 21.62 ? 129 ARG A O   1 
ATOM   978  C CB  . ARG A 1 129 ? 10.676  -6.859  -3.912  1.00 28.46 ? 129 ARG A CB  1 
ATOM   979  C CG  . ARG A 1 129 ? 11.823  -6.094  -3.265  1.00 34.20 ? 129 ARG A CG  1 
ATOM   980  C CD  . ARG A 1 129 ? 12.327  -6.730  -1.968  1.00 38.94 ? 129 ARG A CD  1 
ATOM   981  N NE  . ARG A 1 129 ? 13.121  -7.935  -2.198  1.00 44.46 ? 129 ARG A NE  1 
ATOM   982  C CZ  . ARG A 1 129 ? 14.341  -7.949  -2.734  1.00 47.00 ? 129 ARG A CZ  1 
ATOM   983  N NH1 . ARG A 1 129 ? 14.933  -6.816  -3.101  1.00 47.03 ? 129 ARG A NH1 1 
ATOM   984  N NH2 . ARG A 1 129 ? 14.964  -9.107  -2.923  1.00 47.30 ? 129 ARG A NH2 1 
ATOM   985  N N   . LEU A 1 130 ? 9.410   -8.412  -6.335  1.00 20.80 ? 130 LEU A N   1 
ATOM   986  C CA  . LEU A 1 130 ? 8.236   -9.000  -6.985  1.00 20.17 ? 130 LEU A CA  1 
ATOM   987  C C   . LEU A 1 130 ? 8.476   -10.466 -7.346  1.00 21.03 ? 130 LEU A C   1 
ATOM   988  O O   . LEU A 1 130 ? 7.644   -11.319 -7.066  1.00 18.59 ? 130 LEU A O   1 
ATOM   989  C CB  . LEU A 1 130 ? 7.830   -8.205  -8.231  1.00 19.04 ? 130 LEU A CB  1 
ATOM   990  C CG  . LEU A 1 130 ? 7.225   -6.815  -7.997  1.00 19.37 ? 130 LEU A CG  1 
ATOM   991  C CD1 . LEU A 1 130 ? 6.976   -6.133  -9.337  1.00 19.54 ? 130 LEU A CD1 1 
ATOM   992  C CD2 . LEU A 1 130 ? 5.913   -6.923  -7.206  1.00 21.48 ? 130 LEU A CD2 1 
ATOM   993  N N   . GLU A 1 131 ? 9.629   -10.768 -7.936  1.00 22.05 ? 131 GLU A N   1 
ATOM   994  C CA  . GLU A 1 131 ? 9.932   -12.150 -8.304  1.00 24.52 ? 131 GLU A CA  1 
ATOM   995  C C   . GLU A 1 131 ? 9.994   -13.053 -7.072  1.00 24.75 ? 131 GLU A C   1 
ATOM   996  O O   . GLU A 1 131 ? 9.457   -14.163 -7.078  1.00 24.65 ? 131 GLU A O   1 
ATOM   997  C CB  . GLU A 1 131 ? 11.227  -12.216 -9.111  1.00 27.34 ? 131 GLU A CB  1 
ATOM   998  C CG  . GLU A 1 131 ? 11.105  -11.563 -10.487 1.00 31.74 ? 131 GLU A CG  1 
ATOM   999  C CD  . GLU A 1 131 ? 12.440  -11.351 -11.178 1.00 36.77 ? 131 GLU A CD  1 
ATOM   1000 O OE1 . GLU A 1 131 ? 13.472  -11.837 -10.664 1.00 38.73 ? 131 GLU A OE1 1 
ATOM   1001 O OE2 . GLU A 1 131 ? 12.455  -10.686 -12.239 1.00 39.70 ? 131 GLU A OE2 1 
ATOM   1002 N N   . GLU A 1 132 ? 10.612  -12.566 -6.001  1.00 24.57 ? 132 GLU A N   1 
ATOM   1003 C CA  . GLU A 1 132 ? 10.685  -13.353 -4.776  1.00 26.90 ? 132 GLU A CA  1 
ATOM   1004 C C   . GLU A 1 132 ? 9.276   -13.547 -4.218  1.00 25.56 ? 132 GLU A C   1 
ATOM   1005 O O   . GLU A 1 132 ? 8.977   -14.577 -3.620  1.00 23.44 ? 132 GLU A O   1 
ATOM   1006 C CB  . GLU A 1 132 ? 11.586  -12.673 -3.741  1.00 31.02 ? 132 GLU A CB  1 
ATOM   1007 C CG  . GLU A 1 132 ? 13.070  -12.745 -4.079  1.00 38.88 ? 132 GLU A CG  1 
ATOM   1008 C CD  . GLU A 1 132 ? 13.608  -14.170 -4.089  1.00 43.92 ? 132 GLU A CD  1 
ATOM   1009 O OE1 . GLU A 1 132 ? 14.037  -14.652 -3.016  1.00 47.20 ? 132 GLU A OE1 1 
ATOM   1010 O OE2 . GLU A 1 132 ? 13.611  -14.806 -5.169  1.00 46.49 ? 132 GLU A OE2 1 
ATOM   1011 N N   . GLY A 1 133 ? 8.403   -12.575 -4.485  1.00 24.39 ? 133 GLY A N   1 
ATOM   1012 C CA  . GLY A 1 133 ? 7.029   -12.636 -4.013  1.00 23.51 ? 133 GLY A CA  1 
ATOM   1013 C C   . GLY A 1 133 ? 6.038   -13.358 -4.912  1.00 23.28 ? 133 GLY A C   1 
ATOM   1014 O O   . GLY A 1 133 ? 4.837   -13.339 -4.637  1.00 21.99 ? 133 GLY A O   1 
ATOM   1015 N N   . GLY A 1 134 ? 6.518   -13.950 -6.004  1.00 22.62 ? 134 GLY A N   1 
ATOM   1016 C CA  . GLY A 1 134 ? 5.635   -14.693 -6.894  1.00 21.52 ? 134 GLY A CA  1 
ATOM   1017 C C   . GLY A 1 134 ? 5.034   -13.923 -8.058  1.00 21.73 ? 134 GLY A C   1 
ATOM   1018 O O   . GLY A 1 134 ? 4.122   -14.417 -8.725  1.00 20.12 ? 134 GLY A O   1 
ATOM   1019 N N   . PHE A 1 135 ? 5.504   -12.696 -8.267  1.00 21.61 ? 135 PHE A N   1 
ATOM   1020 C CA  . PHE A 1 135 ? 5.030   -11.861 -9.368  1.00 22.42 ? 135 PHE A CA  1 
ATOM   1021 C C   . PHE A 1 135 ? 6.187   -11.631 -10.329 1.00 23.17 ? 135 PHE A C   1 
ATOM   1022 O O   . PHE A 1 135 ? 7.331   -11.985 -10.042 1.00 24.74 ? 135 PHE A O   1 
ATOM   1023 C CB  . PHE A 1 135 ? 4.541   -10.498 -8.866  1.00 21.91 ? 135 PHE A CB  1 
ATOM   1024 C CG  . PHE A 1 135 ? 3.241   -10.542 -8.111  1.00 21.42 ? 135 PHE A CG  1 
ATOM   1025 C CD1 . PHE A 1 135 ? 2.029   -10.631 -8.788  1.00 23.28 ? 135 PHE A CD1 1 
ATOM   1026 C CD2 . PHE A 1 135 ? 3.224   -10.417 -6.725  1.00 22.31 ? 135 PHE A CD2 1 
ATOM   1027 C CE1 . PHE A 1 135 ? 0.820   -10.588 -8.096  1.00 23.32 ? 135 PHE A CE1 1 
ATOM   1028 C CE2 . PHE A 1 135 ? 2.019   -10.373 -6.024  1.00 20.74 ? 135 PHE A CE2 1 
ATOM   1029 C CZ  . PHE A 1 135 ? 0.818   -10.456 -6.707  1.00 22.15 ? 135 PHE A CZ  1 
ATOM   1030 N N   . ARG A 1 136 ? 5.887   -11.003 -11.460 1.00 22.67 ? 136 ARG A N   1 
ATOM   1031 C CA  . ARG A 1 136 ? 6.897   -10.713 -12.459 1.00 24.38 ? 136 ARG A CA  1 
ATOM   1032 C C   . ARG A 1 136 ? 6.504   -9.465  -13.230 1.00 23.13 ? 136 ARG A C   1 
ATOM   1033 O O   . ARG A 1 136 ? 5.396   -9.371  -13.740 1.00 21.27 ? 136 ARG A O   1 
ATOM   1034 C CB  . ARG A 1 136 ? 7.032   -11.893 -13.428 1.00 25.57 ? 136 ARG A CB  1 
ATOM   1035 C CG  . ARG A 1 136 ? 8.054   -11.702 -14.527 1.00 28.75 ? 136 ARG A CG  1 
ATOM   1036 C CD  . ARG A 1 136 ? 8.246   -12.995 -15.304 1.00 31.11 ? 136 ARG A CD  1 
ATOM   1037 N NE  . ARG A 1 136 ? 8.694   -14.084 -14.438 1.00 32.70 ? 136 ARG A NE  1 
ATOM   1038 C CZ  . ARG A 1 136 ? 8.424   -15.371 -14.649 1.00 34.53 ? 136 ARG A CZ  1 
ATOM   1039 N NH1 . ARG A 1 136 ? 7.701   -15.743 -15.697 1.00 35.02 ? 136 ARG A NH1 1 
ATOM   1040 N NH2 . ARG A 1 136 ? 8.897   -16.293 -13.821 1.00 33.71 ? 136 ARG A NH2 1 
ATOM   1041 N N   . LEU A 1 137 ? 7.426   -8.513  -13.313 1.00 21.93 ? 137 LEU A N   1 
ATOM   1042 C CA  . LEU A 1 137 ? 7.187   -7.276  -14.046 1.00 23.74 ? 137 LEU A CA  1 
ATOM   1043 C C   . LEU A 1 137 ? 7.046   -7.620  -15.534 1.00 24.26 ? 137 LEU A C   1 
ATOM   1044 O O   . LEU A 1 137 ? 7.752   -8.502  -16.036 1.00 24.45 ? 137 LEU A O   1 
ATOM   1045 C CB  . LEU A 1 137 ? 8.384   -6.344  -13.835 1.00 25.09 ? 137 LEU A CB  1 
ATOM   1046 C CG  . LEU A 1 137 ? 8.179   -4.853  -13.563 1.00 28.93 ? 137 LEU A CG  1 
ATOM   1047 C CD1 . LEU A 1 137 ? 7.169   -4.637  -12.455 1.00 25.43 ? 137 LEU A CD1 1 
ATOM   1048 C CD2 . LEU A 1 137 ? 9.505   -4.219  -13.198 1.00 24.93 ? 137 LEU A CD2 1 
ATOM   1049 N N   . LEU A 1 138 ? 6.082   -7.006  -16.219 1.00 21.89 ? 138 LEU A N   1 
ATOM   1050 C CA  . LEU A 1 138 ? 5.928   -7.258  -17.651 1.00 24.56 ? 138 LEU A CA  1 
ATOM   1051 C C   . LEU A 1 138 ? 7.059   -6.541  -18.384 1.00 24.74 ? 138 LEU A C   1 
ATOM   1052 O O   . LEU A 1 138 ? 7.636   -5.583  -17.865 1.00 22.11 ? 138 LEU A O   1 
ATOM   1053 C CB  . LEU A 1 138 ? 4.579   -6.756  -18.177 1.00 25.08 ? 138 LEU A CB  1 
ATOM   1054 C CG  . LEU A 1 138 ? 3.316   -7.550  -17.834 1.00 26.05 ? 138 LEU A CG  1 
ATOM   1055 C CD1 . LEU A 1 138 ? 2.149   -6.981  -18.632 1.00 27.03 ? 138 LEU A CD1 1 
ATOM   1056 C CD2 . LEU A 1 138 ? 3.499   -9.027  -18.166 1.00 28.10 ? 138 LEU A CD2 1 
ATOM   1057 N N   . GLU A 1 139 ? 7.398   -7.034  -19.570 1.00 27.05 ? 139 GLU A N   1 
ATOM   1058 C CA  . GLU A 1 139 ? 8.460   -6.436  -20.369 1.00 28.33 ? 139 GLU A CA  1 
ATOM   1059 C C   . GLU A 1 139 ? 7.891   -5.733  -21.597 1.00 30.60 ? 139 GLU A C   1 
ATOM   1060 O O   . GLU A 1 139 ? 7.109   -6.317  -22.352 1.00 30.98 ? 139 GLU A O   1 
ATOM   1061 C CB  . GLU A 1 139 ? 9.476   -7.503  -20.785 1.00 29.77 ? 139 GLU A CB  1 
ATOM   1062 C CG  . GLU A 1 139 ? 10.225  -8.122  -19.610 1.00 31.17 ? 139 GLU A CG  1 
ATOM   1063 C CD  . GLU A 1 139 ? 11.253  -9.151  -20.042 1.00 32.91 ? 139 GLU A CD  1 
ATOM   1064 O OE1 . GLU A 1 139 ? 10.973  -10.363 -19.917 1.00 32.00 ? 139 GLU A OE1 1 
ATOM   1065 O OE2 . GLU A 1 139 ? 12.340  -8.749  -20.503 1.00 30.84 ? 139 GLU A OE2 1 
ATOM   1066 N N   . GLY A 1 140 ? 8.252   -4.463  -21.755 1.00 31.34 ? 140 GLY A N   1 
ATOM   1067 C CA  . GLY A 1 140 ? 7.786   -3.680  -22.887 1.00 34.97 ? 140 GLY A CA  1 
ATOM   1068 C C   . GLY A 1 140 ? 8.894   -3.493  -23.907 1.00 35.84 ? 140 GLY A C   1 
ATOM   1069 O O   . GLY A 1 140 ? 10.006  -3.985  -23.711 1.00 35.84 ? 140 GLY A O   1 
ATOM   1070 N N   . GLU A 1 141 ? 8.610   -2.772  -24.990 1.00 37.10 ? 141 GLU A N   1 
ATOM   1071 C CA  . GLU A 1 141 ? 9.615   -2.545  -26.023 1.00 37.92 ? 141 GLU A CA  1 
ATOM   1072 C C   . GLU A 1 141 ? 10.759  -1.658  -25.533 1.00 38.30 ? 141 GLU A C   1 
ATOM   1073 O O   . GLU A 1 141 ? 11.778  -1.509  -26.212 1.00 35.70 ? 141 GLU A O   1 
ATOM   1074 C CB  . GLU A 1 141 ? 8.980   -1.968  -27.296 1.00 40.30 ? 141 GLU A CB  1 
ATOM   1075 C CG  . GLU A 1 141 ? 8.239   -0.649  -27.114 1.00 42.72 ? 141 GLU A CG  1 
ATOM   1076 C CD  . GLU A 1 141 ? 7.723   -0.080  -28.435 1.00 44.87 ? 141 GLU A CD  1 
ATOM   1077 O OE1 . GLU A 1 141 ? 7.780   1.156   -28.609 1.00 45.16 ? 141 GLU A OE1 1 
ATOM   1078 O OE2 . GLU A 1 141 ? 7.267   -0.867  -29.297 1.00 43.61 ? 141 GLU A OE2 1 
ATOM   1079 N N   . ARG A 1 142 ? 10.592  -1.088  -24.342 1.00 38.51 ? 142 ARG A N   1 
ATOM   1080 C CA  . ARG A 1 142 ? 11.616  -0.240  -23.752 1.00 39.65 ? 142 ARG A CA  1 
ATOM   1081 C C   . ARG A 1 142 ? 11.992  -0.684  -22.341 1.00 39.08 ? 142 ARG A C   1 
ATOM   1082 O O   . ARG A 1 142 ? 12.301  0.133   -21.474 1.00 40.06 ? 142 ARG A O   1 
ATOM   1083 C CB  . ARG A 1 142 ? 11.190  1.229   -23.782 1.00 43.93 ? 142 ARG A CB  1 
ATOM   1084 C CG  . ARG A 1 142 ? 11.396  1.881   -25.148 1.00 48.43 ? 142 ARG A CG  1 
ATOM   1085 C CD  . ARG A 1 142 ? 10.922  3.322   -25.168 1.00 53.44 ? 142 ARG A CD  1 
ATOM   1086 N NE  . ARG A 1 142 ? 9.472   3.426   -25.018 1.00 57.70 ? 142 ARG A NE  1 
ATOM   1087 C CZ  . ARG A 1 142 ? 8.794   4.569   -25.056 1.00 59.59 ? 142 ARG A CZ  1 
ATOM   1088 N NH1 . ARG A 1 142 ? 9.431   5.719   -25.238 1.00 60.77 ? 142 ARG A NH1 1 
ATOM   1089 N NH2 . ARG A 1 142 ? 7.474   4.562   -24.922 1.00 60.49 ? 142 ARG A NH2 1 
ATOM   1090 N N   . GLY A 1 143 ? 11.972  -1.996  -22.128 1.00 37.80 ? 143 GLY A N   1 
ATOM   1091 C CA  . GLY A 1 143 ? 12.336  -2.550  -20.839 1.00 35.83 ? 143 GLY A CA  1 
ATOM   1092 C C   . GLY A 1 143 ? 11.181  -2.830  -19.900 1.00 34.63 ? 143 GLY A C   1 
ATOM   1093 O O   . GLY A 1 143 ? 10.024  -2.900  -20.325 1.00 34.58 ? 143 GLY A O   1 
ATOM   1094 N N   . PRO A 1 144 ? 11.474  -2.982  -18.598 1.00 31.96 ? 144 PRO A N   1 
ATOM   1095 C CA  . PRO A 1 144 ? 10.487  -3.260  -17.551 1.00 30.04 ? 144 PRO A CA  1 
ATOM   1096 C C   . PRO A 1 144 ? 9.301   -2.307  -17.629 1.00 26.93 ? 144 PRO A C   1 
ATOM   1097 O O   . PRO A 1 144 ? 9.473   -1.096  -17.764 1.00 24.91 ? 144 PRO A O   1 
ATOM   1098 C CB  . PRO A 1 144 ? 11.295  -3.054  -16.271 1.00 30.94 ? 144 PRO A CB  1 
ATOM   1099 C CG  . PRO A 1 144 ? 12.656  -3.503  -16.666 1.00 33.31 ? 144 PRO A CG  1 
ATOM   1100 C CD  . PRO A 1 144 ? 12.823  -2.851  -18.019 1.00 33.33 ? 144 PRO A CD  1 
ATOM   1101 N N   . TRP A 1 145 ? 8.099   -2.867  -17.571 1.00 25.65 ? 145 TRP A N   1 
ATOM   1102 C CA  . TRP A 1 145 ? 6.878   -2.081  -17.640 1.00 25.70 ? 145 TRP A CA  1 
ATOM   1103 C C   . TRP A 1 145 ? 6.596   -1.442  -16.280 1.00 24.89 ? 145 TRP A C   1 
ATOM   1104 O O   . TRP A 1 145 ? 5.722   -1.887  -15.542 1.00 23.23 ? 145 TRP A O   1 
ATOM   1105 C CB  . TRP A 1 145 ? 5.707   -2.973  -18.057 1.00 28.08 ? 145 TRP A CB  1 
ATOM   1106 C CG  . TRP A 1 145 ? 4.618   -2.253  -18.777 1.00 34.66 ? 145 TRP A CG  1 
ATOM   1107 C CD1 . TRP A 1 145 ? 3.912   -1.168  -18.338 1.00 36.68 ? 145 TRP A CD1 1 
ATOM   1108 C CD2 . TRP A 1 145 ? 4.109   -2.563  -20.079 1.00 37.46 ? 145 TRP A CD2 1 
ATOM   1109 N NE1 . TRP A 1 145 ? 2.997   -0.783  -19.288 1.00 37.46 ? 145 TRP A NE1 1 
ATOM   1110 C CE2 . TRP A 1 145 ? 3.095   -1.624  -20.365 1.00 39.42 ? 145 TRP A CE2 1 
ATOM   1111 C CE3 . TRP A 1 145 ? 4.410   -3.548  -21.030 1.00 38.55 ? 145 TRP A CE3 1 
ATOM   1112 C CZ2 . TRP A 1 145 ? 2.378   -1.637  -21.569 1.00 39.97 ? 145 TRP A CZ2 1 
ATOM   1113 C CZ3 . TRP A 1 145 ? 3.698   -3.563  -22.227 1.00 41.62 ? 145 TRP A CZ3 1 
ATOM   1114 C CH2 . TRP A 1 145 ? 2.692   -2.612  -22.483 1.00 41.51 ? 145 TRP A CH2 1 
ATOM   1115 N N   . VAL A 1 146 ? 7.339   -0.391  -15.965 1.00 24.21 ? 146 VAL A N   1 
ATOM   1116 C CA  . VAL A 1 146 ? 7.169   0.311   -14.701 1.00 24.42 ? 146 VAL A CA  1 
ATOM   1117 C C   . VAL A 1 146 ? 7.719   1.718   -14.807 1.00 26.85 ? 146 VAL A C   1 
ATOM   1118 O O   . VAL A 1 146 ? 8.636   1.985   -15.597 1.00 26.66 ? 146 VAL A O   1 
ATOM   1119 C CB  . VAL A 1 146 ? 7.892   -0.423  -13.533 1.00 23.48 ? 146 VAL A CB  1 
ATOM   1120 C CG1 . VAL A 1 146 ? 9.401   -0.400  -13.736 1.00 22.42 ? 146 VAL A CG1 1 
ATOM   1121 C CG2 . VAL A 1 146 ? 7.518   0.210   -12.190 1.00 24.39 ? 146 VAL A CG2 1 
ATOM   1122 N N   . GLN A 1 147 ? 7.108   2.625   -14.056 1.00 26.44 ? 147 GLN A N   1 
ATOM   1123 C CA  . GLN A 1 147 ? 7.549   4.004   -14.007 1.00 28.69 ? 147 GLN A CA  1 
ATOM   1124 C C   . GLN A 1 147 ? 7.492   4.502   -12.573 1.00 28.49 ? 147 GLN A C   1 
ATOM   1125 O O   . GLN A 1 147 ? 6.702   4.014   -11.758 1.00 24.73 ? 147 GLN A O   1 
ATOM   1126 C CB  . GLN A 1 147 ? 6.722   4.898   -14.945 1.00 31.66 ? 147 GLN A CB  1 
ATOM   1127 C CG  . GLN A 1 147 ? 5.219   4.708   -14.875 1.00 38.45 ? 147 GLN A CG  1 
ATOM   1128 C CD  . GLN A 1 147 ? 4.491   5.325   -16.064 1.00 42.68 ? 147 GLN A CD  1 
ATOM   1129 O OE1 . GLN A 1 147 ? 3.261   5.435   -16.064 1.00 44.91 ? 147 GLN A OE1 1 
ATOM   1130 N NE2 . GLN A 1 147 ? 5.245   5.715   -17.090 1.00 43.03 ? 147 GLN A NE2 1 
ATOM   1131 N N   . ILE A 1 148 ? 8.423   5.392   -12.248 1.00 28.81 ? 148 ILE A N   1 
ATOM   1132 C CA  . ILE A 1 148 ? 8.502   5.995   -10.926 1.00 28.98 ? 148 ILE A CA  1 
ATOM   1133 C C   . ILE A 1 148 ? 7.702   7.288   -11.014 1.00 31.39 ? 148 ILE A C   1 
ATOM   1134 O O   . ILE A 1 148 ? 8.140   8.252   -11.646 1.00 31.37 ? 148 ILE A O   1 
ATOM   1135 C CB  . ILE A 1 148 ? 9.970   6.300   -10.542 1.00 29.41 ? 148 ILE A CB  1 
ATOM   1136 C CG1 . ILE A 1 148 ? 10.763  4.992   -10.466 1.00 29.99 ? 148 ILE A CG1 1 
ATOM   1137 C CG2 . ILE A 1 148 ? 10.033  7.073   -9.216  1.00 28.34 ? 148 ILE A CG2 1 
ATOM   1138 C CD1 . ILE A 1 148 ? 12.251  5.176   -10.263 1.00 31.11 ? 148 ILE A CD1 1 
ATOM   1139 N N   . LEU A 1 149 ? 6.506   7.279   -10.428 1.00 30.60 ? 149 LEU A N   1 
ATOM   1140 C CA  . LEU A 1 149 ? 5.629   8.444   -10.445 1.00 33.31 ? 149 LEU A CA  1 
ATOM   1141 C C   . LEU A 1 149 ? 6.039   9.485   -9.416  1.00 34.46 ? 149 LEU A C   1 
ATOM   1142 O O   . LEU A 1 149 ? 5.795   10.678  -9.595  1.00 33.39 ? 149 LEU A O   1 
ATOM   1143 C CB  . LEU A 1 149 ? 4.183   8.032   -10.186 1.00 35.02 ? 149 LEU A CB  1 
ATOM   1144 C CG  . LEU A 1 149 ? 3.533   6.992   -11.098 1.00 35.92 ? 149 LEU A CG  1 
ATOM   1145 C CD1 . LEU A 1 149 ? 2.056   6.961   -10.771 1.00 36.72 ? 149 LEU A CD1 1 
ATOM   1146 C CD2 . LEU A 1 149 ? 3.739   7.334   -12.559 1.00 37.86 ? 149 LEU A CD2 1 
ATOM   1147 N N   . GLN A 1 150 ? 6.642   9.026   -8.326  1.00 35.07 ? 150 GLN A N   1 
ATOM   1148 C CA  . GLN A 1 150 ? 7.088   9.921   -7.274  1.00 36.38 ? 150 GLN A CA  1 
ATOM   1149 C C   . GLN A 1 150 ? 8.289   9.344   -6.546  1.00 36.44 ? 150 GLN A C   1 
ATOM   1150 O O   . GLN A 1 150 ? 8.354   8.146   -6.262  1.00 34.78 ? 150 GLN A O   1 
ATOM   1151 C CB  . GLN A 1 150 ? 5.958   10.202  -6.279  1.00 36.80 ? 150 GLN A CB  1 
ATOM   1152 C CG  . GLN A 1 150 ? 6.320   11.252  -5.232  1.00 40.92 ? 150 GLN A CG  1 
ATOM   1153 C CD  . GLN A 1 150 ? 5.229   11.458  -4.202  1.00 41.65 ? 150 GLN A CD  1 
ATOM   1154 O OE1 . GLN A 1 150 ? 4.883   10.541  -3.455  1.00 40.40 ? 150 GLN A OE1 1 
ATOM   1155 N NE2 . GLN A 1 150 ? 4.688   12.675  -4.145  1.00 42.20 ? 150 GLN A NE2 1 
ATOM   1156 N N   . ASP A 1 151 ? 9.250   10.215  -6.273  1.00 36.53 ? 151 ASP A N   1 
ATOM   1157 C CA  . ASP A 1 151 ? 10.467  9.842   -5.577  1.00 38.01 ? 151 ASP A CA  1 
ATOM   1158 C C   . ASP A 1 151 ? 10.656  10.922  -4.521  1.00 38.28 ? 151 ASP A C   1 
ATOM   1159 O O   . ASP A 1 151 ? 11.012  12.056  -4.845  1.00 38.43 ? 151 ASP A O   1 
ATOM   1160 C CB  . ASP A 1 151 ? 11.638  9.841   -6.560  1.00 40.56 ? 151 ASP A CB  1 
ATOM   1161 C CG  . ASP A 1 151 ? 12.714  8.846   -6.187  1.00 42.45 ? 151 ASP A CG  1 
ATOM   1162 O OD1 . ASP A 1 151 ? 13.258  8.200   -7.108  1.00 44.44 ? 151 ASP A OD1 1 
ATOM   1163 O OD2 . ASP A 1 151 ? 13.016  8.708   -4.982  1.00 45.26 ? 151 ASP A OD2 1 
ATOM   1164 N N   . THR A 1 152 ? 10.395  10.579  -3.265  1.00 36.04 ? 152 THR A N   1 
ATOM   1165 C CA  . THR A 1 152 ? 10.511  11.553  -2.188  1.00 36.51 ? 152 THR A CA  1 
ATOM   1166 C C   . THR A 1 152 ? 10.901  10.906  -0.856  1.00 36.45 ? 152 THR A C   1 
ATOM   1167 O O   . THR A 1 152 ? 11.380  9.769   -0.826  1.00 35.75 ? 152 THR A O   1 
ATOM   1168 C CB  . THR A 1 152 ? 9.180   12.332  -2.036  1.00 36.48 ? 152 THR A CB  1 
ATOM   1169 O OG1 . THR A 1 152 ? 9.355   13.442  -1.144  1.00 38.84 ? 152 THR A OG1 1 
ATOM   1170 C CG2 . THR A 1 152 ? 8.079   11.415  -1.515  1.00 36.29 ? 152 THR A CG2 1 
ATOM   1171 N N   . PHE A 1 153 ? 10.726  11.654  0.233   1.00 36.45 ? 153 PHE A N   1 
ATOM   1172 C CA  . PHE A 1 153 ? 11.051  11.172  1.572   1.00 36.30 ? 153 PHE A CA  1 
ATOM   1173 C C   . PHE A 1 153 ? 9.916   11.423  2.557   1.00 37.51 ? 153 PHE A C   1 
ATOM   1174 O O   . PHE A 1 153 ? 9.215   12.434  2.474   1.00 37.03 ? 153 PHE A O   1 
ATOM   1175 C CB  . PHE A 1 153 ? 12.319  11.856  2.103   1.00 36.85 ? 153 PHE A CB  1 
ATOM   1176 C CG  . PHE A 1 153 ? 13.578  11.444  1.396   1.00 36.64 ? 153 PHE A CG  1 
ATOM   1177 C CD1 . PHE A 1 153 ? 14.071  12.191  0.332   1.00 38.78 ? 153 PHE A CD1 1 
ATOM   1178 C CD2 . PHE A 1 153 ? 14.270  10.306  1.793   1.00 37.36 ? 153 PHE A CD2 1 
ATOM   1179 C CE1 . PHE A 1 153 ? 15.236  11.810  -0.330  1.00 38.68 ? 153 PHE A CE1 1 
ATOM   1180 C CE2 . PHE A 1 153 ? 15.436  9.914   1.140   1.00 38.66 ? 153 PHE A CE2 1 
ATOM   1181 C CZ  . PHE A 1 153 ? 15.920  10.667  0.076   1.00 40.18 ? 153 PHE A CZ  1 
ATOM   1182 N N   . LEU A 1 154 ? 9.719   10.474  3.465   1.00 37.87 ? 154 LEU A N   1 
ATOM   1183 C CA  . LEU A 1 154 ? 8.700   10.606  4.498   1.00 39.63 ? 154 LEU A CA  1 
ATOM   1184 C C   . LEU A 1 154 ? 9.434   11.120  5.729   1.00 40.98 ? 154 LEU A C   1 
ATOM   1185 O O   . LEU A 1 154 ? 10.603  10.789  5.941   1.00 39.66 ? 154 LEU A O   1 
ATOM   1186 C CB  . LEU A 1 154 ? 8.044   9.260   4.808   1.00 39.00 ? 154 LEU A CB  1 
ATOM   1187 C CG  . LEU A 1 154 ? 7.218   8.593   3.709   1.00 38.99 ? 154 LEU A CG  1 
ATOM   1188 C CD1 . LEU A 1 154 ? 6.676   7.267   4.219   1.00 37.37 ? 154 LEU A CD1 1 
ATOM   1189 C CD2 . LEU A 1 154 ? 6.077   9.507   3.273   1.00 40.16 ? 154 LEU A CD2 1 
ATOM   1190 N N   . GLU A 1 155 ? 8.757   11.935  6.529   1.00 43.34 ? 155 GLU A N   1 
ATOM   1191 C CA  . GLU A 1 155 ? 9.375   12.492  7.726   1.00 46.75 ? 155 GLU A CA  1 
ATOM   1192 C C   . GLU A 1 155 ? 8.910   11.782  8.995   1.00 46.94 ? 155 GLU A C   1 
ATOM   1193 O O   . GLU A 1 155 ? 9.706   11.116  9.666   1.00 46.50 ? 155 GLU A O   1 
ATOM   1194 C CB  . GLU A 1 155 ? 9.086   13.992  7.808   1.00 48.85 ? 155 GLU A CB  1 
ATOM   1195 C CG  . GLU A 1 155 ? 10.020  14.756  8.727   1.00 53.90 ? 155 GLU A CG  1 
ATOM   1196 C CD  . GLU A 1 155 ? 9.945   16.256  8.506   1.00 56.65 ? 155 GLU A CD  1 
ATOM   1197 O OE1 . GLU A 1 155 ? 9.352   16.956  9.358   1.00 57.64 ? 155 GLU A OE1 1 
ATOM   1198 O OE2 . GLU A 1 155 ? 10.477  16.733  7.478   1.00 57.36 ? 155 GLU A OE2 1 
ATOM   1199 N N   . GLN A 1 170 ? 14.783  10.746  7.537   1.00 44.86 ? 170 GLN A N   1 
ATOM   1200 C CA  . GLN A 1 170 ? 14.184  10.823  6.210   1.00 43.45 ? 170 GLN A CA  1 
ATOM   1201 C C   . GLN A 1 170 ? 14.124  9.425   5.592   1.00 41.80 ? 170 GLN A C   1 
ATOM   1202 O O   . GLN A 1 170 ? 15.161  8.831   5.294   1.00 41.43 ? 170 GLN A O   1 
ATOM   1203 C CB  . GLN A 1 170 ? 15.012  11.743  5.303   1.00 46.48 ? 170 GLN A CB  1 
ATOM   1204 C CG  . GLN A 1 170 ? 15.441  13.071  5.930   1.00 50.07 ? 170 GLN A CG  1 
ATOM   1205 C CD  . GLN A 1 170 ? 14.271  13.959  6.325   1.00 52.75 ? 170 GLN A CD  1 
ATOM   1206 O OE1 . GLN A 1 170 ? 13.205  13.924  5.708   1.00 54.28 ? 170 GLN A OE1 1 
ATOM   1207 N NE2 . GLN A 1 170 ? 14.474  14.773  7.354   1.00 54.20 ? 170 GLN A NE2 1 
ATOM   1208 N N   . VAL A 1 171 ? 12.913  8.900   5.417   1.00 38.63 ? 171 VAL A N   1 
ATOM   1209 C CA  . VAL A 1 171 ? 12.729  7.574   4.831   1.00 36.19 ? 171 VAL A CA  1 
ATOM   1210 C C   . VAL A 1 171 ? 12.336  7.705   3.366   1.00 34.29 ? 171 VAL A C   1 
ATOM   1211 O O   . VAL A 1 171 ? 11.336  8.340   3.035   1.00 34.42 ? 171 VAL A O   1 
ATOM   1212 C CB  . VAL A 1 171 ? 11.648  6.755   5.586   1.00 37.19 ? 171 VAL A CB  1 
ATOM   1213 C CG1 . VAL A 1 171 ? 11.388  5.428   4.877   1.00 35.15 ? 171 VAL A CG1 1 
ATOM   1214 C CG2 . VAL A 1 171 ? 12.089  6.498   7.019   1.00 38.09 ? 171 VAL A CG2 1 
ATOM   1215 N N   . GLN A 1 172 ? 13.130  7.104   2.488   1.00 33.34 ? 172 GLN A N   1 
ATOM   1216 C CA  . GLN A 1 172 ? 12.861  7.160   1.059   1.00 32.39 ? 172 GLN A CA  1 
ATOM   1217 C C   . GLN A 1 172 ? 11.531  6.486   0.721   1.00 29.61 ? 172 GLN A C   1 
ATOM   1218 O O   . GLN A 1 172 ? 11.242  5.388   1.200   1.00 28.44 ? 172 GLN A O   1 
ATOM   1219 C CB  . GLN A 1 172 ? 14.006  6.505   0.293   1.00 35.19 ? 172 GLN A CB  1 
ATOM   1220 C CG  . GLN A 1 172 ? 14.003  6.796   -1.191  1.00 40.41 ? 172 GLN A CG  1 
ATOM   1221 C CD  . GLN A 1 172 ? 15.329  6.461   -1.838  1.00 43.81 ? 172 GLN A CD  1 
ATOM   1222 O OE1 . GLN A 1 172 ? 15.915  7.289   -2.545  1.00 45.22 ? 172 GLN A OE1 1 
ATOM   1223 N NE2 . GLN A 1 172 ? 15.820  5.248   -1.595  1.00 45.45 ? 172 GLN A NE2 1 
ATOM   1224 N N   . ALA A 1 173 ? 10.708  7.185   -0.057  1.00 26.38 ? 173 ALA A N   1 
ATOM   1225 C CA  . ALA A 1 173 ? 9.403   6.682   -0.476  1.00 24.72 ? 173 ALA A CA  1 
ATOM   1226 C C   . ALA A 1 173 ? 9.298   6.799   -1.991  1.00 24.46 ? 173 ALA A C   1 
ATOM   1227 O O   . ALA A 1 173 ? 9.283   7.898   -2.545  1.00 23.95 ? 173 ALA A O   1 
ATOM   1228 C CB  . ALA A 1 173 ? 8.286   7.465   0.197   1.00 23.05 ? 173 ALA A CB  1 
ATOM   1229 N N   . VAL A 1 174 ? 9.272   5.653   -2.660  1.00 24.76 ? 174 VAL A N   1 
ATOM   1230 C CA  . VAL A 1 174 ? 9.189   5.618   -4.114  1.00 23.27 ? 174 VAL A CA  1 
ATOM   1231 C C   . VAL A 1 174 ? 7.871   5.015   -4.566  1.00 23.30 ? 174 VAL A C   1 
ATOM   1232 O O   . VAL A 1 174 ? 7.529   3.889   -4.185  1.00 20.29 ? 174 VAL A O   1 
ATOM   1233 C CB  . VAL A 1 174 ? 10.349  4.801   -4.715  1.00 24.26 ? 174 VAL A CB  1 
ATOM   1234 C CG1 . VAL A 1 174 ? 10.236  4.749   -6.241  1.00 23.41 ? 174 VAL A CG1 1 
ATOM   1235 C CG2 . VAL A 1 174 ? 11.681  5.402   -4.297  1.00 24.50 ? 174 VAL A CG2 1 
ATOM   1236 N N   . LEU A 1 175 ? 7.136   5.770   -5.377  1.00 21.57 ? 175 LEU A N   1 
ATOM   1237 C CA  . LEU A 1 175 ? 5.859   5.308   -5.890  1.00 22.32 ? 175 LEU A CA  1 
ATOM   1238 C C   . LEU A 1 175 ? 6.021   4.681   -7.270  1.00 22.62 ? 175 LEU A C   1 
ATOM   1239 O O   . LEU A 1 175 ? 6.326   5.362   -8.250  1.00 24.99 ? 175 LEU A O   1 
ATOM   1240 C CB  . LEU A 1 175 ? 4.851   6.456   -5.941  1.00 22.02 ? 175 LEU A CB  1 
ATOM   1241 C CG  . LEU A 1 175 ? 3.418   6.103   -6.351  1.00 21.86 ? 175 LEU A CG  1 
ATOM   1242 C CD1 . LEU A 1 175 ? 2.808   5.111   -5.370  1.00 19.41 ? 175 LEU A CD1 1 
ATOM   1243 C CD2 . LEU A 1 175 ? 2.596   7.379   -6.379  1.00 23.72 ? 175 LEU A CD2 1 
ATOM   1244 N N   . PHE A 1 176 ? 5.835   3.369   -7.326  1.00 21.14 ? 176 PHE A N   1 
ATOM   1245 C CA  . PHE A 1 176 ? 5.947   2.618   -8.565  1.00 21.14 ? 176 PHE A CA  1 
ATOM   1246 C C   . PHE A 1 176 ? 4.569   2.334   -9.137  1.00 22.33 ? 176 PHE A C   1 
ATOM   1247 O O   . PHE A 1 176 ? 3.627   2.043   -8.404  1.00 20.65 ? 176 PHE A O   1 
ATOM   1248 C CB  . PHE A 1 176 ? 6.614   1.260   -8.323  1.00 22.66 ? 176 PHE A CB  1 
ATOM   1249 C CG  . PHE A 1 176 ? 8.018   1.335   -7.803  1.00 20.98 ? 176 PHE A CG  1 
ATOM   1250 C CD1 . PHE A 1 176 ? 9.088   1.497   -8.679  1.00 21.92 ? 176 PHE A CD1 1 
ATOM   1251 C CD2 . PHE A 1 176 ? 8.280   1.132   -6.451  1.00 22.08 ? 176 PHE A CD2 1 
ATOM   1252 C CE1 . PHE A 1 176 ? 10.403  1.443   -8.219  1.00 20.57 ? 176 PHE A CE1 1 
ATOM   1253 C CE2 . PHE A 1 176 ? 9.588   1.076   -5.974  1.00 22.07 ? 176 PHE A CE2 1 
ATOM   1254 C CZ  . PHE A 1 176 ? 10.654  1.229   -6.856  1.00 23.03 ? 176 PHE A CZ  1 
ATOM   1255 N N   . GLU A 1 177 ? 4.476   2.353   -10.461 1.00 22.26 ? 177 GLU A N   1 
ATOM   1256 C CA  . GLU A 1 177 ? 3.226   2.050   -11.134 1.00 23.66 ? 177 GLU A CA  1 
ATOM   1257 C C   . GLU A 1 177 ? 3.577   1.376   -12.453 1.00 22.82 ? 177 GLU A C   1 
ATOM   1258 O O   . GLU A 1 177 ? 4.494   1.808   -13.146 1.00 21.71 ? 177 GLU A O   1 
ATOM   1259 C CB  . GLU A 1 177 ? 2.420   3.323   -11.372 1.00 25.21 ? 177 GLU A CB  1 
ATOM   1260 C CG  . GLU A 1 177 ? 0.944   3.072   -11.573 1.00 32.83 ? 177 GLU A CG  1 
ATOM   1261 C CD  . GLU A 1 177 ? 0.144   4.348   -11.576 1.00 34.25 ? 177 GLU A CD  1 
ATOM   1262 O OE1 . GLU A 1 177 ? -0.012  4.946   -12.656 1.00 37.48 ? 177 GLU A OE1 1 
ATOM   1263 O OE2 . GLU A 1 177 ? -0.313  4.765   -10.493 1.00 37.23 ? 177 GLU A OE2 1 
ATOM   1264 N N   . GLY A 1 178 ? 2.891   0.282   -12.761 1.00 21.67 ? 178 GLY A N   1 
ATOM   1265 C CA  . GLY A 1 178 ? 3.166   -0.420  -13.999 1.00 22.18 ? 178 GLY A CA  1 
ATOM   1266 C C   . GLY A 1 178 ? 2.285   -1.626  -14.215 1.00 20.01 ? 178 GLY A C   1 
ATOM   1267 O O   . GLY A 1 178 ? 1.124   -1.645  -13.803 1.00 19.79 ? 178 GLY A O   1 
ATOM   1268 N N   . ARG A 1 179 ? 2.839   -2.629  -14.885 1.00 19.60 ? 179 ARG A N   1 
ATOM   1269 C CA  . ARG A 1 179 ? 2.115   -3.859  -15.170 1.00 20.62 ? 179 ARG A CA  1 
ATOM   1270 C C   . ARG A 1 179 ? 2.973   -5.071  -14.831 1.00 20.42 ? 179 ARG A C   1 
ATOM   1271 O O   . ARG A 1 179 ? 4.183   -5.075  -15.046 1.00 21.31 ? 179 ARG A O   1 
ATOM   1272 C CB  . ARG A 1 179 ? 1.698   -3.900  -16.646 1.00 23.55 ? 179 ARG A CB  1 
ATOM   1273 C CG  . ARG A 1 179 ? 0.560   -2.944  -16.981 1.00 27.24 ? 179 ARG A CG  1 
ATOM   1274 C CD  . ARG A 1 179 ? 0.314   -2.808  -18.480 1.00 31.75 ? 179 ARG A CD  1 
ATOM   1275 N NE  . ARG A 1 179 ? 0.072   -4.079  -19.167 1.00 36.31 ? 179 ARG A NE  1 
ATOM   1276 C CZ  . ARG A 1 179 ? -0.933  -4.914  -18.910 1.00 40.84 ? 179 ARG A CZ  1 
ATOM   1277 N NH1 . ARG A 1 179 ? -1.816  -4.642  -17.957 1.00 41.62 ? 179 ARG A NH1 1 
ATOM   1278 N NH2 . ARG A 1 179 ? -1.095  -5.997  -19.664 1.00 41.63 ? 179 ARG A NH2 1 
ATOM   1279 N N   . LEU A 1 180 ? 2.337   -6.095  -14.285 1.00 18.93 ? 180 LEU A N   1 
ATOM   1280 C CA  . LEU A 1 180 ? 3.034   -7.315  -13.919 1.00 19.54 ? 180 LEU A CA  1 
ATOM   1281 C C   . LEU A 1 180 ? 2.172   -8.521  -14.251 1.00 19.99 ? 180 LEU A C   1 
ATOM   1282 O O   . LEU A 1 180 ? 1.046   -8.379  -14.743 1.00 21.16 ? 180 LEU A O   1 
ATOM   1283 C CB  . LEU A 1 180 ? 3.362   -7.299  -12.416 1.00 19.55 ? 180 LEU A CB  1 
ATOM   1284 C CG  . LEU A 1 180 ? 2.233   -7.011  -11.412 1.00 21.16 ? 180 LEU A CG  1 
ATOM   1285 C CD1 . LEU A 1 180 ? 1.200   -8.140  -11.369 1.00 21.13 ? 180 LEU A CD1 1 
ATOM   1286 C CD2 . LEU A 1 180 ? 2.850   -6.816  -10.024 1.00 20.06 ? 180 LEU A CD2 1 
ATOM   1287 N N   . GLU A 1 181 ? 2.710   -9.705  -13.982 1.00 20.12 ? 181 GLU A N   1 
ATOM   1288 C CA  . GLU A 1 181 ? 1.980   -10.944 -14.202 1.00 20.76 ? 181 GLU A CA  1 
ATOM   1289 C C   . GLU A 1 181 ? 2.199   -11.843 -12.996 1.00 20.11 ? 181 GLU A C   1 
ATOM   1290 O O   . GLU A 1 181 ? 3.219   -11.747 -12.313 1.00 20.90 ? 181 GLU A O   1 
ATOM   1291 C CB  . GLU A 1 181 ? 2.446   -11.661 -15.474 1.00 22.38 ? 181 GLU A CB  1 
ATOM   1292 C CG  . GLU A 1 181 ? 3.850   -12.234 -15.398 1.00 27.85 ? 181 GLU A CG  1 
ATOM   1293 C CD  . GLU A 1 181 ? 4.258   -12.972 -16.663 1.00 31.49 ? 181 GLU A CD  1 
ATOM   1294 O OE1 . GLU A 1 181 ? 3.429   -13.711 -17.234 1.00 34.62 ? 181 GLU A OE1 1 
ATOM   1295 O OE2 . GLU A 1 181 ? 5.420   -12.819 -17.081 1.00 33.67 ? 181 GLU A OE2 1 
ATOM   1296 N N   . VAL A 1 182 ? 1.201   -12.667 -12.705 1.00 20.54 ? 182 VAL A N   1 
ATOM   1297 C CA  . VAL A 1 182 ? 1.275   -13.612 -11.600 1.00 20.10 ? 182 VAL A CA  1 
ATOM   1298 C C   . VAL A 1 182 ? 2.113   -14.802 -12.069 1.00 20.50 ? 182 VAL A C   1 
ATOM   1299 O O   . VAL A 1 182 ? 1.918   -15.300 -13.177 1.00 20.95 ? 182 VAL A O   1 
ATOM   1300 C CB  . VAL A 1 182 ? -0.135  -14.109 -11.213 1.00 18.71 ? 182 VAL A CB  1 
ATOM   1301 C CG1 . VAL A 1 182 ? -0.044  -15.196 -10.155 1.00 21.03 ? 182 VAL A CG1 1 
ATOM   1302 C CG2 . VAL A 1 182 ? -0.985  -12.944 -10.703 1.00 20.54 ? 182 VAL A CG2 1 
ATOM   1303 N N   . VAL A 1 183 ? 3.097   -15.196 -11.269 1.00 20.41 ? 183 VAL A N   1 
ATOM   1304 C CA  . VAL A 1 183 ? 3.938   -16.342 -11.611 1.00 22.85 ? 183 VAL A CA  1 
ATOM   1305 C C   . VAL A 1 183 ? 3.442   -17.522 -10.782 1.00 23.89 ? 183 VAL A C   1 
ATOM   1306 O O   . VAL A 1 183 ? 3.034   -18.552 -11.322 1.00 22.89 ? 183 VAL A O   1 
ATOM   1307 C CB  . VAL A 1 183 ? 5.431   -16.066 -11.307 1.00 24.44 ? 183 VAL A CB  1 
ATOM   1308 C CG1 . VAL A 1 183 ? 6.285   -17.295 -11.637 1.00 26.63 ? 183 VAL A CG1 1 
ATOM   1309 C CG2 . VAL A 1 183 ? 5.910   -14.872 -12.116 1.00 24.70 ? 183 VAL A CG2 1 
ATOM   1310 N N   . ASP A 1 184 ? 3.429   -17.337 -9.466  1.00 21.59 ? 184 ASP A N   1 
ATOM   1311 C CA  . ASP A 1 184 ? 2.971   -18.366 -8.547  1.00 23.91 ? 184 ASP A CA  1 
ATOM   1312 C C   . ASP A 1 184 ? 1.842   -17.762 -7.710  1.00 22.05 ? 184 ASP A C   1 
ATOM   1313 O O   . ASP A 1 184 ? 2.090   -16.917 -6.847  1.00 20.18 ? 184 ASP A O   1 
ATOM   1314 C CB  . ASP A 1 184 ? 4.122   -18.814 -7.646  1.00 25.59 ? 184 ASP A CB  1 
ATOM   1315 C CG  . ASP A 1 184 ? 3.753   -20.014 -6.799  1.00 31.85 ? 184 ASP A CG  1 
ATOM   1316 O OD1 . ASP A 1 184 ? 3.692   -21.131 -7.352  1.00 37.66 ? 184 ASP A OD1 1 
ATOM   1317 O OD2 . ASP A 1 184 ? 3.498   -19.837 -5.594  1.00 30.30 ? 184 ASP A OD2 1 
ATOM   1318 N N   . PRO A 1 185 ? 0.588   -18.184 -7.964  1.00 20.78 ? 185 PRO A N   1 
ATOM   1319 C CA  . PRO A 1 185 ? -0.609  -17.704 -7.263  1.00 21.45 ? 185 PRO A CA  1 
ATOM   1320 C C   . PRO A 1 185 ? -0.544  -17.692 -5.739  1.00 22.74 ? 185 PRO A C   1 
ATOM   1321 O O   . PRO A 1 185 ? -0.948  -16.715 -5.117  1.00 20.88 ? 185 PRO A O   1 
ATOM   1322 C CB  . PRO A 1 185 ? -1.698  -18.647 -7.764  1.00 20.84 ? 185 PRO A CB  1 
ATOM   1323 C CG  . PRO A 1 185 ? -1.259  -18.922 -9.166  1.00 22.28 ? 185 PRO A CG  1 
ATOM   1324 C CD  . PRO A 1 185 ? 0.220   -19.191 -8.974  1.00 21.09 ? 185 PRO A CD  1 
ATOM   1325 N N   . GLU A 1 186 ? -0.068  -18.778 -5.138  1.00 22.29 ? 186 GLU A N   1 
ATOM   1326 C CA  . GLU A 1 186 ? 0.010   -18.840 -3.683  1.00 22.09 ? 186 GLU A CA  1 
ATOM   1327 C C   . GLU A 1 186 ? 1.015   -17.849 -3.104  1.00 21.65 ? 186 GLU A C   1 
ATOM   1328 O O   . GLU A 1 186 ? 0.691   -17.133 -2.156  1.00 20.01 ? 186 GLU A O   1 
ATOM   1329 C CB  . GLU A 1 186 ? 0.297   -20.266 -3.210  1.00 24.22 ? 186 GLU A CB  1 
ATOM   1330 C CG  . GLU A 1 186 ? -0.892  -21.203 -3.376  1.00 25.32 ? 186 GLU A CG  1 
ATOM   1331 C CD  . GLU A 1 186 ? -2.133  -20.707 -2.648  1.00 25.71 ? 186 GLU A CD  1 
ATOM   1332 O OE1 . GLU A 1 186 ? -2.043  -20.410 -1.445  1.00 24.97 ? 186 GLU A OE1 1 
ATOM   1333 O OE2 . GLU A 1 186 ? -3.201  -20.599 -3.283  1.00 28.91 ? 186 GLU A OE2 1 
ATOM   1334 N N   . ARG A 1 187 ? 2.219   -17.794 -3.673  1.00 18.16 ? 187 ARG A N   1 
ATOM   1335 C CA  . ARG A 1 187 ? 3.217   -16.844 -3.188  1.00 20.31 ? 187 ARG A CA  1 
ATOM   1336 C C   . ARG A 1 187 ? 2.748   -15.421 -3.480  1.00 18.76 ? 187 ARG A C   1 
ATOM   1337 O O   . ARG A 1 187 ? 2.956   -14.518 -2.675  1.00 18.40 ? 187 ARG A O   1 
ATOM   1338 C CB  . ARG A 1 187 ? 4.590   -17.080 -3.827  1.00 21.75 ? 187 ARG A CB  1 
ATOM   1339 C CG  . ARG A 1 187 ? 5.302   -18.344 -3.352  1.00 27.59 ? 187 ARG A CG  1 
ATOM   1340 C CD  . ARG A 1 187 ? 6.803   -18.294 -3.657  1.00 34.06 ? 187 ARG A CD  1 
ATOM   1341 N NE  . ARG A 1 187 ? 7.085   -17.970 -5.054  1.00 39.96 ? 187 ARG A NE  1 
ATOM   1342 C CZ  . ARG A 1 187 ? 8.283   -17.619 -5.518  1.00 44.37 ? 187 ARG A CZ  1 
ATOM   1343 N NH1 . ARG A 1 187 ? 9.327   -17.547 -4.701  1.00 46.77 ? 187 ARG A NH1 1 
ATOM   1344 N NH2 . ARG A 1 187 ? 8.436   -17.321 -6.801  1.00 46.85 ? 187 ARG A NH2 1 
ATOM   1345 N N   . ALA A 1 188 ? 2.093   -15.234 -4.625  1.00 19.83 ? 188 ALA A N   1 
ATOM   1346 C CA  . ALA A 1 188 ? 1.581   -13.920 -5.011  1.00 18.45 ? 188 ALA A CA  1 
ATOM   1347 C C   . ALA A 1 188 ? 0.552   -13.423 -3.996  1.00 18.39 ? 188 ALA A C   1 
ATOM   1348 O O   . ALA A 1 188 ? 0.596   -12.267 -3.574  1.00 15.87 ? 188 ALA A O   1 
ATOM   1349 C CB  . ALA A 1 188 ? 0.969   -13.975 -6.411  1.00 17.89 ? 188 ALA A CB  1 
ATOM   1350 N N   . LEU A 1 189 ? -0.365  -14.307 -3.602  1.00 18.16 ? 189 LEU A N   1 
ATOM   1351 C CA  . LEU A 1 189 ? -1.401  -13.974 -2.629  1.00 18.11 ? 189 LEU A CA  1 
ATOM   1352 C C   . LEU A 1 189 ? -0.774  -13.623 -1.280  1.00 17.99 ? 189 LEU A C   1 
ATOM   1353 O O   . LEU A 1 189 ? -1.166  -12.640 -0.637  1.00 16.22 ? 189 LEU A O   1 
ATOM   1354 C CB  . LEU A 1 189 ? -2.380  -15.146 -2.468  1.00 18.23 ? 189 LEU A CB  1 
ATOM   1355 C CG  . LEU A 1 189 ? -3.492  -14.954 -1.432  1.00 20.45 ? 189 LEU A CG  1 
ATOM   1356 C CD1 . LEU A 1 189 ? -4.352  -13.748 -1.796  1.00 21.18 ? 189 LEU A CD1 1 
ATOM   1357 C CD2 . LEU A 1 189 ? -4.341  -16.215 -1.330  1.00 21.59 ? 189 LEU A CD2 1 
ATOM   1358 N N   . ALA A 1 190 ? 0.189   -14.433 -0.844  1.00 17.05 ? 190 ALA A N   1 
ATOM   1359 C CA  . ALA A 1 190 ? 0.876   -14.182 0.418   1.00 17.87 ? 190 ALA A CA  1 
ATOM   1360 C C   . ALA A 1 190 ? 1.534   -12.805 0.384   1.00 18.60 ? 190 ALA A C   1 
ATOM   1361 O O   . ALA A 1 190 ? 1.481   -12.067 1.366   1.00 18.35 ? 190 ALA A O   1 
ATOM   1362 C CB  . ALA A 1 190 ? 1.922   -15.262 0.680   1.00 19.51 ? 190 ALA A CB  1 
ATOM   1363 N N   . THR A 1 191 ? 2.107   -12.444 -0.766  1.00 18.74 ? 191 THR A N   1 
ATOM   1364 C CA  . THR A 1 191 ? 2.765   -11.145 -0.936  1.00 17.70 ? 191 THR A CA  1 
ATOM   1365 C C   . THR A 1 191 ? 1.780   -9.985  -0.787  1.00 18.29 ? 191 THR A C   1 
ATOM   1366 O O   . THR A 1 191 ? 2.109   -8.962  -0.182  1.00 20.25 ? 191 THR A O   1 
ATOM   1367 C CB  . THR A 1 191 ? 3.489   -11.068 -2.293  1.00 17.39 ? 191 THR A CB  1 
ATOM   1368 O OG1 . THR A 1 191 ? 4.527   -12.050 -2.311  1.00 20.69 ? 191 THR A OG1 1 
ATOM   1369 C CG2 . THR A 1 191 ? 4.112   -9.687  -2.520  1.00 16.38 ? 191 THR A CG2 1 
ATOM   1370 N N   . LEU A 1 192 ? 0.582   -10.137 -1.350  1.00 15.39 ? 192 LEU A N   1 
ATOM   1371 C CA  . LEU A 1 192 ? -0.441  -9.104  -1.233  1.00 17.91 ? 192 LEU A CA  1 
ATOM   1372 C C   . LEU A 1 192 ? -0.820  -8.915  0.236   1.00 16.90 ? 192 LEU A C   1 
ATOM   1373 O O   . LEU A 1 192 ? -0.997  -7.792  0.701   1.00 17.30 ? 192 LEU A O   1 
ATOM   1374 C CB  . LEU A 1 192 ? -1.689  -9.476  -2.041  1.00 17.29 ? 192 LEU A CB  1 
ATOM   1375 C CG  . LEU A 1 192 ? -1.529  -9.487  -3.566  1.00 15.45 ? 192 LEU A CG  1 
ATOM   1376 C CD1 . LEU A 1 192 ? -2.822  -9.950  -4.208  1.00 17.19 ? 192 LEU A CD1 1 
ATOM   1377 C CD2 . LEU A 1 192 ? -1.156  -8.092  -4.049  1.00 18.94 ? 192 LEU A CD2 1 
ATOM   1378 N N   . ARG A 1 193 ? -0.934  -10.022 0.962   1.00 16.93 ? 193 ARG A N   1 
ATOM   1379 C CA  . ARG A 1 193 ? -1.294  -9.982  2.381   1.00 18.40 ? 193 ARG A CA  1 
ATOM   1380 C C   . ARG A 1 193 ? -0.173  -9.452  3.267   1.00 19.36 ? 193 ARG A C   1 
ATOM   1381 O O   . ARG A 1 193 ? -0.422  -8.799  4.285   1.00 20.85 ? 193 ARG A O   1 
ATOM   1382 C CB  . ARG A 1 193 ? -1.662  -11.386 2.872   1.00 21.10 ? 193 ARG A CB  1 
ATOM   1383 C CG  . ARG A 1 193 ? -2.977  -11.931 2.335   1.00 25.77 ? 193 ARG A CG  1 
ATOM   1384 C CD  . ARG A 1 193 ? -3.364  -13.219 3.049   1.00 33.49 ? 193 ARG A CD  1 
ATOM   1385 N NE  . ARG A 1 193 ? -3.141  -14.402 2.222   1.00 43.09 ? 193 ARG A NE  1 
ATOM   1386 C CZ  . ARG A 1 193 ? -2.238  -15.348 2.473   1.00 44.09 ? 193 ARG A CZ  1 
ATOM   1387 N NH1 . ARG A 1 193 ? -1.448  -15.271 3.538   1.00 44.13 ? 193 ARG A NH1 1 
ATOM   1388 N NH2 . ARG A 1 193 ? -2.132  -16.380 1.651   1.00 45.88 ? 193 ARG A NH2 1 
ATOM   1389 N N   . ARG A 1 194 ? 1.057   -9.761  2.876   1.00 17.89 ? 194 ARG A N   1 
ATOM   1390 C CA  . ARG A 1 194 ? 2.248   -9.392  3.627   1.00 20.84 ? 194 ARG A CA  1 
ATOM   1391 C C   . ARG A 1 194 ? 2.772   -7.981  3.394   1.00 18.74 ? 194 ARG A C   1 
ATOM   1392 O O   . ARG A 1 194 ? 3.209   -7.320  4.333   1.00 18.79 ? 194 ARG A O   1 
ATOM   1393 C CB  . ARG A 1 194 ? 3.354   -10.409 3.316   1.00 20.10 ? 194 ARG A CB  1 
ATOM   1394 C CG  . ARG A 1 194 ? 4.626   -10.274 4.132   1.00 25.58 ? 194 ARG A CG  1 
ATOM   1395 C CD  . ARG A 1 194 ? 5.662   -11.336 3.734   1.00 25.03 ? 194 ARG A CD  1 
ATOM   1396 N NE  . ARG A 1 194 ? 6.191   -11.138 2.381   1.00 27.29 ? 194 ARG A NE  1 
ATOM   1397 C CZ  . ARG A 1 194 ? 5.874   -11.889 1.326   1.00 27.35 ? 194 ARG A CZ  1 
ATOM   1398 N NH1 . ARG A 1 194 ? 5.028   -12.899 1.450   1.00 25.12 ? 194 ARG A NH1 1 
ATOM   1399 N NH2 . ARG A 1 194 ? 6.396   -11.620 0.136   1.00 26.95 ? 194 ARG A NH2 1 
ATOM   1400 N N   . GLY A 1 195 ? 2.741   -7.527  2.144   1.00 17.50 ? 195 GLY A N   1 
ATOM   1401 C CA  . GLY A 1 195 ? 3.276   -6.214  1.829   1.00 17.91 ? 195 GLY A CA  1 
ATOM   1402 C C   . GLY A 1 195 ? 4.680   -6.382  1.269   1.00 19.12 ? 195 GLY A C   1 
ATOM   1403 O O   . GLY A 1 195 ? 5.312   -7.429  1.467   1.00 18.81 ? 195 GLY A O   1 
ATOM   1404 N N   . VAL A 1 196 ? 5.189   -5.347  0.606   1.00 18.25 ? 196 VAL A N   1 
ATOM   1405 C CA  . VAL A 1 196 ? 6.511   -5.396  -0.013  1.00 19.72 ? 196 VAL A CA  1 
ATOM   1406 C C   . VAL A 1 196 ? 7.492   -4.345  0.512   1.00 21.54 ? 196 VAL A C   1 
ATOM   1407 O O   . VAL A 1 196 ? 7.276   -3.146  0.348   1.00 19.67 ? 196 VAL A O   1 
ATOM   1408 C CB  . VAL A 1 196 ? 6.384   -5.238  -1.553  1.00 19.69 ? 196 VAL A CB  1 
ATOM   1409 C CG1 . VAL A 1 196 ? 7.748   -5.329  -2.213  1.00 20.27 ? 196 VAL A CG1 1 
ATOM   1410 C CG2 . VAL A 1 196 ? 5.448   -6.312  -2.114  1.00 21.36 ? 196 VAL A CG2 1 
ATOM   1411 N N   . GLY A 1 197 ? 8.582   -4.806  1.123   1.00 22.53 ? 197 GLY A N   1 
ATOM   1412 C CA  . GLY A 1 197 ? 9.587   -3.891  1.637   1.00 23.34 ? 197 GLY A CA  1 
ATOM   1413 C C   . GLY A 1 197 ? 9.298   -3.344  3.024   1.00 23.42 ? 197 GLY A C   1 
ATOM   1414 O O   . GLY A 1 197 ? 8.210   -3.547  3.558   1.00 24.55 ? 197 GLY A O   1 
ATOM   1415 N N   . PRO A 1 198 ? 10.260  -2.630  3.629   1.00 23.33 ? 198 PRO A N   1 
ATOM   1416 C CA  . PRO A 1 198 ? 10.096  -2.058  4.970   1.00 24.86 ? 198 PRO A CA  1 
ATOM   1417 C C   . PRO A 1 198 ? 9.222   -0.803  5.025   1.00 25.45 ? 198 PRO A C   1 
ATOM   1418 O O   . PRO A 1 198 ? 8.763   -0.309  3.992   1.00 24.89 ? 198 PRO A O   1 
ATOM   1419 C CB  . PRO A 1 198 ? 11.536  -1.775  5.389   1.00 24.40 ? 198 PRO A CB  1 
ATOM   1420 C CG  . PRO A 1 198 ? 12.188  -1.402  4.105   1.00 25.88 ? 198 PRO A CG  1 
ATOM   1421 C CD  . PRO A 1 198 ? 11.625  -2.407  3.119   1.00 24.85 ? 198 PRO A CD  1 
ATOM   1422 N N   . GLY A 1 199 ? 8.999   -0.302  6.238   1.00 25.36 ? 199 GLY A N   1 
ATOM   1423 C CA  . GLY A 1 199 ? 8.189   0.892   6.421   1.00 25.75 ? 199 GLY A CA  1 
ATOM   1424 C C   . GLY A 1 199 ? 6.700   0.628   6.310   1.00 24.81 ? 199 GLY A C   1 
ATOM   1425 O O   . GLY A 1 199 ? 5.924   1.532   6.001   1.00 24.69 ? 199 GLY A O   1 
ATOM   1426 N N   . LYS A 1 200 ? 6.296   -0.604  6.598   1.00 25.67 ? 200 LYS A N   1 
ATOM   1427 C CA  . LYS A 1 200 ? 4.890   -0.995  6.524   1.00 28.67 ? 200 LYS A CA  1 
ATOM   1428 C C   . LYS A 1 200 ? 4.032   -0.264  7.552   1.00 29.32 ? 200 LYS A C   1 
ATOM   1429 O O   . LYS A 1 200 ? 2.808   -0.211  7.428   1.00 32.25 ? 200 LYS A O   1 
ATOM   1430 C CB  . LYS A 1 200 ? 4.753   -2.511  6.677   1.00 28.43 ? 200 LYS A CB  1 
ATOM   1431 C CG  . LYS A 1 200 ? 5.415   -3.288  5.547   1.00 28.82 ? 200 LYS A CG  1 
ATOM   1432 C CD  . LYS A 1 200 ? 5.364   -4.784  5.790   1.00 30.36 ? 200 LYS A CD  1 
ATOM   1433 C CE  . LYS A 1 200 ? 6.064   -5.539  4.670   1.00 32.99 ? 200 LYS A CE  1 
ATOM   1434 N NZ  . LYS A 1 200 ? 6.001   -7.010  4.870   1.00 39.04 ? 200 LYS A NZ  1 
ATOM   1435 N N   . ALA A 1 201 ? 4.679   0.306   8.563   1.00 29.11 ? 201 ALA A N   1 
ATOM   1436 C CA  . ALA A 1 201 ? 3.978   1.058   9.597   1.00 28.85 ? 201 ALA A CA  1 
ATOM   1437 C C   . ALA A 1 201 ? 4.022   2.551   9.278   1.00 28.70 ? 201 ALA A C   1 
ATOM   1438 O O   . ALA A 1 201 ? 3.657   3.378   10.114  1.00 29.98 ? 201 ALA A O   1 
ATOM   1439 C CB  . ALA A 1 201 ? 4.600   0.786   10.970  1.00 31.88 ? 201 ALA A CB  1 
ATOM   1440 N N   . LEU A 1 202 ? 4.468   2.886   8.065   1.00 26.56 ? 202 LEU A N   1 
ATOM   1441 C CA  . LEU A 1 202 ? 4.570   4.277   7.618   1.00 24.13 ? 202 LEU A CA  1 
ATOM   1442 C C   . LEU A 1 202 ? 3.823   4.533   6.308   1.00 21.51 ? 202 LEU A C   1 
ATOM   1443 O O   . LEU A 1 202 ? 4.048   5.548   5.649   1.00 22.61 ? 202 LEU A O   1 
ATOM   1444 C CB  . LEU A 1 202 ? 6.039   4.672   7.439   1.00 25.73 ? 202 LEU A CB  1 
ATOM   1445 C CG  . LEU A 1 202 ? 6.946   4.642   8.675   1.00 30.17 ? 202 LEU A CG  1 
ATOM   1446 C CD1 . LEU A 1 202 ? 8.399   4.820   8.248   1.00 29.15 ? 202 LEU A CD1 1 
ATOM   1447 C CD2 . LEU A 1 202 ? 6.530   5.729   9.657   1.00 28.10 ? 202 LEU A CD2 1 
ATOM   1448 N N   . GLY A 1 203 ? 2.947   3.613   5.921   1.00 19.71 ? 203 GLY A N   1 
ATOM   1449 C CA  . GLY A 1 203 ? 2.202   3.794   4.683   1.00 19.02 ? 203 GLY A CA  1 
ATOM   1450 C C   . GLY A 1 203 ? 2.944   3.339   3.443   1.00 18.48 ? 203 GLY A C   1 
ATOM   1451 O O   . GLY A 1 203 ? 2.683   3.816   2.335   1.00 17.97 ? 203 GLY A O   1 
ATOM   1452 N N   . LEU A 1 204 ? 3.915   2.456   3.642   1.00 18.35 ? 204 LEU A N   1 
ATOM   1453 C CA  . LEU A 1 204 ? 4.686   1.900   2.542   1.00 18.32 ? 204 LEU A CA  1 
ATOM   1454 C C   . LEU A 1 204 ? 4.445   0.398   2.520   1.00 18.62 ? 204 LEU A C   1 
ATOM   1455 O O   . LEU A 1 204 ? 3.965   -0.173  3.503   1.00 18.21 ? 204 LEU A O   1 
ATOM   1456 C CB  . LEU A 1 204 ? 6.181   2.175   2.722   1.00 19.90 ? 204 LEU A CB  1 
ATOM   1457 C CG  . LEU A 1 204 ? 6.622   3.637   2.856   1.00 21.83 ? 204 LEU A CG  1 
ATOM   1458 C CD1 . LEU A 1 204 ? 8.134   3.701   3.042   1.00 23.59 ? 204 LEU A CD1 1 
ATOM   1459 C CD2 . LEU A 1 204 ? 6.207   4.426   1.622   1.00 22.10 ? 204 LEU A CD2 1 
ATOM   1460 N N   . GLY A 1 205 ? 4.735   -0.233  1.384   1.00 17.13 ? 205 GLY A N   1 
ATOM   1461 C CA  . GLY A 1 205 ? 4.570   -1.671  1.290   1.00 17.15 ? 205 GLY A CA  1 
ATOM   1462 C C   . GLY A 1 205 ? 3.277   -2.245  0.740   1.00 17.03 ? 205 GLY A C   1 
ATOM   1463 O O   . GLY A 1 205 ? 3.234   -3.438  0.449   1.00 16.12 ? 205 GLY A O   1 
ATOM   1464 N N   . LEU A 1 206 ? 2.231   -1.436  0.592   1.00 14.92 ? 206 LEU A N   1 
ATOM   1465 C CA  . LEU A 1 206 ? 0.962   -1.956  0.066   1.00 16.19 ? 206 LEU A CA  1 
ATOM   1466 C C   . LEU A 1 206 ? 0.984   -2.162  -1.447  1.00 17.43 ? 206 LEU A C   1 
ATOM   1467 O O   . LEU A 1 206 ? 0.966   -1.198  -2.221  1.00 15.16 ? 206 LEU A O   1 
ATOM   1468 C CB  . LEU A 1 206 ? -0.217  -1.047  0.434   1.00 16.74 ? 206 LEU A CB  1 
ATOM   1469 C CG  . LEU A 1 206 ? -1.595  -1.495  -0.082  1.00 17.41 ? 206 LEU A CG  1 
ATOM   1470 C CD1 . LEU A 1 206 ? -1.950  -2.858  0.494   1.00 18.79 ? 206 LEU A CD1 1 
ATOM   1471 C CD2 . LEU A 1 206 ? -2.668  -0.467  0.272   1.00 18.91 ? 206 LEU A CD2 1 
ATOM   1472 N N   . LEU A 1 207 ? 1.070   -3.419  -1.872  1.00 16.83 ? 207 LEU A N   1 
ATOM   1473 C CA  . LEU A 1 207 ? 1.058   -3.723  -3.300  1.00 17.29 ? 207 LEU A CA  1 
ATOM   1474 C C   . LEU A 1 207 ? -0.406  -3.840  -3.732  1.00 17.16 ? 207 LEU A C   1 
ATOM   1475 O O   . LEU A 1 207 ? -1.109  -4.766  -3.317  1.00 19.34 ? 207 LEU A O   1 
ATOM   1476 C CB  . LEU A 1 207 ? 1.793   -5.037  -3.589  1.00 17.61 ? 207 LEU A CB  1 
ATOM   1477 C CG  . LEU A 1 207 ? 1.763   -5.499  -5.051  1.00 18.94 ? 207 LEU A CG  1 
ATOM   1478 C CD1 . LEU A 1 207 ? 2.418   -4.447  -5.940  1.00 17.99 ? 207 LEU A CD1 1 
ATOM   1479 C CD2 . LEU A 1 207 ? 2.471   -6.836  -5.196  1.00 18.36 ? 207 LEU A CD2 1 
ATOM   1480 N N   . SER A 1 208 ? -0.864  -2.875  -4.523  1.00 15.77 ? 208 SER A N   1 
ATOM   1481 C CA  . SER A 1 208 ? -2.237  -2.858  -5.026  1.00 17.79 ? 208 SER A CA  1 
ATOM   1482 C C   . SER A 1 208 ? -2.254  -3.307  -6.484  1.00 17.62 ? 208 SER A C   1 
ATOM   1483 O O   . SER A 1 208 ? -1.493  -2.788  -7.300  1.00 18.79 ? 208 SER A O   1 
ATOM   1484 C CB  . SER A 1 208 ? -2.818  -1.443  -4.931  1.00 17.53 ? 208 SER A CB  1 
ATOM   1485 O OG  . SER A 1 208 ? -2.874  -1.012  -3.582  1.00 21.64 ? 208 SER A OG  1 
ATOM   1486 N N   . VAL A 1 209 ? -3.114  -4.270  -6.809  1.00 16.18 ? 209 VAL A N   1 
ATOM   1487 C CA  . VAL A 1 209 ? -3.221  -4.767  -8.177  1.00 17.20 ? 209 VAL A CA  1 
ATOM   1488 C C   . VAL A 1 209 ? -4.646  -4.628  -8.709  1.00 18.37 ? 209 VAL A C   1 
ATOM   1489 O O   . VAL A 1 209 ? -5.597  -4.532  -7.938  1.00 20.81 ? 209 VAL A O   1 
ATOM   1490 C CB  . VAL A 1 209 ? -2.753  -6.256  -8.305  1.00 16.16 ? 209 VAL A CB  1 
ATOM   1491 C CG1 . VAL A 1 209 ? -1.262  -6.377  -7.973  1.00 15.86 ? 209 VAL A CG1 1 
ATOM   1492 C CG2 . VAL A 1 209 ? -3.570  -7.158  -7.399  1.00 15.26 ? 209 VAL A CG2 1 
ATOM   1493 N N   . ALA A 1 210 ? -4.780  -4.599  -10.031 1.00 20.73 ? 210 ALA A N   1 
ATOM   1494 C CA  . ALA A 1 210 ? -6.084  -4.475  -10.674 1.00 21.41 ? 210 ALA A CA  1 
ATOM   1495 C C   . ALA A 1 210 ? -5.970  -4.845  -12.144 1.00 23.11 ? 210 ALA A C   1 
ATOM   1496 O O   . ALA A 1 210 ? -4.947  -4.589  -12.778 1.00 22.38 ? 210 ALA A O   1 
ATOM   1497 C CB  . ALA A 1 210 ? -6.608  -3.042  -10.542 1.00 21.99 ? 210 ALA A CB  1 
ATOM   1498 N N   . PRO A 1 211 ? -7.012  -5.471  -12.707 1.00 25.27 ? 211 PRO A N   1 
ATOM   1499 C CA  . PRO A 1 211 ? -6.928  -5.829  -14.122 1.00 28.35 ? 211 PRO A CA  1 
ATOM   1500 C C   . PRO A 1 211 ? -6.840  -4.571  -14.987 1.00 29.86 ? 211 PRO A C   1 
ATOM   1501 O O   . PRO A 1 211 ? -7.322  -3.506  -14.541 1.00 30.66 ? 211 PRO A O   1 
ATOM   1502 C CB  . PRO A 1 211 ? -8.225  -6.612  -14.353 1.00 29.13 ? 211 PRO A CB  1 
ATOM   1503 C CG  . PRO A 1 211 ? -9.156  -6.061  -13.330 1.00 28.24 ? 211 PRO A CG  1 
ATOM   1504 C CD  . PRO A 1 211 ? -8.278  -5.938  -12.118 1.00 26.62 ? 211 PRO A CD  1 
ATOM   1505 O OXT . PRO A 1 211 ? -6.232  -4.649  -16.070 1.00 32.25 ? 211 PRO A OXT 1 
HETATM 1506 O O   . HOH B 2 .   ? 1.895   1.632   0.943   1.00 17.04 ? 212 HOH A O   1 
HETATM 1507 O O   . HOH B 2 .   ? 1.501   6.215   1.601   1.00 17.41 ? 213 HOH A O   1 
HETATM 1508 O O   . HOH B 2 .   ? 1.560   0.245   5.048   1.00 19.13 ? 214 HOH A O   1 
HETATM 1509 O O   . HOH B 2 .   ? 1.635   1.248   -1.757  1.00 17.12 ? 215 HOH A O   1 
HETATM 1510 O O   . HOH B 2 .   ? 8.316   -0.710  1.276   1.00 18.54 ? 216 HOH A O   1 
HETATM 1511 O O   . HOH B 2 .   ? 3.018   7.453   3.732   1.00 20.28 ? 217 HOH A O   1 
HETATM 1512 O O   . HOH B 2 .   ? -2.732  -7.076  4.734   1.00 18.01 ? 218 HOH A O   1 
HETATM 1513 O O   . HOH B 2 .   ? -9.494  -2.485  5.533   1.00 19.50 ? 219 HOH A O   1 
HETATM 1514 O O   . HOH B 2 .   ? -7.661  -14.955 -2.383  1.00 18.78 ? 220 HOH A O   1 
HETATM 1515 O O   . HOH B 2 .   ? -4.742  -5.185  -4.721  1.00 25.37 ? 221 HOH A O   1 
HETATM 1516 O O   . HOH B 2 .   ? 5.054   -14.804 -0.904  1.00 20.60 ? 222 HOH A O   1 
HETATM 1517 O O   . HOH B 2 .   ? -1.764  17.828  6.919   1.00 22.34 ? 223 HOH A O   1 
HETATM 1518 O O   . HOH B 2 .   ? -7.525  4.088   -3.613  1.00 25.47 ? 224 HOH A O   1 
HETATM 1519 O O   . HOH B 2 .   ? 0.343   -4.354  11.117  1.00 24.55 ? 225 HOH A O   1 
HETATM 1520 O O   . HOH B 2 .   ? -3.494  -21.217 -5.905  1.00 31.98 ? 226 HOH A O   1 
HETATM 1521 O O   . HOH B 2 .   ? 10.090  -8.729  -12.190 1.00 31.33 ? 227 HOH A O   1 
HETATM 1522 O O   . HOH B 2 .   ? -4.759  -2.543  -2.403  1.00 20.92 ? 228 HOH A O   1 
HETATM 1523 O O   . HOH B 2 .   ? -3.586  -5.243  -2.278  1.00 26.67 ? 229 HOH A O   1 
HETATM 1524 O O   . HOH B 2 .   ? -3.578  -17.629 -4.909  1.00 20.21 ? 230 HOH A O   1 
HETATM 1525 O O   . HOH B 2 .   ? 2.197   -3.060  9.160   1.00 26.28 ? 231 HOH A O   1 
HETATM 1526 O O   . HOH B 2 .   ? -10.855 19.380  14.223  1.00 30.09 ? 232 HOH A O   1 
HETATM 1527 O O   . HOH B 2 .   ? -4.870  -20.257 -9.705  1.00 25.58 ? 233 HOH A O   1 
HETATM 1528 O O   . HOH B 2 .   ? -14.060 0.966   0.974   1.00 33.53 ? 234 HOH A O   1 
HETATM 1529 O O   . HOH B 2 .   ? -6.102  -16.702 -5.736  1.00 25.63 ? 235 HOH A O   1 
HETATM 1530 O O   . HOH B 2 .   ? 0.189   9.885   6.615   1.00 27.39 ? 236 HOH A O   1 
HETATM 1531 O O   . HOH B 2 .   ? 0.509   -5.839  -0.387  1.00 20.87 ? 237 HOH A O   1 
HETATM 1532 O O   . HOH B 2 .   ? 7.593   0.324   9.595   1.00 33.27 ? 238 HOH A O   1 
HETATM 1533 O O   . HOH B 2 .   ? 8.035   -2.826  7.955   1.00 28.03 ? 239 HOH A O   1 
HETATM 1534 O O   . HOH B 2 .   ? 1.207   -2.275  12.935  1.00 28.71 ? 240 HOH A O   1 
HETATM 1535 O O   . HOH B 2 .   ? -6.742  -12.619 2.430   1.00 25.06 ? 241 HOH A O   1 
HETATM 1536 O O   . HOH B 2 .   ? -0.462  0.589   -14.795 1.00 32.64 ? 242 HOH A O   1 
HETATM 1537 O O   . HOH B 2 .   ? 12.326  -12.006 -21.470 1.00 30.98 ? 243 HOH A O   1 
HETATM 1538 O O   . HOH B 2 .   ? 6.924   -10.749 -17.728 1.00 34.77 ? 244 HOH A O   1 
HETATM 1539 O O   . HOH B 2 .   ? -10.782 -6.966  13.423  1.00 34.59 ? 245 HOH A O   1 
HETATM 1540 O O   . HOH B 2 .   ? 15.075  -0.559  -23.418 1.00 30.72 ? 246 HOH A O   1 
HETATM 1541 O O   . HOH B 2 .   ? -9.490  16.988  15.091  1.00 23.50 ? 247 HOH A O   1 
HETATM 1542 O O   . HOH B 2 .   ? 19.734  4.588   -3.887  1.00 44.68 ? 248 HOH A O   1 
HETATM 1543 O O   . HOH B 2 .   ? -0.732  -8.812  14.271  1.00 41.05 ? 249 HOH A O   1 
HETATM 1544 O O   . HOH B 2 .   ? 2.726   -18.888 -0.042  1.00 29.31 ? 250 HOH A O   1 
HETATM 1545 O O   . HOH B 2 .   ? -9.556  -6.368  15.905  1.00 30.12 ? 251 HOH A O   1 
HETATM 1546 O O   . HOH B 2 .   ? -7.866  -18.218 -9.481  1.00 28.66 ? 252 HOH A O   1 
HETATM 1547 O O   . HOH B 2 .   ? -12.663 -10.084 -3.612  1.00 38.58 ? 253 HOH A O   1 
HETATM 1548 O O   . HOH B 2 .   ? 10.428  -1.495  8.654   1.00 40.69 ? 254 HOH A O   1 
HETATM 1549 O O   . HOH B 2 .   ? -18.361 -3.854  5.016   1.00 34.67 ? 255 HOH A O   1 
HETATM 1550 O O   . HOH B 2 .   ? -0.962  -17.949 -0.245  1.00 34.32 ? 256 HOH A O   1 
HETATM 1551 O O   . HOH B 2 .   ? 6.361   -9.714  -20.500 1.00 30.43 ? 257 HOH A O   1 
HETATM 1552 O O   . HOH B 2 .   ? -5.925  -1.900  -6.690  1.00 32.37 ? 258 HOH A O   1 
HETATM 1553 O O   . HOH B 2 .   ? -12.406 -13.128 -5.964  1.00 29.86 ? 259 HOH A O   1 
HETATM 1554 O O   . HOH B 2 .   ? -12.673 -10.441 10.628  1.00 43.01 ? 260 HOH A O   1 
HETATM 1555 O O   . HOH B 2 .   ? -18.147 7.946   7.364   1.00 36.69 ? 261 HOH A O   1 
HETATM 1556 O O   . HOH B 2 .   ? -10.903 -2.018  16.812  1.00 36.61 ? 262 HOH A O   1 
HETATM 1557 O O   . HOH B 2 .   ? 0.967   -21.577 -6.180  1.00 40.14 ? 263 HOH A O   1 
HETATM 1558 O O   . HOH B 2 .   ? 6.613   -14.926 -18.096 1.00 38.24 ? 264 HOH A O   1 
HETATM 1559 O O   . HOH B 2 .   ? 13.176  -6.350  -18.283 1.00 47.14 ? 265 HOH A O   1 
HETATM 1560 O O   . HOH B 2 .   ? -3.095  -20.016 -16.213 1.00 46.56 ? 266 HOH A O   1 
HETATM 1561 O O   . HOH B 2 .   ? -3.816  -16.280 -17.213 1.00 44.82 ? 267 HOH A O   1 
HETATM 1562 O O   . HOH B 2 .   ? 8.500   -10.098 -2.035  1.00 34.97 ? 268 HOH A O   1 
HETATM 1563 O O   . HOH B 2 .   ? -7.517  -4.572  -5.462  1.00 37.71 ? 269 HOH A O   1 
HETATM 1564 O O   . HOH B 2 .   ? -10.006 -4.450  18.123  1.00 38.91 ? 270 HOH A O   1 
HETATM 1565 O O   . HOH B 2 .   ? -16.654 -0.146  10.347  1.00 38.87 ? 271 HOH A O   1 
HETATM 1566 O O   . HOH B 2 .   ? -16.480 6.561   10.980  1.00 42.11 ? 272 HOH A O   1 
HETATM 1567 O O   . HOH B 2 .   ? 6.036   13.199  5.940   1.00 43.42 ? 273 HOH A O   1 
HETATM 1568 O O   . HOH B 2 .   ? 3.316   -8.869  -23.931 1.00 47.05 ? 274 HOH A O   1 
HETATM 1569 O O   . HOH B 2 .   ? -6.070  11.566  -3.613  1.00 42.23 ? 275 HOH A O   1 
HETATM 1570 O O   . HOH B 2 .   ? 0.144   14.728  3.468   1.00 35.73 ? 276 HOH A O   1 
HETATM 1571 O O   . HOH B 2 .   ? -8.238  21.395  -6.168  1.00 37.48 ? 277 HOH A O   1 
HETATM 1572 O O   . HOH B 2 .   ? 17.857  -6.137  -4.469  1.00 48.69 ? 278 HOH A O   1 
HETATM 1573 O O   . HOH B 2 .   ? -7.504  -14.267 0.274   1.00 23.57 ? 279 HOH A O   1 
HETATM 1574 O O   . HOH B 2 .   ? -3.229  0.674   -10.112 1.00 37.83 ? 280 HOH A O   1 
HETATM 1575 O O   . HOH B 2 .   ? -4.054  18.326  5.445   1.00 24.26 ? 281 HOH A O   1 
HETATM 1576 O O   . HOH B 2 .   ? 2.048   10.011  4.548   1.00 38.44 ? 282 HOH A O   1 
HETATM 1577 O O   . HOH B 2 .   ? 1.756   -23.590 -3.749  1.00 37.14 ? 283 HOH A O   1 
HETATM 1578 O O   . HOH B 2 .   ? -1.498  -22.414 -7.447  1.00 32.57 ? 284 HOH A O   1 
HETATM 1579 O O   . HOH B 2 .   ? 4.104   -2.976  13.248  1.00 49.98 ? 285 HOH A O   1 
HETATM 1580 O O   . HOH B 2 .   ? 4.817   -3.010  10.467  1.00 46.07 ? 286 HOH A O   1 
HETATM 1581 O O   . HOH B 2 .   ? 12.767  -11.058 -24.189 1.00 26.26 ? 287 HOH A O   1 
HETATM 1582 O O   . HOH B 2 .   ? -11.140 14.740  14.157  1.00 30.11 ? 288 HOH A O   1 
HETATM 1583 O O   . HOH B 2 .   ? -5.135  1.731   -7.579  1.00 39.79 ? 289 HOH A O   1 
HETATM 1584 O O   . HOH B 2 .   ? 10.417  -9.290  -15.871 1.00 27.84 ? 290 HOH A O   1 
HETATM 1585 O O   . HOH B 2 .   ? 16.015  -3.619  -14.052 1.00 43.34 ? 291 HOH A O   1 
HETATM 1586 O O   . HOH B 2 .   ? 9.116   -7.787  1.981   1.00 38.63 ? 292 HOH A O   1 
HETATM 1587 O O   . HOH B 2 .   ? 1.260   -13.152 -18.918 1.00 29.87 ? 293 HOH A O   1 
HETATM 1588 O O   . HOH B 2 .   ? 14.950  -9.404  -12.132 1.00 41.89 ? 294 HOH A O   1 
HETATM 1589 O O   . HOH B 2 .   ? -10.065 9.508   14.195  1.00 46.54 ? 295 HOH A O   1 
HETATM 1590 O O   . HOH B 2 .   ? 18.623  -1.000  -3.153  1.00 40.22 ? 296 HOH A O   1 
HETATM 1591 O O   . HOH B 2 .   ? -14.310 13.395  3.578   1.00 33.70 ? 297 HOH A O   1 
HETATM 1592 O O   . HOH B 2 .   ? -4.382  -11.646 -17.954 1.00 37.97 ? 298 HOH A O   1 
HETATM 1593 O O   . HOH B 2 .   ? -16.371 -4.519  12.901  1.00 51.07 ? 299 HOH A O   1 
HETATM 1594 O O   . HOH B 2 .   ? -14.012 17.487  10.033  1.00 36.82 ? 300 HOH A O   1 
HETATM 1595 O O   . HOH B 2 .   ? -3.380  2.788   17.980  1.00 37.41 ? 301 HOH A O   1 
HETATM 1596 O O   . HOH B 2 .   ? -4.736  0.423   18.755  1.00 42.88 ? 302 HOH A O   1 
HETATM 1597 O O   . HOH B 2 .   ? -13.552 -1.907  17.850  1.00 32.14 ? 303 HOH A O   1 
HETATM 1598 O O   . HOH B 2 .   ? 11.004  3.307   -15.834 1.00 41.23 ? 304 HOH A O   1 
HETATM 1599 O O   . HOH B 2 .   ? -4.656  -21.522 -12.070 1.00 34.41 ? 305 HOH A O   1 
HETATM 1600 O O   . HOH B 2 .   ? 1.086   13.147  -4.081  1.00 45.20 ? 306 HOH A O   1 
HETATM 1601 O O   . HOH B 2 .   ? -1.139  -22.313 -10.195 1.00 36.16 ? 307 HOH A O   1 
HETATM 1602 O O   . HOH B 2 .   ? -16.178 -8.056  -2.225  1.00 45.40 ? 308 HOH A O   1 
HETATM 1603 O O   . HOH B 2 .   ? 10.136  -14.582 -11.511 1.00 45.19 ? 309 HOH A O   1 
HETATM 1604 O O   . HOH B 2 .   ? -2.428  -24.208 -12.011 1.00 47.29 ? 310 HOH A O   1 
HETATM 1605 O O   . HOH B 2 .   ? 6.218   13.218  1.718   1.00 51.58 ? 311 HOH A O   1 
# 
